data_5XSY
#
_entry.id   5XSY
#
_cell.length_a   1.00
_cell.length_b   1.00
_cell.length_c   1.00
_cell.angle_alpha   90.00
_cell.angle_beta   90.00
_cell.angle_gamma   90.00
#
_symmetry.space_group_name_H-M   'P 1'
#
loop_
_entity.id
_entity.type
_entity.pdbx_description
1 polymer 'Sodium channel protein'
2 polymer 'Voltage-gated sodium channel beta subunit 1'
3 branched beta-D-mannopyranose-(1-3)-[beta-D-mannopyranose-(1-6)]beta-D-mannopyranose-(1-4)-2-acetamido-2-deoxy-beta-D-glucopyranose-(1-4)-2-acetamido-2-deoxy-beta-D-glucopyranose
4 branched beta-D-mannopyranose-(1-4)-2-acetamido-2-deoxy-beta-D-glucopyranose-(1-4)-2-acetamido-2-deoxy-beta-D-glucopyranose
5 branched 2-acetamido-2-deoxy-beta-D-glucopyranose-(1-4)-2-acetamido-2-deoxy-beta-D-glucopyranose
#
loop_
_entity_poly.entity_id
_entity_poly.type
_entity_poly.pdbx_seq_one_letter_code
_entity_poly.pdbx_strand_id
1 'polypeptide(L)'
;MARKFSSARPEMFRRFTPDSLEEIEAFTELKKSCTLEKKEPESTPRIDLEAGKPLPMIYGDPPEDLLNIPLEDLDPFYKT
QKTFIVISKGNIINRFNAERALYIFSPFNPIRRGAIRVFVNSAFNFFIMFTIFSNCIFMTISNPPAWSKIVEYTFTGIYT
FEVIVKVLSRGFCIGHFTFLRDPWNWLDFSVVTMTYITEFIDLRNVSALRTFRVLRALKTITIFPGLKTIVRALIESMKQ
MGDVVILTVFSLAVFTLAGMQLFMGNLRHKCIRWPISNVTLDYESAYNTTFDFTAYIENEENQYFLDGALDALLCGNNSD
AGKCPEGYTCMKAGRNPNYGYTNYDNFAWTFLCLFRLMLQDYWENLYQMTLRAAGKSYMVFFIMVIFLGSFYLINLILAV
VAMAYEEQNQATLAEAQEKEAEFQRAVEQLRIQQEQINDERKASLASQLTQNQEAEITDDGDDAIKECNGKAFPLANIRE
PSSVKLSTEEQRSDSKSMDSKHSVDKPSLKHKAASTMSVFTLEDLEAARRPCPPVWYKFAGFVFKWNCCGPWVFLKKWVH
FVMMDPFTDLFITLCIILNTLFMSIEHHPMNESFQSLLSAGNLVFTTIFAAEMVLKIIALDPYYYFQQTWNIFDSIIVSL
SLLELGLSNMQGMSVLRSLRLLRIFKLAKSWPTLNILIKIICNSVGALGNLTIVLAIIVFIFALVGFQLFGKNYKEYVCK
ISDDCELPRWHMNDFFHSFLIVFRALCGEWIETMWDCMEVGGVPMCLAVYMMVIIIGNLVMLNLFLALLLSSFSSDNLSS
IEEDDEVNSLQVASERISRAKNWVKIFITGTVQALVLWIQGKKPPSDDVVGEEGDNEGKKDTLPLNYLDGEKIVDGITNC
VESPTLNLPIVKGESEIEEEGLVDSSDEEDTNKKKHALNDEDSSVCSTVDYSPSEQDPLAKEEEEEEEEEPEELESKDPE
ACFTEKCIWRFPFLDVDITQGKGKIWWNLRRTCYTIVEHDYFETFIIFMILLSSGVLAFEDIYIWRRRVIKVILEYADKV
FTYVFIVEMLLKWVAYGFKRYFTDAWCWLDFVIVGASIMGITSSLLGYEELGAIKNLRTIRALRPLRALSRFEGMKVVVR
ALLGAIPSIMNVLLVCLMFWLIFSIMGVNLFAGKFYRCINTTTDEILPVEEVNNRSDCMALMYTNEVRWVNLKVNYDNAG
MGYLSLLQVSTFKGWMDIMYAAVDSREVEDQPIYEINVYMYLYFVIFIVFGAFFTLNLFIGVIIDNFNRQKQKLGGEDLF
MTEEQKKYYNAMKKLGSKKAAKCIPRPSNVVQGVVYDIVTQPFTDIFIMALICINMVAMMVESEDQSQVKKDILSQINVI
FVIIFTVECLLKLLALRQYFFTVGWNVFDFAVVVISIIGLLLSDIIEKYFVSPTLFRVIRLARIARVLRLIRAAKGIRTL
LFALMMSLPALFNIGLLLFLIMFIFSIFGMSNFAYVKKQGGVDDIFNFETFGNSMICLFEITTSAGWDGLLLPTLNTGPP
DCDPDVENPGTDVRGNCGNPGKGITFFCSYIILSFLVVVNMYIAIILENFGVAQEESSDLLCEDDFVMFDETWHKFDVHG
TQFLDYNDLPRFVNALQEPMRIPNPNRHKLAKMDMYVVMEDKISYLDVLLAVTQEVLGDTTEMEAMRLSIQAKFKKDNPS
PTFFEPVVTTLRRKEEEWASVVIQRAFRQYLLMRAVSHASFLSQIKHMNEGPKDGVGSQDSLITQKMNALYRGNPELTMP
LEQQIKPMLDKPRMPSLSVPETYPIQIPKEVTNEVILHSAPMVRQNYSYSGAIVVRESIV
;
A
2 'polypeptide(L)'
;MSAVQLLWMPVVLCVMQGRLSNGACVEVDSDTEAVVGHGFKLGCISCKMRGEVQASATVDWWFMAKGESEFSHIYSYIDM
TGMVNDERFLDRLNWMGSKNTFDLQDGSIYILNVTLNDTGTYRCYFDRTLTFNYYEFRTNINKTITLNVVPKATRGTASI
LSEVMMYVSIIGLQLWLLVEMVYCYRKIAAAGEEALRESAAKPPLKLHP
;
B
#
# COMPACT_ATOMS: atom_id res chain seq x y z
N PRO A 110 50.14 18.52 43.29
CA PRO A 110 51.32 17.98 42.62
C PRO A 110 51.06 17.70 41.14
N ILE A 111 51.61 16.61 40.64
CA ILE A 111 51.43 16.23 39.24
C ILE A 111 49.96 15.94 38.94
N ARG A 112 49.30 15.27 39.87
CA ARG A 112 47.89 14.93 39.70
C ARG A 112 47.02 16.19 39.61
N ARG A 113 47.35 17.18 40.44
CA ARG A 113 46.59 18.43 40.45
C ARG A 113 46.71 19.15 39.11
N GLY A 114 47.90 19.14 38.53
CA GLY A 114 48.13 19.79 37.26
C GLY A 114 47.14 19.35 36.20
N ALA A 115 46.71 18.10 36.27
CA ALA A 115 45.76 17.56 35.32
C ALA A 115 44.41 18.27 35.39
N ILE A 116 44.04 18.73 36.57
CA ILE A 116 42.69 19.19 36.81
C ILE A 116 42.46 20.53 36.14
N ARG A 117 43.53 21.32 36.05
CA ARG A 117 43.51 22.54 35.25
C ARG A 117 43.27 22.17 33.79
N VAL A 118 43.89 21.08 33.33
CA VAL A 118 43.78 20.70 31.93
C VAL A 118 42.39 20.15 31.65
N PHE A 119 41.83 19.42 32.61
CA PHE A 119 40.57 18.71 32.38
C PHE A 119 39.38 19.64 32.25
N VAL A 120 39.34 20.72 33.04
CA VAL A 120 38.11 21.50 33.08
C VAL A 120 38.05 22.52 31.96
N ASN A 121 39.09 22.62 31.15
CA ASN A 121 39.17 23.64 30.12
C ASN A 121 38.11 23.47 29.05
N SER A 122 37.78 24.56 28.38
CA SER A 122 37.17 24.45 27.07
C SER A 122 38.21 24.20 26.00
N ALA A 123 39.36 24.89 26.10
CA ALA A 123 40.35 24.89 25.04
C ALA A 123 41.05 23.54 24.87
N PHE A 124 40.88 22.62 25.83
CA PHE A 124 41.25 21.25 25.56
C PHE A 124 40.06 20.43 25.07
N ASN A 125 38.84 20.80 25.47
CA ASN A 125 37.67 20.08 24.98
C ASN A 125 37.38 20.42 23.53
N PHE A 126 37.71 21.63 23.09
CA PHE A 126 37.58 21.94 21.67
C PHE A 126 38.68 21.28 20.84
N PHE A 127 39.63 20.63 21.48
CA PHE A 127 40.43 19.64 20.76
C PHE A 127 39.71 18.31 20.68
N ILE A 128 38.91 17.97 21.69
CA ILE A 128 38.13 16.74 21.60
C ILE A 128 36.94 16.93 20.68
N MET A 129 36.45 18.17 20.55
CA MET A 129 35.43 18.45 19.55
C MET A 129 36.00 18.34 18.14
N PHE A 130 37.31 18.47 18.00
CA PHE A 130 37.91 18.38 16.67
C PHE A 130 38.34 16.96 16.34
N THR A 131 38.76 16.19 17.33
CA THR A 131 39.20 14.83 17.02
C THR A 131 38.03 13.89 16.80
N ILE A 132 36.82 14.31 17.09
CA ILE A 132 35.66 13.53 16.67
C ILE A 132 35.29 13.93 15.26
N PHE A 133 35.10 15.23 15.04
CA PHE A 133 34.76 15.84 13.77
C PHE A 133 35.80 15.57 12.69
N SER A 134 37.01 15.14 13.06
CA SER A 134 37.92 14.60 12.07
C SER A 134 37.86 13.09 11.98
N ASN A 135 37.59 12.39 13.08
CA ASN A 135 37.50 10.94 12.98
C ASN A 135 36.14 10.52 12.42
N CYS A 136 35.12 11.37 12.59
CA CYS A 136 33.84 11.16 11.95
C CYS A 136 33.98 11.16 10.43
N ILE A 137 34.74 12.12 9.90
CA ILE A 137 34.87 12.24 8.46
C ILE A 137 35.85 11.19 7.94
N PHE A 138 36.79 10.76 8.78
CA PHE A 138 37.79 9.80 8.30
C PHE A 138 37.18 8.42 8.13
N MET A 139 36.25 8.04 8.99
CA MET A 139 35.78 6.66 9.03
C MET A 139 34.91 6.36 7.81
N THR A 140 34.42 7.41 7.17
CA THR A 140 33.59 7.37 5.97
C THR A 140 34.22 6.61 4.80
N ILE A 141 35.32 7.13 4.27
CA ILE A 141 35.80 6.81 2.93
C ILE A 141 36.50 5.46 2.83
N SER A 142 36.88 5.09 1.61
CA SER A 142 37.82 3.99 1.38
C SER A 142 39.17 4.29 2.02
N ASN A 143 39.90 3.24 2.36
CA ASN A 143 41.07 3.39 3.21
C ASN A 143 42.25 3.95 2.40
N PRO A 144 42.82 5.06 2.83
CA PRO A 144 44.03 5.57 2.19
C PRO A 144 45.27 5.00 2.85
N PRO A 145 46.31 4.68 2.08
CA PRO A 145 47.49 4.01 2.65
C PRO A 145 48.61 4.93 3.09
N ALA A 146 48.69 6.16 2.58
CA ALA A 146 49.68 7.10 3.08
C ALA A 146 49.31 7.57 4.48
N TRP A 147 48.06 7.97 4.66
CA TRP A 147 47.52 8.12 6.00
C TRP A 147 47.10 6.74 6.50
N SER A 148 48.09 6.00 6.95
CA SER A 148 47.96 4.57 7.25
C SER A 148 47.32 4.34 8.61
N LYS A 149 47.52 3.14 9.16
CA LYS A 149 47.13 2.85 10.55
C LYS A 149 47.81 3.71 11.60
N ILE A 150 48.84 4.49 11.24
CA ILE A 150 49.32 5.58 12.08
C ILE A 150 48.17 6.49 12.48
N VAL A 151 47.32 6.83 11.51
CA VAL A 151 46.10 7.59 11.78
C VAL A 151 45.14 6.78 12.64
N GLU A 152 45.08 5.48 12.37
CA GLU A 152 44.29 4.59 13.18
C GLU A 152 44.87 4.62 14.58
N TYR A 153 46.20 4.67 14.68
CA TYR A 153 46.86 4.76 15.97
C TYR A 153 46.85 6.19 16.52
N THR A 154 46.67 7.20 15.65
CA THR A 154 46.62 8.56 16.13
C THR A 154 45.34 8.80 16.93
N PHE A 155 44.20 8.48 16.33
CA PHE A 155 42.93 8.65 17.03
C PHE A 155 42.67 7.54 18.03
N THR A 156 43.62 6.62 18.20
CA THR A 156 43.61 5.75 19.36
C THR A 156 44.00 6.53 20.61
N GLY A 157 45.21 7.09 20.61
CA GLY A 157 45.77 7.61 21.84
C GLY A 157 45.17 8.93 22.27
N ILE A 158 44.59 9.68 21.33
CA ILE A 158 43.98 10.96 21.66
C ILE A 158 42.80 10.76 22.59
N TYR A 159 42.09 9.66 22.43
CA TYR A 159 41.03 9.32 23.38
C TYR A 159 41.64 8.78 24.66
N THR A 160 42.76 8.05 24.56
CA THR A 160 43.48 7.60 25.75
C THR A 160 44.01 8.78 26.54
N PHE A 161 44.58 9.76 25.82
CA PHE A 161 45.10 10.97 26.45
C PHE A 161 43.98 11.81 27.01
N GLU A 162 42.75 11.57 26.56
CA GLU A 162 41.60 12.19 27.20
C GLU A 162 41.14 11.38 28.41
N VAL A 163 41.13 10.04 28.29
CA VAL A 163 40.69 9.19 29.39
C VAL A 163 41.65 9.26 30.55
N ILE A 164 42.96 9.35 30.27
CA ILE A 164 43.97 9.49 31.31
C ILE A 164 43.74 10.75 32.13
N VAL A 165 43.51 11.87 31.45
CA VAL A 165 43.18 13.12 32.14
C VAL A 165 41.86 13.00 32.86
N LYS A 166 40.92 12.27 32.27
CA LYS A 166 39.64 12.06 32.95
C LYS A 166 39.76 11.10 34.12
N VAL A 167 40.87 10.37 34.23
CA VAL A 167 41.03 9.53 35.42
C VAL A 167 42.14 10.07 36.31
N LEU A 168 43.23 10.59 35.73
CA LEU A 168 44.22 11.26 36.56
C LEU A 168 43.76 12.61 37.08
N SER A 169 42.55 13.05 36.77
CA SER A 169 41.89 14.04 37.60
C SER A 169 41.37 13.41 38.88
N ARG A 170 40.52 12.39 38.74
CA ARG A 170 39.70 11.91 39.85
C ARG A 170 40.37 10.74 40.56
N GLY A 171 41.43 11.05 41.34
CA GLY A 171 41.92 10.20 42.42
C GLY A 171 42.68 8.95 42.01
N PHE A 172 42.87 8.08 43.00
CA PHE A 172 43.44 6.75 42.75
C PHE A 172 42.33 5.77 42.40
N CYS A 173 42.48 4.49 42.69
CA CYS A 173 41.49 3.55 42.17
C CYS A 173 40.07 3.91 42.61
N ILE A 174 39.89 4.31 43.87
CA ILE A 174 38.59 4.76 44.35
C ILE A 174 38.11 6.03 43.62
N GLY A 175 39.04 6.95 43.40
CA GLY A 175 38.73 8.17 42.68
C GLY A 175 38.33 7.87 41.26
N HIS A 176 39.02 6.92 40.65
CA HIS A 176 38.72 6.51 39.29
C HIS A 176 37.32 5.91 39.26
N PHE A 177 36.99 5.15 40.31
CA PHE A 177 35.67 4.56 40.43
C PHE A 177 34.56 5.61 40.54
N THR A 178 34.79 6.69 41.30
CA THR A 178 33.75 7.73 41.40
C THR A 178 33.49 8.35 40.02
N PHE A 179 34.58 8.62 39.31
CA PHE A 179 34.66 8.85 37.87
C PHE A 179 33.61 8.05 37.11
N LEU A 180 33.46 6.77 37.38
CA LEU A 180 32.57 5.91 36.63
C LEU A 180 31.16 5.86 37.20
N ARG A 181 30.73 6.89 37.93
CA ARG A 181 29.36 6.88 38.43
C ARG A 181 28.41 7.39 37.36
N ASP A 182 28.84 8.32 36.51
CA ASP A 182 28.00 8.75 35.39
C ASP A 182 28.13 7.79 34.21
N PRO A 183 27.02 7.45 33.55
CA PRO A 183 27.11 6.50 32.43
C PRO A 183 27.88 6.95 31.19
N TRP A 184 27.86 8.26 30.92
CA TRP A 184 28.60 8.83 29.79
C TRP A 184 30.11 8.64 29.92
N ASN A 185 30.64 8.96 31.09
CA ASN A 185 32.05 8.71 31.37
C ASN A 185 32.29 7.20 31.32
N TRP A 186 31.23 6.45 31.59
CA TRP A 186 31.26 5.01 31.53
C TRP A 186 31.47 4.46 30.13
N LEU A 187 30.79 5.00 29.11
CA LEU A 187 31.03 4.46 27.75
C LEU A 187 32.45 4.73 27.24
N ASP A 188 32.86 5.99 27.38
CA ASP A 188 34.20 6.42 27.04
C ASP A 188 35.23 5.35 27.39
N PHE A 189 35.10 4.74 28.56
CA PHE A 189 36.06 3.71 28.92
C PHE A 189 35.90 2.57 27.94
N SER A 190 34.65 2.26 27.60
CA SER A 190 34.36 1.12 26.75
C SER A 190 34.98 1.22 25.35
N VAL A 191 34.93 2.40 24.75
CA VAL A 191 35.43 2.61 23.41
C VAL A 191 36.93 2.53 23.37
N VAL A 192 37.57 3.27 24.28
CA VAL A 192 39.02 3.27 24.35
C VAL A 192 39.50 1.87 24.71
N THR A 193 38.76 1.22 25.59
CA THR A 193 39.14 -0.10 26.08
C THR A 193 39.24 -1.08 24.92
N MET A 194 38.29 -0.99 23.99
CA MET A 194 38.27 -1.87 22.84
C MET A 194 39.32 -1.48 21.81
N THR A 195 39.36 -0.19 21.47
CA THR A 195 40.31 0.32 20.50
C THR A 195 41.74 -0.03 20.88
N TYR A 196 42.07 0.13 22.16
CA TYR A 196 43.40 -0.16 22.65
C TYR A 196 43.76 -1.63 22.49
N ILE A 197 42.77 -2.50 22.70
CA ILE A 197 42.97 -3.94 22.59
C ILE A 197 43.38 -4.32 21.17
N THR A 198 42.79 -3.69 20.15
CA THR A 198 43.03 -4.06 18.75
C THR A 198 44.45 -3.75 18.26
N GLU A 199 45.30 -3.16 19.10
CA GLU A 199 46.74 -3.25 18.93
C GLU A 199 47.16 -4.70 18.71
N PHE A 200 46.76 -5.59 19.61
CA PHE A 200 47.06 -7.00 19.46
C PHE A 200 45.83 -7.79 19.03
N ARG A 210 34.89 -5.39 13.21
CA ARG A 210 35.19 -4.30 14.14
C ARG A 210 34.17 -3.17 14.08
N THR A 211 33.10 -3.28 14.86
CA THR A 211 32.22 -2.14 15.03
C THR A 211 32.75 -1.18 16.07
N PHE A 212 33.76 -1.59 16.84
CA PHE A 212 34.14 -0.81 17.99
C PHE A 212 34.92 0.42 17.60
N ARG A 213 35.53 0.37 16.45
CA ARG A 213 36.11 1.56 15.85
C ARG A 213 35.00 2.57 15.55
N VAL A 214 33.85 2.09 15.06
CA VAL A 214 32.70 2.94 14.76
C VAL A 214 32.17 3.60 16.02
N LEU A 215 32.16 2.85 17.13
CA LEU A 215 31.60 3.35 18.39
C LEU A 215 32.40 4.49 18.99
N ARG A 216 33.59 4.80 18.45
CA ARG A 216 34.22 6.08 18.70
C ARG A 216 33.31 7.24 18.35
N ALA A 217 32.51 7.10 17.29
CA ALA A 217 31.63 8.17 16.86
C ALA A 217 30.50 8.42 17.85
N LEU A 218 30.29 7.53 18.81
CA LEU A 218 29.40 7.83 19.91
C LEU A 218 29.97 8.88 20.85
N LYS A 219 31.22 9.26 20.67
CA LYS A 219 31.78 10.33 21.47
C LYS A 219 30.96 11.59 21.19
N THR A 220 30.55 11.75 19.94
CA THR A 220 29.82 12.94 19.52
C THR A 220 28.74 13.28 20.50
N ILE A 221 28.06 12.26 21.03
CA ILE A 221 26.95 12.51 21.94
C ILE A 221 27.47 12.85 23.32
N THR A 222 28.63 12.31 23.70
CA THR A 222 29.12 12.46 25.07
C THR A 222 29.56 13.89 25.36
N ILE A 223 30.18 14.55 24.39
CA ILE A 223 30.78 15.86 24.65
C ILE A 223 29.70 16.90 24.87
N PHE A 224 28.66 16.89 24.07
CA PHE A 224 27.71 17.98 24.10
C PHE A 224 26.78 17.82 25.29
N PRO A 225 26.72 18.77 26.20
CA PRO A 225 25.79 18.66 27.32
C PRO A 225 24.34 18.92 26.95
N GLY A 226 24.06 19.28 25.69
CA GLY A 226 22.68 19.42 25.27
C GLY A 226 22.10 18.12 24.79
N LEU A 227 22.94 17.26 24.20
CA LEU A 227 22.46 15.99 23.68
C LEU A 227 22.13 15.02 24.80
N LYS A 228 22.73 15.22 25.97
CA LYS A 228 22.57 14.25 27.04
C LYS A 228 21.17 14.29 27.62
N THR A 229 20.45 15.39 27.41
CA THR A 229 19.04 15.41 27.81
C THR A 229 18.22 14.51 26.90
N ILE A 230 18.62 14.40 25.64
CA ILE A 230 17.81 13.68 24.68
C ILE A 230 17.96 12.19 24.86
N VAL A 231 19.20 11.70 24.92
CA VAL A 231 19.40 10.27 25.07
C VAL A 231 18.99 9.84 26.48
N ARG A 232 18.80 10.82 27.34
CA ARG A 232 18.17 10.57 28.61
C ARG A 232 16.63 10.59 28.49
N ALA A 233 16.09 11.19 27.44
CA ALA A 233 14.65 11.10 27.20
C ALA A 233 14.31 9.91 26.34
N LEU A 234 15.10 9.64 25.31
CA LEU A 234 14.73 8.61 24.35
C LEU A 234 15.06 7.21 24.87
N ILE A 235 15.68 7.13 26.05
CA ILE A 235 15.78 5.85 26.74
C ILE A 235 14.69 5.71 27.80
N GLU A 236 14.37 6.79 28.53
CA GLU A 236 13.32 6.73 29.54
C GLU A 236 11.96 6.51 28.90
N SER A 237 11.79 6.98 27.66
CA SER A 237 10.57 6.71 26.94
C SER A 237 10.47 5.26 26.50
N MET A 238 11.61 4.58 26.39
CA MET A 238 11.60 3.15 26.07
C MET A 238 11.38 2.32 27.32
N LYS A 239 11.59 2.90 28.51
CA LYS A 239 11.24 2.23 29.76
C LYS A 239 9.73 2.09 29.88
N GLN A 240 8.97 3.05 29.35
CA GLN A 240 7.52 3.03 29.45
C GLN A 240 6.88 2.11 28.41
N MET A 241 7.46 2.01 27.22
CA MET A 241 6.79 1.35 26.12
C MET A 241 6.83 -0.16 26.21
N GLY A 242 7.64 -0.71 27.11
CA GLY A 242 7.82 -2.16 27.21
C GLY A 242 6.60 -2.91 27.69
N ASP A 243 5.57 -2.21 28.14
CA ASP A 243 4.30 -2.85 28.45
C ASP A 243 3.58 -3.29 27.18
N VAL A 244 3.87 -2.63 26.05
CA VAL A 244 3.13 -2.85 24.81
C VAL A 244 3.90 -3.73 23.83
N VAL A 245 5.19 -3.98 24.08
CA VAL A 245 5.87 -4.94 23.22
C VAL A 245 5.33 -6.35 23.39
N ILE A 246 5.16 -6.76 24.65
CA ILE A 246 4.68 -8.10 24.95
C ILE A 246 3.28 -8.20 24.39
N LEU A 247 2.55 -7.12 24.44
CA LEU A 247 1.20 -7.13 23.94
C LEU A 247 1.26 -7.51 22.49
N THR A 248 2.30 -7.07 21.80
CA THR A 248 2.34 -7.27 20.35
C THR A 248 3.08 -8.53 19.96
N VAL A 249 4.20 -8.82 20.62
CA VAL A 249 5.00 -9.96 20.17
C VAL A 249 4.27 -11.25 20.51
N PHE A 250 3.51 -11.26 21.59
CA PHE A 250 2.56 -12.34 21.78
C PHE A 250 1.48 -12.27 20.71
N SER A 251 1.04 -11.06 20.36
CA SER A 251 -0.01 -10.96 19.37
C SER A 251 0.46 -11.32 17.97
N LEU A 252 1.69 -10.99 17.61
CA LEU A 252 2.24 -11.47 16.35
C LEU A 252 2.33 -12.97 16.33
N ALA A 253 2.71 -13.57 17.46
CA ALA A 253 2.99 -14.99 17.43
C ALA A 253 1.71 -15.81 17.37
N VAL A 254 0.58 -15.22 17.72
CA VAL A 254 -0.64 -16.00 17.59
C VAL A 254 -1.16 -15.92 16.16
N PHE A 255 -0.67 -14.96 15.37
CA PHE A 255 -0.98 -15.00 13.94
C PHE A 255 -0.08 -15.96 13.20
N THR A 256 1.15 -16.14 13.66
CA THR A 256 2.08 -17.02 12.99
C THR A 256 1.60 -18.46 13.04
N LEU A 257 1.23 -18.93 14.23
CA LEU A 257 0.69 -20.28 14.35
C LEU A 257 -0.62 -20.43 13.59
N ALA A 258 -1.36 -19.34 13.43
CA ALA A 258 -2.44 -19.35 12.45
C ALA A 258 -1.89 -19.33 11.03
N GLY A 259 -0.87 -18.51 10.79
CA GLY A 259 -0.35 -18.40 9.44
C GLY A 259 0.55 -19.52 9.04
N MET A 260 1.03 -20.31 9.99
CA MET A 260 1.92 -21.40 9.64
C MET A 260 1.13 -22.64 9.29
N GLN A 261 0.07 -22.92 10.04
CA GLN A 261 -0.64 -24.16 9.83
C GLN A 261 -1.52 -24.10 8.61
N LEU A 262 -1.94 -22.90 8.19
CA LEU A 262 -2.64 -22.79 6.93
C LEU A 262 -1.69 -22.99 5.76
N PHE A 263 -0.46 -22.50 5.89
CA PHE A 263 0.38 -22.32 4.73
C PHE A 263 1.72 -23.02 4.81
N MET A 264 1.84 -24.10 5.59
CA MET A 264 3.13 -24.72 5.80
C MET A 264 3.68 -25.34 4.53
N GLY A 265 4.74 -24.74 4.01
CA GLY A 265 5.31 -25.18 2.77
C GLY A 265 4.51 -24.74 1.56
N ASN A 266 3.62 -23.76 1.71
CA ASN A 266 2.93 -23.33 0.51
C ASN A 266 3.79 -22.50 -0.41
N LEU A 267 4.73 -21.71 0.09
CA LEU A 267 5.56 -20.96 -0.84
C LEU A 267 6.57 -21.82 -1.54
N ARG A 268 6.77 -23.04 -1.08
CA ARG A 268 7.77 -23.89 -1.67
C ARG A 268 7.34 -24.41 -3.04
N HIS A 269 6.04 -24.36 -3.37
CA HIS A 269 5.48 -24.93 -4.60
C HIS A 269 6.17 -24.40 -5.84
N LYS A 270 6.45 -25.30 -6.76
CA LYS A 270 7.09 -24.99 -8.01
C LYS A 270 6.31 -25.62 -9.14
N CYS A 271 6.60 -25.17 -10.36
CA CYS A 271 5.92 -25.63 -11.55
C CYS A 271 6.85 -26.52 -12.35
N ILE A 272 6.68 -27.83 -12.26
CA ILE A 272 7.70 -28.78 -12.64
C ILE A 272 7.20 -29.62 -13.81
N ARG A 273 8.15 -30.05 -14.63
CA ARG A 273 7.86 -30.73 -15.89
C ARG A 273 7.37 -32.14 -15.66
N TRP A 274 6.66 -32.68 -16.63
CA TRP A 274 6.32 -34.10 -16.59
C TRP A 274 6.97 -34.78 -17.79
N PRO A 275 7.81 -35.79 -17.54
CA PRO A 275 8.78 -36.18 -18.57
C PRO A 275 8.23 -37.00 -19.72
N ILE A 276 8.94 -36.91 -20.84
CA ILE A 276 8.43 -37.23 -22.17
C ILE A 276 8.29 -38.73 -22.32
N SER A 277 7.08 -39.18 -22.66
CA SER A 277 6.82 -40.59 -22.96
C SER A 277 6.94 -40.86 -24.46
N ASN A 278 8.12 -40.65 -25.01
CA ASN A 278 8.32 -40.82 -26.44
C ASN A 278 8.83 -42.23 -26.73
N VAL A 279 9.00 -42.53 -28.01
CA VAL A 279 9.44 -43.86 -28.43
C VAL A 279 10.92 -44.03 -28.14
N THR A 280 11.76 -43.17 -28.73
CA THR A 280 13.18 -43.20 -28.50
C THR A 280 13.49 -42.76 -27.07
N LEU A 281 14.67 -43.16 -26.59
CA LEU A 281 15.04 -42.98 -25.18
C LEU A 281 15.72 -41.65 -24.96
N ASP A 282 15.11 -40.59 -25.47
CA ASP A 282 15.52 -39.22 -25.18
C ASP A 282 14.68 -38.79 -23.99
N TYR A 283 15.31 -38.74 -22.81
CA TYR A 283 14.66 -38.57 -21.52
C TYR A 283 13.53 -39.60 -21.34
N GLU A 284 13.93 -40.87 -21.44
CA GLU A 284 12.98 -41.96 -21.25
C GLU A 284 12.66 -42.10 -19.77
N SER A 285 11.43 -41.74 -19.39
CA SER A 285 10.98 -41.95 -18.02
C SER A 285 9.69 -42.78 -17.98
N ALA A 286 9.06 -42.96 -19.14
CA ALA A 286 8.02 -43.98 -19.31
C ALA A 286 8.63 -45.35 -19.54
N TYR A 287 9.97 -45.46 -19.48
CA TYR A 287 10.65 -46.75 -19.33
C TYR A 287 11.35 -46.84 -17.98
N ASN A 288 11.69 -45.70 -17.38
CA ASN A 288 12.27 -45.65 -16.03
C ASN A 288 12.15 -44.28 -15.38
N THR A 289 11.20 -44.12 -14.46
CA THR A 289 11.18 -42.96 -13.57
C THR A 289 11.01 -43.47 -12.14
N THR A 290 12.13 -43.91 -11.54
CA THR A 290 12.11 -44.40 -10.17
C THR A 290 13.21 -43.74 -9.35
N PHE A 291 14.37 -43.53 -9.97
CA PHE A 291 15.57 -43.24 -9.20
C PHE A 291 15.74 -41.74 -8.98
N ASP A 292 15.69 -40.97 -10.06
CA ASP A 292 16.19 -39.61 -10.08
C ASP A 292 15.18 -38.61 -9.52
N PHE A 293 14.00 -39.12 -9.20
CA PHE A 293 12.83 -38.31 -8.90
C PHE A 293 13.14 -37.15 -7.98
N THR A 294 13.56 -37.47 -6.75
CA THR A 294 13.78 -36.41 -5.78
C THR A 294 14.93 -35.49 -6.18
N ALA A 295 15.77 -35.93 -7.11
CA ALA A 295 16.82 -35.05 -7.61
C ALA A 295 16.41 -34.40 -8.92
N TYR A 296 15.34 -34.92 -9.53
CA TYR A 296 14.89 -34.35 -10.78
C TYR A 296 14.18 -33.03 -10.57
N ILE A 297 13.33 -32.98 -9.55
CA ILE A 297 12.43 -31.85 -9.42
C ILE A 297 13.12 -30.67 -8.74
N GLU A 298 14.32 -30.89 -8.21
CA GLU A 298 15.08 -29.79 -7.65
C GLU A 298 15.67 -28.92 -8.75
N ASN A 299 15.91 -29.52 -9.92
CA ASN A 299 16.62 -28.82 -10.99
C ASN A 299 15.87 -27.61 -11.53
N GLU A 300 16.60 -26.50 -11.71
CA GLU A 300 16.01 -25.27 -12.22
C GLU A 300 15.67 -25.34 -13.71
N GLU A 301 16.48 -26.06 -14.48
CA GLU A 301 16.28 -26.14 -15.93
C GLU A 301 14.98 -26.84 -16.30
N ASN A 302 14.67 -27.91 -15.61
CA ASN A 302 13.45 -28.67 -15.86
C ASN A 302 12.22 -27.82 -15.58
N GLN A 303 12.28 -27.07 -14.49
CA GLN A 303 11.12 -26.29 -14.07
C GLN A 303 10.87 -25.08 -14.93
N TYR A 304 9.97 -24.23 -14.46
CA TYR A 304 9.52 -23.08 -15.20
C TYR A 304 9.80 -21.81 -14.48
N PHE A 305 10.11 -20.77 -15.23
CA PHE A 305 9.93 -19.41 -14.73
C PHE A 305 10.03 -18.36 -15.81
N LEU A 306 8.97 -17.58 -15.96
CA LEU A 306 8.83 -16.61 -17.02
C LEU A 306 10.00 -15.65 -16.99
N ASP A 307 10.23 -14.98 -18.11
CA ASP A 307 11.49 -14.28 -18.32
C ASP A 307 11.61 -13.04 -17.45
N GLY A 308 12.68 -13.00 -16.68
CA GLY A 308 12.96 -11.87 -15.81
C GLY A 308 12.50 -12.08 -14.40
N ALA A 309 12.73 -13.27 -13.86
CA ALA A 309 12.29 -13.55 -12.49
C ALA A 309 13.33 -14.45 -11.84
N LEU A 310 13.97 -13.95 -10.80
CA LEU A 310 15.01 -14.69 -10.09
C LEU A 310 14.38 -15.53 -8.98
N ASP A 311 13.53 -16.44 -9.42
CA ASP A 311 12.67 -17.34 -8.66
C ASP A 311 11.97 -18.16 -9.74
N ALA A 312 11.20 -19.15 -9.32
CA ALA A 312 10.35 -19.84 -10.27
C ALA A 312 8.91 -19.34 -10.15
N LEU A 313 7.98 -20.12 -10.70
CA LEU A 313 6.60 -19.69 -10.81
C LEU A 313 5.69 -20.38 -9.80
N LEU A 314 5.43 -19.73 -8.68
CA LEU A 314 4.62 -20.33 -7.62
C LEU A 314 3.27 -20.71 -8.19
N CYS A 315 2.88 -21.95 -7.97
CA CYS A 315 1.60 -22.45 -8.45
C CYS A 315 1.03 -23.45 -7.45
N GLY A 316 -0.22 -23.24 -7.05
CA GLY A 316 -0.84 -24.09 -6.05
C GLY A 316 -1.98 -24.76 -6.75
N ASN A 317 -2.25 -26.03 -6.48
CA ASN A 317 -3.29 -26.66 -7.26
C ASN A 317 -4.59 -26.78 -6.48
N ASN A 318 -5.05 -25.67 -5.92
CA ASN A 318 -6.44 -25.56 -5.57
C ASN A 318 -7.25 -25.18 -6.81
N SER A 319 -8.56 -25.22 -6.65
CA SER A 319 -9.43 -25.14 -7.80
C SER A 319 -9.22 -23.82 -8.49
N ASP A 320 -9.12 -22.76 -7.71
CA ASP A 320 -9.11 -21.42 -8.26
C ASP A 320 -7.73 -20.81 -8.45
N ALA A 321 -6.72 -21.31 -7.77
CA ALA A 321 -5.48 -20.54 -7.68
C ALA A 321 -4.36 -20.84 -8.66
N GLY A 322 -4.29 -20.02 -9.70
CA GLY A 322 -3.06 -19.76 -10.43
C GLY A 322 -2.42 -20.94 -11.11
N LYS A 323 -3.02 -21.41 -12.18
CA LYS A 323 -2.61 -22.63 -12.86
C LYS A 323 -1.34 -22.47 -13.66
N CYS A 324 -0.85 -23.58 -14.24
CA CYS A 324 0.45 -23.61 -14.92
C CYS A 324 0.39 -24.29 -16.29
N PRO A 325 1.35 -23.96 -17.15
CA PRO A 325 1.28 -24.33 -18.57
C PRO A 325 1.19 -25.83 -18.71
N GLU A 326 0.56 -26.28 -19.78
CA GLU A 326 0.30 -27.69 -19.95
C GLU A 326 1.58 -28.47 -20.16
N GLY A 327 1.63 -29.68 -19.62
CA GLY A 327 2.85 -30.44 -19.63
C GLY A 327 3.55 -30.30 -18.30
N TYR A 328 3.23 -29.25 -17.55
CA TYR A 328 3.87 -29.07 -16.26
C TYR A 328 2.87 -29.36 -15.17
N THR A 329 3.36 -29.57 -13.96
CA THR A 329 2.50 -29.90 -12.83
C THR A 329 2.90 -29.10 -11.60
N CYS A 330 2.04 -29.09 -10.60
CA CYS A 330 2.32 -28.36 -9.38
C CYS A 330 2.83 -29.36 -8.40
N MET A 331 4.14 -29.37 -8.25
CA MET A 331 4.74 -30.19 -7.20
C MET A 331 5.21 -29.33 -6.04
N LYS A 332 5.45 -29.99 -4.90
CA LYS A 332 5.81 -29.29 -3.67
C LYS A 332 7.24 -28.77 -3.70
N ALA A 333 8.17 -29.59 -4.13
CA ALA A 333 9.55 -29.36 -3.75
C ALA A 333 10.23 -28.38 -4.67
N GLY A 334 11.17 -27.64 -4.08
CA GLY A 334 11.83 -26.57 -4.77
C GLY A 334 12.74 -25.83 -3.80
N ARG A 335 13.10 -24.61 -4.19
CA ARG A 335 14.16 -23.91 -3.48
C ARG A 335 13.64 -23.14 -2.27
N ASN A 336 13.04 -21.95 -2.50
CA ASN A 336 12.10 -21.08 -1.77
C ASN A 336 12.02 -19.73 -2.49
N PRO A 337 11.15 -18.82 -2.11
CA PRO A 337 11.11 -17.54 -2.83
C PRO A 337 12.20 -16.54 -2.45
N ASN A 338 12.75 -15.86 -3.46
CA ASN A 338 13.77 -14.84 -3.28
C ASN A 338 15.17 -15.45 -3.15
N TYR A 339 15.52 -15.86 -1.95
CA TYR A 339 16.79 -16.53 -1.70
C TYR A 339 16.54 -17.73 -0.81
N GLY A 340 15.36 -17.78 -0.22
CA GLY A 340 15.12 -18.70 0.86
C GLY A 340 14.57 -18.05 2.10
N TYR A 341 14.47 -16.73 2.10
CA TYR A 341 14.09 -16.01 3.29
C TYR A 341 12.61 -15.67 3.32
N THR A 342 11.83 -16.26 2.44
CA THR A 342 10.39 -16.08 2.50
C THR A 342 9.54 -17.27 2.94
N ASN A 343 10.14 -18.42 3.16
CA ASN A 343 9.33 -19.60 3.44
C ASN A 343 8.53 -19.50 4.74
N TYR A 344 7.26 -19.89 4.66
CA TYR A 344 6.46 -20.18 5.83
C TYR A 344 6.99 -21.35 6.68
N ASP A 345 7.47 -22.40 6.03
CA ASP A 345 7.98 -23.54 6.74
C ASP A 345 8.98 -23.05 7.76
N ASN A 346 8.86 -23.57 8.96
CA ASN A 346 9.68 -23.19 10.10
C ASN A 346 8.98 -22.00 10.70
N PHE A 347 9.06 -21.84 12.02
CA PHE A 347 8.39 -20.73 12.64
C PHE A 347 8.95 -19.34 12.37
N ALA A 348 10.27 -19.17 12.45
CA ALA A 348 10.81 -17.82 12.46
C ALA A 348 10.54 -17.06 11.17
N TRP A 349 10.87 -17.70 10.05
CA TRP A 349 10.80 -17.05 8.75
C TRP A 349 9.37 -16.62 8.42
N THR A 350 8.42 -17.48 8.76
CA THR A 350 7.00 -17.15 8.62
C THR A 350 6.65 -15.98 9.52
N PHE A 351 7.20 -16.00 10.73
CA PHE A 351 6.99 -14.92 11.70
C PHE A 351 7.56 -13.63 11.16
N LEU A 352 8.72 -13.70 10.53
CA LEU A 352 9.35 -12.53 9.93
C LEU A 352 8.45 -11.98 8.82
N CYS A 353 7.87 -12.88 8.05
CA CYS A 353 6.94 -12.43 7.04
C CYS A 353 5.76 -11.79 7.72
N LEU A 354 5.26 -12.41 8.77
CA LEU A 354 4.14 -11.85 9.51
C LEU A 354 4.52 -10.46 10.04
N PHE A 355 5.76 -10.34 10.51
CA PHE A 355 6.27 -9.07 10.98
C PHE A 355 6.31 -8.09 9.82
N ARG A 356 6.73 -8.58 8.65
CA ARG A 356 6.76 -7.77 7.45
C ARG A 356 5.40 -7.18 7.13
N LEU A 357 4.35 -7.98 7.34
CA LEU A 357 3.01 -7.55 6.96
C LEU A 357 2.48 -6.50 7.92
N MET A 358 2.97 -6.49 9.17
CA MET A 358 2.61 -5.42 10.08
C MET A 358 3.10 -4.06 9.60
N LEU A 359 4.37 -3.96 9.21
CA LEU A 359 4.94 -2.67 8.89
C LEU A 359 4.67 -2.21 7.46
N GLN A 360 4.07 -3.07 6.63
CA GLN A 360 3.93 -2.83 5.19
C GLN A 360 5.27 -2.49 4.54
N ASP A 361 6.16 -3.45 4.50
CA ASP A 361 7.38 -3.39 3.72
C ASP A 361 7.28 -4.40 2.61
N TYR A 362 6.98 -3.92 1.40
CA TYR A 362 6.95 -4.72 0.18
C TYR A 362 5.99 -5.88 0.35
N TRP A 363 4.90 -5.62 1.04
CA TRP A 363 4.04 -6.68 1.51
C TRP A 363 3.13 -7.17 0.41
N GLU A 364 3.03 -6.39 -0.66
CA GLU A 364 2.20 -6.77 -1.80
C GLU A 364 2.72 -8.05 -2.44
N ASN A 365 4.04 -8.15 -2.55
CA ASN A 365 4.67 -9.32 -3.14
C ASN A 365 4.35 -10.58 -2.33
N LEU A 366 4.42 -10.45 -1.01
CA LEU A 366 4.12 -11.57 -0.12
C LEU A 366 2.67 -12.01 -0.30
N TYR A 367 1.81 -11.02 -0.45
CA TYR A 367 0.40 -11.19 -0.70
C TYR A 367 0.19 -11.90 -2.00
N GLN A 368 0.94 -11.46 -2.99
CA GLN A 368 0.88 -11.98 -4.36
C GLN A 368 1.32 -13.44 -4.41
N MET A 369 2.38 -13.77 -3.66
CA MET A 369 2.90 -15.12 -3.67
C MET A 369 2.16 -16.01 -2.70
N THR A 370 1.30 -15.45 -1.86
CA THR A 370 0.44 -16.33 -1.08
C THR A 370 -0.81 -16.73 -1.85
N LEU A 371 -1.44 -15.75 -2.52
CA LEU A 371 -2.68 -16.02 -3.23
C LEU A 371 -2.47 -16.96 -4.40
N ARG A 372 -1.34 -16.77 -5.09
CA ARG A 372 -0.93 -17.66 -6.16
C ARG A 372 -0.63 -19.08 -5.66
N ALA A 373 0.00 -19.19 -4.50
CA ALA A 373 0.41 -20.49 -4.00
C ALA A 373 -0.75 -21.19 -3.33
N ALA A 374 -1.36 -20.55 -2.35
CA ALA A 374 -2.40 -21.23 -1.61
C ALA A 374 -3.73 -21.17 -2.34
N GLY A 375 -4.27 -19.98 -2.55
CA GLY A 375 -5.53 -19.87 -3.22
C GLY A 375 -6.00 -18.44 -3.29
N LYS A 376 -6.93 -18.15 -4.21
CA LYS A 376 -7.49 -16.80 -4.31
C LYS A 376 -8.30 -16.45 -3.09
N SER A 377 -8.94 -17.43 -2.49
CA SER A 377 -9.85 -17.13 -1.40
C SER A 377 -9.15 -16.93 -0.06
N TYR A 378 -7.83 -16.84 -0.01
CA TYR A 378 -7.16 -16.52 1.25
C TYR A 378 -6.91 -15.04 1.42
N MET A 379 -7.73 -14.18 0.79
CA MET A 379 -7.66 -12.75 1.06
C MET A 379 -8.10 -12.47 2.48
N VAL A 380 -9.00 -13.30 3.01
CA VAL A 380 -9.60 -13.08 4.32
C VAL A 380 -8.55 -13.21 5.41
N PHE A 381 -7.49 -13.99 5.15
CA PHE A 381 -6.37 -14.00 6.07
C PHE A 381 -5.60 -12.68 6.02
N PHE A 382 -5.28 -12.21 4.83
CA PHE A 382 -4.56 -10.93 4.73
C PHE A 382 -5.45 -9.72 4.90
N ILE A 383 -6.72 -9.89 5.26
CA ILE A 383 -7.46 -8.74 5.75
C ILE A 383 -7.41 -8.71 7.27
N MET A 384 -7.43 -9.88 7.90
CA MET A 384 -7.23 -9.93 9.35
C MET A 384 -5.82 -9.53 9.73
N VAL A 385 -4.85 -9.86 8.88
CA VAL A 385 -3.47 -9.54 9.22
C VAL A 385 -3.21 -8.06 9.07
N ILE A 386 -3.53 -7.49 7.90
CA ILE A 386 -3.19 -6.10 7.62
C ILE A 386 -3.92 -5.17 8.57
N PHE A 387 -5.21 -5.44 8.80
CA PHE A 387 -5.99 -4.56 9.66
C PHE A 387 -5.53 -4.61 11.11
N LEU A 388 -5.31 -5.81 11.65
CA LEU A 388 -4.70 -5.86 12.96
C LEU A 388 -3.24 -5.45 12.91
N GLY A 389 -2.58 -5.71 11.78
CA GLY A 389 -1.18 -5.38 11.67
C GLY A 389 -1.03 -3.87 11.82
N SER A 390 -1.95 -3.15 11.21
CA SER A 390 -2.04 -1.70 11.39
C SER A 390 -2.40 -1.35 12.83
N PHE A 391 -3.30 -2.13 13.43
CA PHE A 391 -3.83 -1.81 14.74
C PHE A 391 -2.74 -1.74 15.80
N TYR A 392 -1.79 -2.67 15.76
CA TYR A 392 -0.75 -2.64 16.79
C TYR A 392 0.26 -1.53 16.55
N LEU A 393 0.35 -1.04 15.32
CA LEU A 393 1.21 0.11 15.07
C LEU A 393 0.66 1.33 15.78
N ILE A 394 -0.65 1.50 15.79
CA ILE A 394 -1.22 2.67 16.44
C ILE A 394 -1.20 2.48 17.95
N ASN A 395 -1.04 1.25 18.40
CA ASN A 395 -0.97 1.03 19.83
C ASN A 395 0.44 1.24 20.37
N LEU A 396 1.46 1.13 19.51
CA LEU A 396 2.79 1.59 19.91
C LEU A 396 2.83 3.10 19.95
N ILE A 397 2.23 3.75 18.96
CA ILE A 397 2.31 5.19 18.80
C ILE A 397 1.59 5.88 19.95
N LEU A 398 0.45 5.34 20.35
CA LEU A 398 -0.25 5.94 21.47
C LEU A 398 0.41 5.68 22.81
N ALA A 399 1.34 4.72 22.89
CA ALA A 399 2.16 4.67 24.08
C ALA A 399 3.15 5.82 24.11
N VAL A 400 3.62 6.25 22.93
CA VAL A 400 4.57 7.35 22.90
C VAL A 400 3.86 8.66 23.18
N VAL A 401 2.61 8.79 22.72
CA VAL A 401 1.80 9.96 23.02
C VAL A 401 1.56 10.08 24.51
N ALA A 402 1.24 8.96 25.16
CA ALA A 402 1.08 8.98 26.60
C ALA A 402 2.42 9.02 27.33
N MET A 403 3.52 8.90 26.59
CA MET A 403 4.83 9.14 27.18
C MET A 403 5.36 10.53 26.83
N ALA A 404 5.29 10.92 25.56
CA ALA A 404 5.87 12.20 25.18
C ALA A 404 5.03 13.38 25.59
N TYR A 405 3.83 13.18 26.13
CA TYR A 405 3.23 14.25 26.92
C TYR A 405 3.96 14.40 28.24
N GLU A 406 4.33 13.29 28.88
CA GLU A 406 4.97 13.36 30.18
C GLU A 406 6.37 13.94 30.09
N GLU A 407 7.00 13.87 28.93
CA GLU A 407 8.27 14.58 28.77
C GLU A 407 8.07 16.05 28.43
N GLN A 408 6.84 16.47 28.18
CA GLN A 408 6.55 17.89 28.10
C GLN A 408 5.56 18.35 29.16
N ASN A 409 5.18 17.49 30.09
CA ASN A 409 4.48 17.95 31.29
C ASN A 409 5.47 18.47 32.32
N GLN A 410 6.56 17.74 32.52
CA GLN A 410 7.63 18.14 33.42
C GLN A 410 8.37 19.36 32.91
N ALA A 411 8.35 19.60 31.59
CA ALA A 411 8.92 20.84 31.07
C ALA A 411 8.03 22.03 31.36
N THR A 412 6.79 21.81 31.78
CA THR A 412 5.92 22.88 32.23
C THR A 412 5.66 22.83 33.72
N LEU A 413 6.13 21.80 34.42
CA LEU A 413 6.04 21.70 35.87
C LEU A 413 7.22 22.37 36.56
N ALA A 414 8.43 21.91 36.27
CA ALA A 414 9.59 22.40 36.98
C ALA A 414 10.15 23.69 36.39
N GLU A 415 9.95 23.93 35.09
CA GLU A 415 10.53 25.11 34.46
C GLU A 415 9.80 26.38 34.86
N ALA A 416 8.47 26.34 34.93
CA ALA A 416 7.73 27.44 35.53
C ALA A 416 8.02 27.53 37.03
N GLN A 417 8.25 26.39 37.68
CA GLN A 417 8.74 26.41 39.06
C GLN A 417 10.15 26.98 39.13
N GLU A 418 10.98 26.68 38.14
CA GLU A 418 12.27 27.36 38.02
C GLU A 418 12.09 28.80 37.51
N LYS A 419 10.98 29.09 36.84
CA LYS A 419 10.63 30.49 36.63
C LYS A 419 10.05 31.10 37.89
N GLU A 420 9.63 30.26 38.84
CA GLU A 420 9.25 30.75 40.16
C GLU A 420 10.40 30.72 41.14
N ALA A 421 11.34 29.78 40.97
CA ALA A 421 12.48 29.69 41.88
C ALA A 421 13.42 30.87 41.71
N GLU A 422 13.60 31.32 40.47
CA GLU A 422 14.39 32.53 40.23
C GLU A 422 13.62 33.78 40.60
N PHE A 423 12.28 33.74 40.53
CA PHE A 423 11.49 34.92 40.83
C PHE A 423 11.35 35.15 42.33
N GLN A 424 11.20 34.06 43.08
CA GLN A 424 11.05 34.14 44.53
C GLN A 424 12.35 34.64 45.18
N ARG A 425 13.45 33.95 44.89
CA ARG A 425 14.75 34.32 45.45
C ARG A 425 15.17 35.71 44.98
N ALA A 426 14.92 36.00 43.71
CA ALA A 426 15.27 37.29 43.13
C ALA A 426 14.52 38.43 43.82
N VAL A 427 13.24 38.20 44.11
CA VAL A 427 12.41 39.20 44.76
C VAL A 427 12.94 39.53 46.16
N GLU A 428 13.38 38.50 46.88
CA GLU A 428 13.91 38.68 48.23
C GLU A 428 15.17 39.55 48.21
N GLN A 429 16.02 39.32 47.22
CA GLN A 429 17.26 40.08 47.09
C GLN A 429 16.98 41.56 46.87
N LEU A 430 15.98 41.85 46.05
CA LEU A 430 15.61 43.23 45.75
C LEU A 430 15.13 43.96 47.01
N ARG A 431 14.37 43.27 47.84
CA ARG A 431 13.86 43.84 49.08
C ARG A 431 14.70 43.40 50.28
N ASN A 547 20.22 70.06 -5.48
CA ASN A 547 20.69 69.68 -6.79
C ASN A 547 20.94 68.19 -6.86
N CYS A 548 21.87 67.71 -6.04
CA CYS A 548 22.14 66.28 -5.89
C CYS A 548 22.10 65.85 -4.43
N CYS A 549 22.60 66.72 -3.53
CA CYS A 549 22.66 66.44 -2.09
C CYS A 549 21.30 66.64 -1.42
N GLY A 550 20.58 67.67 -1.87
CA GLY A 550 19.16 67.82 -1.56
C GLY A 550 18.36 66.61 -2.01
N PRO A 551 18.54 66.20 -3.27
CA PRO A 551 18.03 64.88 -3.69
C PRO A 551 18.87 63.68 -3.29
N TRP A 552 19.82 63.82 -2.34
CA TRP A 552 20.36 62.62 -1.72
C TRP A 552 19.42 62.17 -0.62
N VAL A 553 18.50 63.05 -0.22
CA VAL A 553 17.47 62.73 0.74
C VAL A 553 16.12 62.81 0.02
N PHE A 554 15.95 63.77 -0.89
CA PHE A 554 14.67 63.96 -1.57
C PHE A 554 14.38 62.80 -2.52
N LEU A 555 15.35 62.42 -3.37
CA LEU A 555 15.12 61.26 -4.20
C LEU A 555 15.22 59.99 -3.38
N LYS A 556 15.96 60.02 -2.27
CA LYS A 556 15.83 58.97 -1.26
C LYS A 556 14.41 58.91 -0.73
N LYS A 557 13.82 60.07 -0.45
CA LYS A 557 12.41 60.09 -0.04
C LYS A 557 11.51 59.63 -1.18
N TRP A 558 11.89 59.93 -2.43
CA TRP A 558 11.15 59.40 -3.57
C TRP A 558 11.22 57.88 -3.60
N VAL A 559 12.34 57.31 -3.16
CA VAL A 559 12.41 55.87 -2.92
C VAL A 559 11.60 55.50 -1.67
N HIS A 560 11.78 56.28 -0.61
CA HIS A 560 11.24 55.92 0.70
C HIS A 560 9.75 56.17 0.77
N PHE A 561 9.20 56.97 -0.14
CA PHE A 561 7.75 57.15 -0.19
C PHE A 561 7.08 55.93 -0.79
N VAL A 562 7.63 55.42 -1.89
CA VAL A 562 6.94 54.38 -2.64
C VAL A 562 7.05 53.04 -1.94
N MET A 563 8.14 52.83 -1.20
CA MET A 563 8.36 51.55 -0.54
C MET A 563 7.37 51.33 0.60
N MET A 564 7.11 52.38 1.38
CA MET A 564 6.20 52.22 2.51
C MET A 564 4.75 52.31 2.04
N ASP A 565 4.52 52.81 0.82
CA ASP A 565 3.21 52.70 0.23
C ASP A 565 2.92 51.24 -0.11
N PRO A 566 1.68 50.79 0.07
CA PRO A 566 1.32 49.41 -0.28
C PRO A 566 1.05 49.19 -1.76
N PHE A 567 1.47 50.09 -2.65
CA PHE A 567 1.45 49.76 -4.07
C PHE A 567 2.77 49.21 -4.54
N THR A 568 3.78 49.17 -3.65
CA THR A 568 4.99 48.38 -3.84
C THR A 568 4.77 46.97 -3.35
N ASP A 569 4.09 46.84 -2.20
CA ASP A 569 3.98 45.62 -1.42
C ASP A 569 3.28 44.52 -2.21
N LEU A 570 1.99 44.70 -2.51
CA LEU A 570 1.26 43.72 -3.30
C LEU A 570 1.62 43.76 -4.77
N PHE A 571 2.46 44.69 -5.20
CA PHE A 571 3.02 44.57 -6.54
C PHE A 571 4.06 43.46 -6.61
N ILE A 572 4.82 43.27 -5.54
CA ILE A 572 5.86 42.26 -5.57
C ILE A 572 5.26 40.87 -5.57
N THR A 573 4.22 40.65 -4.74
CA THR A 573 3.56 39.35 -4.73
C THR A 573 2.82 39.07 -6.03
N LEU A 574 2.52 40.11 -6.82
CA LEU A 574 2.06 39.88 -8.17
C LEU A 574 3.19 39.29 -9.01
N CYS A 575 4.37 39.89 -8.92
CA CYS A 575 5.45 39.44 -9.80
C CYS A 575 6.03 38.11 -9.35
N ILE A 576 5.93 37.78 -8.06
CA ILE A 576 6.45 36.50 -7.58
C ILE A 576 5.62 35.35 -8.11
N ILE A 577 4.29 35.46 -8.00
CA ILE A 577 3.41 34.41 -8.51
C ILE A 577 3.51 34.35 -10.02
N LEU A 578 3.62 35.51 -10.67
CA LEU A 578 3.72 35.53 -12.11
C LEU A 578 5.06 35.01 -12.58
N ASN A 579 6.11 35.18 -11.76
CA ASN A 579 7.39 34.58 -12.11
C ASN A 579 7.33 33.08 -12.00
N THR A 580 6.53 32.57 -11.07
CA THR A 580 6.49 31.14 -10.81
C THR A 580 5.92 30.39 -12.00
N LEU A 581 4.78 30.85 -12.49
CA LEU A 581 4.11 30.23 -13.64
C LEU A 581 4.97 30.31 -14.89
N PHE A 582 5.44 31.51 -15.22
CA PHE A 582 6.29 31.70 -16.39
C PHE A 582 7.37 30.63 -16.45
N MET A 583 8.01 30.39 -15.30
CA MET A 583 9.03 29.36 -15.20
C MET A 583 8.51 27.94 -15.48
N SER A 584 7.31 27.65 -14.96
CA SER A 584 6.75 26.31 -14.99
C SER A 584 6.47 25.73 -16.38
N ILE A 585 5.97 26.56 -17.29
CA ILE A 585 5.75 26.08 -18.63
C ILE A 585 7.07 25.68 -19.28
N GLU A 586 7.56 24.49 -18.97
CA GLU A 586 8.81 24.03 -19.61
C GLU A 586 8.25 22.70 -20.12
N HIS A 587 7.64 22.71 -21.31
CA HIS A 587 7.31 21.47 -21.99
C HIS A 587 8.64 20.88 -22.46
N HIS A 588 8.70 19.59 -22.79
CA HIS A 588 10.01 19.04 -23.12
C HIS A 588 10.64 19.52 -24.42
N PRO A 589 10.01 19.42 -25.61
CA PRO A 589 10.80 19.67 -26.83
C PRO A 589 11.19 21.13 -27.03
N MET A 590 10.23 22.07 -26.96
CA MET A 590 10.48 23.50 -26.91
C MET A 590 11.33 24.08 -28.03
N ASN A 591 10.78 24.16 -29.25
CA ASN A 591 11.41 24.86 -30.35
C ASN A 591 11.60 26.34 -30.02
N GLU A 592 12.28 27.06 -30.95
CA GLU A 592 12.85 28.38 -30.70
C GLU A 592 11.83 29.41 -30.22
N SER A 593 10.55 29.19 -30.52
CA SER A 593 9.47 30.01 -29.99
C SER A 593 9.46 30.02 -28.47
N PHE A 594 9.40 28.85 -27.85
CA PHE A 594 9.49 28.80 -26.40
C PHE A 594 10.90 29.05 -25.91
N GLN A 595 11.89 28.54 -26.64
CA GLN A 595 13.26 28.51 -26.14
C GLN A 595 13.87 29.90 -26.11
N SER A 596 13.30 30.83 -26.88
CA SER A 596 13.68 32.23 -26.75
C SER A 596 12.76 32.95 -25.79
N LEU A 597 11.49 32.54 -25.71
CA LEU A 597 10.53 33.20 -24.84
C LEU A 597 10.92 33.03 -23.37
N LEU A 598 11.14 31.79 -22.96
CA LEU A 598 11.41 31.54 -21.55
C LEU A 598 12.80 32.00 -21.18
N SER A 599 13.69 32.11 -22.16
CA SER A 599 14.98 32.71 -21.89
C SER A 599 14.83 34.21 -21.68
N ALA A 600 14.10 34.89 -22.55
CA ALA A 600 13.98 36.33 -22.44
C ALA A 600 12.91 36.73 -21.44
N GLY A 601 12.13 35.76 -20.97
CA GLY A 601 11.13 36.08 -19.96
C GLY A 601 11.75 36.31 -18.59
N ASN A 602 12.62 35.40 -18.16
CA ASN A 602 13.10 35.45 -16.79
C ASN A 602 14.08 36.59 -16.57
N LEU A 603 14.66 37.11 -17.64
CA LEU A 603 15.52 38.28 -17.52
C LEU A 603 14.70 39.52 -17.20
N VAL A 604 13.41 39.51 -17.54
CA VAL A 604 12.55 40.62 -17.14
C VAL A 604 12.31 40.58 -15.64
N PHE A 605 12.06 39.37 -15.10
CA PHE A 605 11.86 39.26 -13.65
C PHE A 605 13.12 39.52 -12.87
N THR A 606 14.28 39.31 -13.50
CA THR A 606 15.52 39.62 -12.83
C THR A 606 15.68 41.13 -12.64
N THR A 607 15.21 41.91 -13.61
CA THR A 607 15.15 43.36 -13.45
C THR A 607 14.20 43.76 -12.34
N ILE A 608 13.08 43.06 -12.23
CA ILE A 608 12.12 43.29 -11.15
C ILE A 608 12.74 42.99 -9.80
N PHE A 609 13.40 41.83 -9.69
CA PHE A 609 13.96 41.47 -8.39
C PHE A 609 15.18 42.30 -8.02
N ALA A 610 15.96 42.75 -9.01
CA ALA A 610 17.09 43.61 -8.68
C ALA A 610 16.60 44.96 -8.21
N ALA A 611 15.64 45.55 -8.93
CA ALA A 611 15.12 46.84 -8.55
C ALA A 611 14.22 46.73 -7.32
N GLU A 612 13.78 45.52 -6.99
CA GLU A 612 13.22 45.31 -5.65
C GLU A 612 14.31 45.44 -4.61
N MET A 613 15.50 44.91 -4.89
CA MET A 613 16.55 44.87 -3.89
C MET A 613 17.17 46.24 -3.69
N VAL A 614 17.63 46.86 -4.79
CA VAL A 614 18.41 48.08 -4.67
C VAL A 614 17.54 49.23 -4.18
N LEU A 615 16.25 49.18 -4.48
CA LEU A 615 15.37 50.20 -3.92
C LEU A 615 14.97 49.87 -2.50
N LYS A 616 15.35 48.70 -1.99
CA LYS A 616 15.22 48.45 -0.55
C LYS A 616 16.54 48.55 0.18
N ILE A 617 17.67 48.65 -0.51
CA ILE A 617 18.93 48.95 0.19
C ILE A 617 18.97 50.41 0.60
N ILE A 618 18.58 51.30 -0.31
CA ILE A 618 18.63 52.74 -0.10
C ILE A 618 17.58 53.17 0.92
N ALA A 619 16.58 52.34 1.15
CA ALA A 619 15.40 52.78 1.88
C ALA A 619 15.65 52.89 3.38
N LEU A 620 16.21 51.86 3.99
CA LEU A 620 16.30 51.77 5.45
C LEU A 620 17.69 51.35 5.89
N ASP A 621 18.74 52.04 5.47
CA ASP A 621 20.02 51.63 6.02
C ASP A 621 20.29 50.17 5.63
N PRO A 622 21.53 49.90 5.01
CA PRO A 622 21.66 48.50 4.58
C PRO A 622 21.57 47.48 5.73
N TYR A 623 22.17 47.80 6.87
CA TYR A 623 22.16 46.88 8.01
C TYR A 623 20.74 46.62 8.53
N TYR A 624 19.93 47.67 8.57
CA TYR A 624 18.54 47.55 8.99
C TYR A 624 17.77 46.66 8.02
N TYR A 625 18.03 46.85 6.73
CA TYR A 625 17.37 46.03 5.71
C TYR A 625 17.77 44.57 5.92
N PHE A 626 19.03 44.38 6.27
CA PHE A 626 19.61 43.09 6.54
C PHE A 626 19.00 42.35 7.75
N GLN A 627 18.65 43.08 8.81
CA GLN A 627 18.26 42.41 10.06
C GLN A 627 17.05 41.47 9.91
N GLN A 628 16.03 41.94 9.20
CA GLN A 628 14.94 41.06 8.83
C GLN A 628 15.61 40.05 7.92
N THR A 629 15.31 38.78 8.12
CA THR A 629 15.99 37.74 7.38
C THR A 629 15.37 37.48 6.01
N TRP A 630 14.13 37.91 5.76
CA TRP A 630 13.61 37.83 4.40
C TRP A 630 14.19 38.91 3.50
N ASN A 631 14.48 40.08 4.06
CA ASN A 631 15.30 41.04 3.34
C ASN A 631 16.70 40.50 3.14
N ILE A 632 17.12 39.65 4.08
CA ILE A 632 18.40 38.94 3.96
C ILE A 632 18.27 37.76 3.00
N PHE A 633 17.09 37.13 2.98
CA PHE A 633 16.86 36.00 2.09
C PHE A 633 16.64 36.44 0.64
N ASP A 634 15.98 37.56 0.46
CA ASP A 634 15.85 38.16 -0.86
C ASP A 634 17.24 38.56 -1.37
N SER A 635 18.06 39.08 -0.45
CA SER A 635 19.39 39.55 -0.79
C SER A 635 20.18 38.37 -1.36
N ILE A 636 19.98 37.20 -0.78
CA ILE A 636 20.69 36.00 -1.20
C ILE A 636 20.38 35.61 -2.64
N ILE A 637 19.13 35.74 -3.05
CA ILE A 637 18.69 35.19 -4.31
C ILE A 637 19.11 36.06 -5.47
N VAL A 638 19.19 37.37 -5.23
CA VAL A 638 19.60 38.30 -6.27
C VAL A 638 21.02 38.02 -6.73
N SER A 639 21.90 37.75 -5.77
CA SER A 639 23.28 37.39 -6.10
C SER A 639 23.29 36.07 -6.87
N LEU A 640 22.46 35.13 -6.41
CA LEU A 640 22.30 33.85 -7.09
C LEU A 640 21.69 34.06 -8.47
N SER A 641 20.74 34.98 -8.55
CA SER A 641 20.02 35.26 -9.78
C SER A 641 20.95 35.76 -10.89
N LEU A 642 21.89 36.63 -10.53
CA LEU A 642 22.80 37.17 -11.52
C LEU A 642 23.97 36.24 -11.83
N LEU A 643 24.10 35.16 -11.09
CA LEU A 643 25.10 34.14 -11.40
C LEU A 643 24.80 33.49 -12.75
N GLU A 644 23.51 33.29 -13.01
CA GLU A 644 23.05 32.47 -14.12
C GLU A 644 23.45 33.04 -15.46
N LEU A 645 23.55 34.36 -15.55
CA LEU A 645 23.91 35.02 -16.80
C LEU A 645 25.35 34.69 -17.18
N GLY A 646 26.23 34.61 -16.19
CA GLY A 646 27.62 34.31 -16.42
C GLY A 646 27.82 32.93 -17.04
N LEU A 647 27.06 31.96 -16.56
CA LEU A 647 27.15 30.59 -17.06
C LEU A 647 26.77 30.51 -18.54
N SER A 648 25.73 31.26 -18.92
CA SER A 648 25.26 31.29 -20.29
C SER A 648 25.14 29.88 -20.86
N GLY A 652 24.86 22.01 -16.14
CA GLY A 652 24.19 21.20 -15.13
C GLY A 652 23.54 22.10 -14.07
N MET A 653 24.13 23.26 -13.81
CA MET A 653 23.84 24.07 -12.64
C MET A 653 22.65 25.00 -12.83
N SER A 654 21.72 24.67 -13.72
CA SER A 654 20.54 25.51 -13.92
C SER A 654 19.41 25.21 -12.95
N VAL A 655 19.70 24.55 -11.83
CA VAL A 655 18.75 24.54 -10.72
C VAL A 655 18.66 25.89 -10.04
N LEU A 656 19.62 26.77 -10.30
CA LEU A 656 19.71 28.06 -9.63
C LEU A 656 18.62 29.03 -10.09
N ARG A 657 17.95 28.76 -11.21
CA ARG A 657 16.82 29.58 -11.62
C ARG A 657 15.66 29.44 -10.66
N SER A 658 15.57 28.28 -10.02
CA SER A 658 14.39 27.89 -9.29
C SER A 658 14.46 28.34 -7.85
N LEU A 659 15.59 28.90 -7.47
CA LEU A 659 15.72 29.42 -6.13
C LEU A 659 15.12 30.81 -6.01
N ARG A 660 14.57 31.31 -7.10
CA ARG A 660 13.66 32.43 -7.06
C ARG A 660 12.41 31.99 -6.29
N LEU A 661 12.01 30.74 -6.49
CA LEU A 661 10.68 30.29 -6.11
C LEU A 661 10.56 30.08 -4.62
N LEU A 662 11.67 30.16 -3.88
CA LEU A 662 11.52 30.15 -2.44
C LEU A 662 11.01 31.46 -1.89
N ARG A 663 10.81 32.45 -2.75
CA ARG A 663 10.32 33.76 -2.33
C ARG A 663 8.81 33.72 -2.08
N ILE A 664 8.22 32.58 -2.44
CA ILE A 664 6.81 32.30 -2.25
C ILE A 664 6.53 32.32 -0.77
N PHE A 665 7.45 31.77 0.00
CA PHE A 665 7.27 31.72 1.44
C PHE A 665 7.13 33.16 1.94
N LYS A 666 7.63 34.10 1.15
CA LYS A 666 7.50 35.50 1.48
C LYS A 666 6.01 35.77 1.53
N LEU A 667 5.28 35.14 0.62
CA LEU A 667 3.82 35.32 0.57
C LEU A 667 3.27 35.00 1.94
N ALA A 668 3.87 34.00 2.56
CA ALA A 668 3.34 33.39 3.76
C ALA A 668 2.78 34.39 4.76
N LYS A 669 3.42 35.53 4.93
CA LYS A 669 3.04 36.41 6.02
C LYS A 669 1.58 36.80 5.86
N SER A 670 1.17 37.13 4.64
CA SER A 670 -0.23 37.38 4.36
C SER A 670 -1.02 36.10 4.55
N TRP A 671 -0.45 34.99 4.08
CA TRP A 671 -1.11 33.69 4.08
C TRP A 671 -1.29 33.08 5.46
N PRO A 672 -2.43 32.43 5.66
CA PRO A 672 -2.80 31.71 6.91
C PRO A 672 -2.07 30.42 7.35
N THR A 673 -1.78 29.48 6.45
CA THR A 673 -1.42 28.11 6.84
C THR A 673 -0.03 27.74 6.37
N LEU A 674 0.50 28.41 5.34
CA LEU A 674 1.92 28.31 5.05
C LEU A 674 2.73 28.91 6.18
N ASN A 675 2.14 29.85 6.91
CA ASN A 675 2.73 30.37 8.14
C ASN A 675 2.74 29.33 9.26
N ILE A 676 2.12 28.16 9.06
CA ILE A 676 2.38 27.05 9.95
C ILE A 676 3.51 26.18 9.39
N LEU A 677 3.68 26.11 8.07
CA LEU A 677 4.74 25.26 7.53
C LEU A 677 6.11 25.87 7.77
N ILE A 678 6.24 27.19 7.58
CA ILE A 678 7.52 27.80 7.92
C ILE A 678 7.68 27.95 9.42
N LYS A 679 6.60 27.76 10.18
CA LYS A 679 6.79 27.58 11.60
C LYS A 679 7.36 26.21 11.89
N ILE A 680 6.95 25.20 11.11
CA ILE A 680 7.41 23.83 11.37
C ILE A 680 8.84 23.62 10.92
N ILE A 681 9.20 24.11 9.72
CA ILE A 681 10.55 23.89 9.23
C ILE A 681 11.56 24.63 10.09
N CYS A 682 11.21 25.83 10.53
CA CYS A 682 12.11 26.58 11.39
C CYS A 682 12.14 25.99 12.79
N ASN A 683 11.14 25.19 13.15
CA ASN A 683 11.13 24.56 14.46
C ASN A 683 12.06 23.35 14.52
N SER A 684 12.36 22.74 13.37
CA SER A 684 13.31 21.64 13.36
C SER A 684 14.74 22.08 13.61
N VAL A 685 15.01 23.38 13.49
CA VAL A 685 16.31 23.93 13.83
C VAL A 685 16.26 24.76 15.10
N GLY A 686 15.10 25.27 15.48
CA GLY A 686 15.02 26.15 16.63
C GLY A 686 14.89 25.41 17.94
N ALA A 687 13.77 25.60 18.63
CA ALA A 687 13.61 25.09 20.00
C ALA A 687 13.59 23.57 20.07
N LEU A 688 13.47 22.90 18.93
CA LEU A 688 13.61 21.46 18.85
C LEU A 688 14.79 21.09 17.96
N GLY A 689 15.68 22.05 17.70
CA GLY A 689 16.87 21.78 16.91
C GLY A 689 17.89 20.87 17.59
N ASN A 690 17.69 20.59 18.86
CA ASN A 690 18.52 19.62 19.55
C ASN A 690 18.24 18.22 19.04
N LEU A 691 16.96 17.92 18.78
CA LEU A 691 16.54 16.56 18.50
C LEU A 691 16.97 16.10 17.11
N THR A 692 16.93 17.02 16.15
CA THR A 692 17.26 16.71 14.77
C THR A 692 18.70 16.23 14.63
N ILE A 693 19.60 16.76 15.45
CA ILE A 693 20.97 16.29 15.49
C ILE A 693 21.04 14.84 15.96
N VAL A 694 20.20 14.47 16.92
CA VAL A 694 20.16 13.08 17.37
C VAL A 694 19.61 12.18 16.28
N LEU A 695 18.65 12.67 15.50
CA LEU A 695 18.29 11.98 14.28
C LEU A 695 19.44 11.99 13.28
N ALA A 696 20.07 13.14 13.08
CA ALA A 696 21.13 13.24 12.08
C ALA A 696 22.37 12.47 12.49
N ILE A 697 22.60 12.28 13.79
CA ILE A 697 23.72 11.44 14.20
C ILE A 697 23.37 9.97 14.03
N ILE A 698 22.22 9.56 14.57
CA ILE A 698 21.90 8.13 14.65
C ILE A 698 21.67 7.55 13.26
N VAL A 699 21.11 8.33 12.34
CA VAL A 699 21.07 7.92 10.93
C VAL A 699 22.48 7.74 10.39
N PHE A 700 23.38 8.66 10.76
CA PHE A 700 24.76 8.55 10.30
C PHE A 700 25.48 7.37 10.91
N ILE A 701 25.20 7.05 12.18
CA ILE A 701 25.97 6.01 12.90
C ILE A 701 25.80 4.67 12.21
N PHE A 702 24.59 4.38 11.78
CA PHE A 702 24.39 3.10 11.10
C PHE A 702 24.93 3.14 9.69
N ALA A 703 25.26 4.30 9.18
CA ALA A 703 25.88 4.33 7.87
C ALA A 703 27.36 4.01 7.95
N LEU A 704 27.93 4.12 9.15
CA LEU A 704 29.29 3.62 9.34
C LEU A 704 29.29 2.17 9.81
N VAL A 705 28.21 1.72 10.43
CA VAL A 705 28.15 0.33 10.87
C VAL A 705 28.05 -0.59 9.67
N GLY A 706 27.10 -0.31 8.79
CA GLY A 706 26.89 -1.17 7.64
C GLY A 706 28.01 -1.04 6.62
N PHE A 707 28.77 0.03 6.70
CA PHE A 707 29.93 0.18 5.84
C PHE A 707 31.04 -0.77 6.24
N GLN A 708 31.25 -0.92 7.54
CA GLN A 708 32.40 -1.67 8.03
C GLN A 708 32.16 -3.17 7.97
N LEU A 709 30.95 -3.60 8.32
CA LEU A 709 30.74 -5.02 8.54
C LEU A 709 30.44 -5.76 7.25
N PHE A 710 30.16 -5.03 6.18
CA PHE A 710 29.70 -5.66 4.97
C PHE A 710 30.40 -5.15 3.73
N GLY A 711 31.13 -4.04 3.83
CA GLY A 711 31.68 -3.39 2.67
C GLY A 711 32.71 -4.24 1.95
N LYS A 712 33.54 -4.94 2.70
CA LYS A 712 34.45 -5.88 2.06
C LYS A 712 33.71 -7.12 1.60
N ASN A 713 32.59 -7.46 2.24
CA ASN A 713 31.90 -8.69 1.87
C ASN A 713 31.20 -8.56 0.52
N TYR A 714 30.65 -7.38 0.20
CA TYR A 714 29.99 -7.27 -1.10
C TYR A 714 30.99 -7.29 -2.24
N LYS A 715 32.25 -6.98 -1.96
CA LYS A 715 33.26 -7.14 -2.99
C LYS A 715 33.52 -8.62 -3.24
N GLU A 716 33.41 -9.45 -2.20
CA GLU A 716 33.97 -10.79 -2.27
C GLU A 716 32.92 -11.86 -2.55
N TYR A 717 31.69 -11.65 -2.13
CA TYR A 717 30.63 -12.61 -2.43
C TYR A 717 29.52 -12.00 -3.26
N VAL A 718 29.92 -11.10 -4.15
CA VAL A 718 29.00 -10.33 -4.92
C VAL A 718 28.21 -11.31 -5.74
N CYS A 719 28.85 -12.37 -6.16
CA CYS A 719 28.25 -13.22 -7.16
C CYS A 719 26.91 -13.77 -6.72
N LYS A 720 26.78 -14.19 -5.47
CA LYS A 720 25.45 -14.63 -5.05
C LYS A 720 24.38 -13.68 -5.54
N ILE A 721 24.66 -12.38 -5.61
CA ILE A 721 23.57 -11.44 -5.77
C ILE A 721 23.22 -11.23 -7.22
N SER A 722 24.14 -10.67 -8.00
CA SER A 722 23.80 -10.36 -9.37
C SER A 722 24.06 -11.55 -10.27
N ASP A 723 23.86 -11.33 -11.56
CA ASP A 723 24.13 -12.35 -12.54
C ASP A 723 25.55 -12.24 -13.06
N ASP A 724 26.02 -11.02 -13.21
CA ASP A 724 27.27 -10.72 -13.88
C ASP A 724 28.34 -10.23 -12.93
N CYS A 725 28.04 -10.25 -11.64
CA CYS A 725 29.04 -9.95 -10.62
C CYS A 725 29.33 -8.45 -10.44
N GLU A 726 28.52 -7.64 -11.13
CA GLU A 726 28.50 -6.19 -10.98
C GLU A 726 27.51 -5.57 -9.98
N LEU A 727 27.76 -5.75 -8.69
CA LEU A 727 27.54 -4.70 -7.69
C LEU A 727 26.22 -3.94 -7.79
N PRO A 728 25.15 -4.43 -7.15
CA PRO A 728 23.79 -3.89 -7.35
C PRO A 728 23.64 -2.40 -7.03
N ARG A 729 22.45 -1.90 -7.29
CA ARG A 729 22.18 -0.48 -7.13
C ARG A 729 21.98 -0.06 -5.67
N TRP A 730 22.05 -0.97 -4.72
CA TRP A 730 22.03 -0.64 -3.31
C TRP A 730 23.06 -1.53 -2.64
N HIS A 731 24.27 -1.01 -2.47
CA HIS A 731 25.36 -1.79 -1.93
C HIS A 731 25.99 -1.07 -0.77
N MET A 732 26.79 -1.82 -0.01
CA MET A 732 27.55 -1.29 1.10
C MET A 732 28.98 -0.95 0.70
N ASN A 733 29.31 -1.03 -0.58
CA ASN A 733 30.70 -1.04 -1.00
C ASN A 733 31.30 0.35 -1.03
N ASP A 734 30.62 1.32 -0.44
CA ASP A 734 31.05 2.69 -0.32
C ASP A 734 30.29 3.25 0.86
N PHE A 735 30.61 4.48 1.27
CA PHE A 735 29.77 5.10 2.28
C PHE A 735 28.45 5.54 1.70
N PHE A 736 28.51 6.30 0.61
CA PHE A 736 27.33 7.07 0.21
C PHE A 736 26.21 6.17 -0.26
N HIS A 737 26.52 5.05 -0.91
CA HIS A 737 25.45 4.09 -1.16
C HIS A 737 24.99 3.44 0.14
N SER A 738 25.91 3.28 1.08
CA SER A 738 25.57 2.71 2.38
C SER A 738 24.57 3.61 3.09
N PHE A 739 24.76 4.92 2.95
CA PHE A 739 23.89 5.90 3.58
C PHE A 739 22.46 5.81 3.09
N LEU A 740 22.29 5.61 1.78
CA LEU A 740 20.94 5.52 1.21
C LEU A 740 20.24 4.29 1.71
N ILE A 741 21.00 3.23 1.92
CA ILE A 741 20.44 1.94 2.28
C ILE A 741 20.03 1.94 3.74
N VAL A 742 20.44 2.95 4.49
CA VAL A 742 19.88 3.20 5.80
C VAL A 742 18.83 4.28 5.69
N PHE A 743 18.92 5.14 4.69
CA PHE A 743 17.84 6.08 4.50
C PHE A 743 16.62 5.38 3.92
N ARG A 744 16.84 4.34 3.12
CA ARG A 744 15.72 3.55 2.61
C ARG A 744 15.09 2.75 3.72
N ALA A 745 15.92 2.07 4.52
CA ALA A 745 15.44 1.21 5.58
C ALA A 745 14.85 1.99 6.75
N LEU A 746 15.01 3.30 6.76
CA LEU A 746 14.29 4.10 7.72
C LEU A 746 12.92 4.48 7.20
N CYS A 747 12.76 4.53 5.86
CA CYS A 747 11.48 4.84 5.27
C CYS A 747 10.51 3.68 5.38
N GLY A 748 11.00 2.48 5.68
CA GLY A 748 10.12 1.35 5.87
C GLY A 748 10.22 0.37 4.73
N GLU A 749 11.28 0.45 3.94
CA GLU A 749 11.55 -0.54 2.93
C GLU A 749 12.93 -1.14 3.20
N TRP A 750 12.93 -2.23 3.93
CA TRP A 750 14.14 -2.85 4.43
C TRP A 750 14.21 -4.32 4.12
N ILE A 751 13.18 -4.90 3.54
CA ILE A 751 13.25 -6.28 3.15
C ILE A 751 14.10 -6.45 1.91
N GLU A 752 13.91 -5.58 0.92
CA GLU A 752 14.61 -5.68 -0.36
C GLU A 752 16.11 -5.51 -0.20
N THR A 753 16.54 -4.90 0.90
CA THR A 753 17.95 -4.89 1.24
C THR A 753 18.37 -6.17 1.94
N MET A 754 17.55 -6.66 2.88
CA MET A 754 17.98 -7.79 3.73
C MET A 754 18.14 -9.07 2.94
N TRP A 755 17.34 -9.24 1.89
CA TRP A 755 17.41 -10.43 1.06
C TRP A 755 18.84 -10.54 0.59
N ASP A 756 19.32 -9.47 -0.01
CA ASP A 756 20.73 -9.32 -0.31
C ASP A 756 21.58 -9.53 0.93
N CYS A 757 21.46 -8.56 1.84
CA CYS A 757 22.31 -8.42 3.00
C CYS A 757 22.57 -9.74 3.69
N MET A 758 21.51 -10.49 3.99
CA MET A 758 21.73 -11.72 4.75
C MET A 758 22.60 -12.67 3.98
N GLU A 759 22.55 -12.62 2.66
CA GLU A 759 23.16 -13.66 1.87
C GLU A 759 24.66 -13.44 1.71
N VAL A 760 25.03 -12.25 1.27
CA VAL A 760 26.44 -11.91 1.15
C VAL A 760 27.01 -11.52 2.51
N GLY A 761 26.15 -11.11 3.43
CA GLY A 761 26.64 -10.91 4.75
C GLY A 761 26.58 -12.24 5.45
N GLY A 762 25.71 -12.35 6.43
CA GLY A 762 25.49 -13.62 7.05
C GLY A 762 24.07 -13.61 7.54
N VAL A 763 23.58 -14.75 7.99
CA VAL A 763 22.24 -14.81 8.59
C VAL A 763 22.17 -14.00 9.89
N PRO A 764 23.04 -14.17 10.91
CA PRO A 764 22.73 -13.48 12.16
C PRO A 764 23.13 -12.02 12.21
N MET A 765 24.23 -11.62 11.57
CA MET A 765 24.73 -10.27 11.77
C MET A 765 23.94 -9.24 11.00
N CYS A 766 23.49 -9.62 9.80
CA CYS A 766 22.66 -8.73 8.99
C CYS A 766 21.32 -8.45 9.66
N LEU A 767 20.69 -9.50 10.18
CA LEU A 767 19.40 -9.36 10.85
C LEU A 767 19.54 -8.61 12.16
N ALA A 768 20.72 -8.69 12.77
CA ALA A 768 20.97 -7.92 13.98
C ALA A 768 21.01 -6.43 13.69
N VAL A 769 21.46 -6.05 12.49
CA VAL A 769 21.50 -4.62 12.18
C VAL A 769 20.10 -4.11 11.85
N TYR A 770 19.42 -4.76 10.93
CA TYR A 770 18.17 -4.19 10.45
C TYR A 770 17.08 -4.09 11.50
N MET A 771 16.95 -5.10 12.33
CA MET A 771 15.94 -5.05 13.36
C MET A 771 16.28 -3.92 14.30
N MET A 772 17.57 -3.74 14.55
CA MET A 772 18.02 -2.54 15.27
C MET A 772 17.74 -1.21 14.60
N VAL A 773 17.94 -1.14 13.29
CA VAL A 773 17.83 0.17 12.64
C VAL A 773 16.40 0.59 12.50
N ILE A 774 15.45 -0.35 12.59
CA ILE A 774 14.07 0.06 12.77
C ILE A 774 13.85 0.51 14.20
N ILE A 775 14.14 -0.35 15.18
CA ILE A 775 13.62 -0.17 16.53
C ILE A 775 14.25 1.04 17.20
N ILE A 776 15.52 1.30 16.92
CA ILE A 776 16.06 2.61 17.25
C ILE A 776 15.51 3.67 16.31
N GLY A 777 15.59 3.39 15.01
CA GLY A 777 15.23 4.36 13.99
C GLY A 777 13.79 4.82 14.01
N ASN A 778 12.88 3.87 14.19
CA ASN A 778 11.45 4.19 14.25
C ASN A 778 11.12 5.06 15.46
N LEU A 779 11.74 4.75 16.59
CA LEU A 779 11.48 5.49 17.82
C LEU A 779 11.92 6.95 17.71
N VAL A 780 13.08 7.18 17.10
CA VAL A 780 13.60 8.53 16.92
C VAL A 780 12.66 9.36 16.04
N MET A 781 12.17 8.73 14.98
CA MET A 781 11.25 9.40 14.05
C MET A 781 9.94 9.79 14.73
N LEU A 782 9.43 8.91 15.58
CA LEU A 782 8.16 9.15 16.25
C LEU A 782 8.21 10.36 17.17
N ASN A 783 9.30 10.49 17.92
CA ASN A 783 9.48 11.64 18.81
C ASN A 783 9.55 12.94 18.02
N LEU A 784 10.25 12.90 16.89
CA LEU A 784 10.36 14.04 15.99
C LEU A 784 9.00 14.35 15.36
N PHE A 785 8.27 13.31 15.00
CA PHE A 785 7.00 13.46 14.30
C PHE A 785 5.85 13.71 15.27
N LEU A 786 6.01 13.30 16.52
CA LEU A 786 5.06 13.76 17.52
C LEU A 786 5.40 15.16 18.02
N ALA A 787 6.68 15.43 18.28
CA ALA A 787 7.01 16.67 18.98
C ALA A 787 6.88 17.88 18.08
N LEU A 788 6.97 17.68 16.76
CA LEU A 788 6.66 18.78 15.85
C LEU A 788 5.18 19.14 15.91
N LEU A 789 4.31 18.15 16.12
CA LEU A 789 2.90 18.43 16.28
C LEU A 789 2.64 19.24 17.53
N LEU A 790 3.21 18.81 18.66
CA LEU A 790 2.85 19.40 19.94
C LEU A 790 3.43 20.79 20.11
N SER A 791 4.34 21.20 19.24
CA SER A 791 4.76 22.58 19.23
C SER A 791 4.02 23.38 18.19
N SER A 792 3.26 22.71 17.30
CA SER A 792 2.36 23.38 16.38
C SER A 792 0.94 23.43 16.91
N PHE A 793 0.79 23.64 18.21
CA PHE A 793 -0.53 23.71 18.83
C PHE A 793 -1.19 25.06 18.57
N GLY A 983 -58.98 22.46 -5.33
CA GLY A 983 -57.67 22.43 -4.69
C GLY A 983 -57.70 21.61 -3.40
N LYS A 984 -58.90 21.33 -2.92
CA LYS A 984 -59.08 20.57 -1.70
C LYS A 984 -58.50 19.15 -1.83
N ILE A 985 -58.72 18.55 -3.00
CA ILE A 985 -58.22 17.20 -3.26
C ILE A 985 -56.73 17.21 -3.56
N TRP A 986 -56.27 18.26 -4.25
CA TRP A 986 -54.87 18.40 -4.59
C TRP A 986 -53.98 18.39 -3.36
N TRP A 987 -54.43 19.08 -2.32
CA TRP A 987 -53.68 19.15 -1.07
C TRP A 987 -53.57 17.78 -0.41
N ASN A 988 -54.71 17.13 -0.24
CA ASN A 988 -54.76 15.80 0.38
C ASN A 988 -53.82 14.83 -0.34
N LEU A 989 -53.72 14.99 -1.66
CA LEU A 989 -52.86 14.13 -2.47
C LEU A 989 -51.40 14.27 -2.05
N ARG A 990 -50.98 15.50 -1.79
CA ARG A 990 -49.60 15.78 -1.38
C ARG A 990 -49.24 15.13 -0.04
N ARG A 991 -50.16 15.19 0.91
CA ARG A 991 -49.96 14.59 2.22
C ARG A 991 -49.82 13.08 2.10
N THR A 992 -50.66 12.47 1.27
CA THR A 992 -50.58 11.03 1.04
C THR A 992 -49.25 10.66 0.41
N CYS A 993 -48.79 11.49 -0.51
CA CYS A 993 -47.51 11.27 -1.17
C CYS A 993 -46.38 11.33 -0.15
N TYR A 994 -46.47 12.27 0.78
CA TYR A 994 -45.45 12.43 1.81
C TYR A 994 -45.60 11.38 2.90
N THR A 995 -46.83 10.92 3.12
CA THR A 995 -47.10 9.92 4.11
C THR A 995 -46.61 8.55 3.67
N ILE A 996 -46.69 8.26 2.36
CA ILE A 996 -46.28 6.93 1.92
C ILE A 996 -44.76 6.81 1.91
N VAL A 997 -44.05 7.94 1.82
CA VAL A 997 -42.59 7.88 1.91
C VAL A 997 -42.15 7.61 3.33
N GLU A 998 -42.96 8.00 4.30
CA GLU A 998 -42.61 7.86 5.71
C GLU A 998 -42.57 6.40 6.15
N HIS A 999 -43.34 5.54 5.50
CA HIS A 999 -43.45 4.15 5.93
C HIS A 999 -42.14 3.38 5.81
N ASP A 1000 -41.87 2.54 6.80
CA ASP A 1000 -40.70 1.66 6.76
C ASP A 1000 -40.80 0.68 5.60
N TYR A 1001 -42.02 0.32 5.21
CA TYR A 1001 -42.18 -0.65 4.14
C TYR A 1001 -41.75 -0.09 2.81
N PHE A 1002 -42.11 1.16 2.53
CA PHE A 1002 -41.65 1.76 1.27
C PHE A 1002 -40.17 2.06 1.32
N GLU A 1003 -39.65 2.35 2.50
CA GLU A 1003 -38.24 2.73 2.58
C GLU A 1003 -37.34 1.51 2.47
N THR A 1004 -37.70 0.42 3.12
CA THR A 1004 -36.88 -0.79 3.01
C THR A 1004 -37.17 -1.55 1.73
N PHE A 1005 -38.25 -1.25 1.02
CA PHE A 1005 -38.42 -1.82 -0.30
C PHE A 1005 -37.45 -1.19 -1.27
N ILE A 1006 -37.20 0.11 -1.14
CA ILE A 1006 -36.21 0.78 -1.96
C ILE A 1006 -34.82 0.24 -1.66
N ILE A 1007 -34.54 -0.03 -0.38
CA ILE A 1007 -33.22 -0.49 0.03
C ILE A 1007 -32.92 -1.87 -0.55
N PHE A 1008 -33.93 -2.71 -0.66
CA PHE A 1008 -33.69 -3.97 -1.35
C PHE A 1008 -33.71 -3.78 -2.87
N MET A 1009 -34.29 -2.70 -3.37
CA MET A 1009 -34.13 -2.47 -4.80
C MET A 1009 -32.76 -1.92 -5.14
N ILE A 1010 -32.09 -1.26 -4.21
CA ILE A 1010 -30.76 -0.76 -4.50
C ILE A 1010 -29.75 -1.90 -4.47
N LEU A 1011 -29.86 -2.76 -3.47
CA LEU A 1011 -28.86 -3.80 -3.30
C LEU A 1011 -29.02 -4.91 -4.33
N LEU A 1012 -30.19 -5.01 -4.96
CA LEU A 1012 -30.33 -6.04 -5.96
C LEU A 1012 -30.01 -5.50 -7.34
N SER A 1013 -30.21 -4.21 -7.58
CA SER A 1013 -29.79 -3.62 -8.85
C SER A 1013 -28.28 -3.65 -8.97
N SER A 1014 -27.59 -3.25 -7.90
CA SER A 1014 -26.14 -3.22 -7.88
C SER A 1014 -25.54 -4.61 -7.86
N GLY A 1015 -26.28 -5.60 -7.37
CA GLY A 1015 -25.76 -6.95 -7.34
C GLY A 1015 -25.77 -7.59 -8.71
N VAL A 1016 -26.72 -7.20 -9.55
CA VAL A 1016 -26.68 -7.62 -10.94
C VAL A 1016 -25.61 -6.84 -11.67
N LEU A 1017 -25.27 -5.65 -11.16
CA LEU A 1017 -24.29 -4.79 -11.83
C LEU A 1017 -22.89 -5.37 -11.81
N ALA A 1018 -22.54 -6.14 -10.79
CA ALA A 1018 -21.23 -6.75 -10.72
C ALA A 1018 -21.07 -7.97 -11.63
N PHE A 1019 -22.11 -8.37 -12.34
CA PHE A 1019 -22.00 -9.42 -13.34
C PHE A 1019 -21.52 -8.91 -14.68
N GLU A 1020 -20.87 -7.77 -14.74
CA GLU A 1020 -20.76 -7.06 -16.02
C GLU A 1020 -19.69 -7.67 -16.91
N ASP A 1021 -18.56 -8.09 -16.35
CA ASP A 1021 -17.40 -8.20 -17.23
C ASP A 1021 -17.20 -9.60 -17.77
N ILE A 1022 -15.99 -9.72 -18.35
CA ILE A 1022 -15.60 -10.60 -19.42
C ILE A 1022 -16.44 -11.83 -19.54
N TYR A 1023 -16.58 -12.52 -18.43
CA TYR A 1023 -17.25 -13.80 -18.48
C TYR A 1023 -18.71 -13.69 -18.87
N ILE A 1024 -19.21 -12.48 -19.13
CA ILE A 1024 -20.62 -12.31 -19.43
C ILE A 1024 -20.94 -12.86 -20.83
N TRP A 1025 -19.93 -12.97 -21.68
CA TRP A 1025 -20.20 -13.57 -22.98
C TRP A 1025 -20.22 -15.08 -22.89
N ARG A 1026 -19.74 -15.63 -21.78
CA ARG A 1026 -19.67 -17.08 -21.63
C ARG A 1026 -20.99 -17.70 -21.20
N ARG A 1027 -21.67 -17.06 -20.26
CA ARG A 1027 -23.00 -17.50 -19.87
C ARG A 1027 -24.01 -16.66 -20.62
N ARG A 1028 -25.00 -17.31 -21.22
CA ARG A 1028 -25.89 -16.60 -22.13
C ARG A 1028 -27.11 -16.05 -21.43
N VAL A 1029 -27.65 -16.78 -20.45
CA VAL A 1029 -28.92 -16.38 -19.85
C VAL A 1029 -28.74 -15.13 -18.98
N ILE A 1030 -27.58 -15.01 -18.33
CA ILE A 1030 -27.38 -13.89 -17.42
C ILE A 1030 -27.09 -12.61 -18.18
N LYS A 1031 -26.63 -12.71 -19.43
CA LYS A 1031 -26.65 -11.55 -20.31
C LYS A 1031 -28.07 -11.10 -20.60
N VAL A 1032 -29.00 -12.04 -20.65
CA VAL A 1032 -30.38 -11.69 -20.93
C VAL A 1032 -31.07 -11.18 -19.68
N ILE A 1033 -30.77 -11.78 -18.54
CA ILE A 1033 -31.38 -11.37 -17.27
C ILE A 1033 -30.99 -9.94 -16.92
N LEU A 1034 -29.74 -9.61 -17.13
CA LEU A 1034 -29.24 -8.26 -16.87
C LEU A 1034 -29.90 -7.23 -17.78
N GLU A 1035 -30.09 -7.61 -19.03
CA GLU A 1035 -30.66 -6.71 -20.04
C GLU A 1035 -32.09 -6.27 -19.72
N TYR A 1036 -32.90 -7.21 -19.23
CA TYR A 1036 -34.30 -6.90 -18.96
C TYR A 1036 -34.55 -6.43 -17.54
N ALA A 1037 -33.71 -6.81 -16.59
CA ALA A 1037 -33.98 -6.42 -15.20
C ALA A 1037 -33.74 -4.95 -14.97
N ASP A 1038 -32.79 -4.35 -15.68
CA ASP A 1038 -32.46 -2.96 -15.41
C ASP A 1038 -33.57 -2.01 -15.81
N LYS A 1039 -34.45 -2.41 -16.74
CA LYS A 1039 -35.60 -1.57 -16.99
C LYS A 1039 -36.52 -1.50 -15.78
N VAL A 1040 -36.80 -2.65 -15.18
CA VAL A 1040 -37.66 -2.71 -13.99
C VAL A 1040 -37.04 -1.97 -12.82
N PHE A 1041 -35.73 -2.14 -12.64
CA PHE A 1041 -35.03 -1.44 -11.56
C PHE A 1041 -35.08 0.06 -11.80
N THR A 1042 -34.93 0.46 -13.06
CA THR A 1042 -35.03 1.85 -13.46
C THR A 1042 -36.44 2.38 -13.20
N TYR A 1043 -37.43 1.56 -13.49
CA TYR A 1043 -38.82 1.96 -13.35
C TYR A 1043 -39.20 2.14 -11.89
N VAL A 1044 -38.65 1.31 -11.01
CA VAL A 1044 -38.86 1.49 -9.59
C VAL A 1044 -38.29 2.84 -9.16
N PHE A 1045 -37.12 3.18 -9.67
CA PHE A 1045 -36.52 4.46 -9.33
C PHE A 1045 -37.19 5.62 -10.04
N ILE A 1046 -37.94 5.38 -11.11
CA ILE A 1046 -38.78 6.43 -11.67
C ILE A 1046 -39.95 6.70 -10.74
N VAL A 1047 -40.58 5.64 -10.24
CA VAL A 1047 -41.67 5.78 -9.29
C VAL A 1047 -41.18 6.47 -8.02
N GLU A 1048 -39.97 6.15 -7.60
CA GLU A 1048 -39.43 6.81 -6.40
C GLU A 1048 -39.15 8.28 -6.66
N MET A 1049 -38.58 8.60 -7.83
CA MET A 1049 -38.36 9.98 -8.21
C MET A 1049 -39.68 10.72 -8.37
N LEU A 1050 -40.73 10.02 -8.80
CA LEU A 1050 -42.04 10.62 -8.82
C LEU A 1050 -42.51 10.92 -7.40
N LEU A 1051 -42.44 9.92 -6.52
CA LEU A 1051 -43.08 10.07 -5.23
C LEU A 1051 -42.25 10.90 -4.27
N LYS A 1052 -40.97 11.10 -4.55
CA LYS A 1052 -40.22 12.10 -3.77
C LYS A 1052 -40.71 13.49 -4.08
N TRP A 1053 -41.15 13.73 -5.33
CA TRP A 1053 -41.55 15.07 -5.72
C TRP A 1053 -42.83 15.51 -5.04
N VAL A 1054 -43.89 14.72 -5.18
CA VAL A 1054 -45.16 15.11 -4.59
C VAL A 1054 -45.16 14.95 -3.08
N ALA A 1055 -44.11 14.32 -2.54
CA ALA A 1055 -43.87 14.41 -1.10
C ALA A 1055 -43.28 15.75 -0.72
N TYR A 1056 -42.16 16.09 -1.32
CA TYR A 1056 -41.39 17.21 -0.81
C TYR A 1056 -41.65 18.48 -1.59
N GLY A 1057 -41.97 18.36 -2.86
CA GLY A 1057 -42.10 19.58 -3.61
C GLY A 1057 -40.76 20.04 -4.16
N PHE A 1058 -40.82 20.77 -5.28
CA PHE A 1058 -39.64 21.09 -6.08
C PHE A 1058 -38.63 21.94 -5.32
N LYS A 1059 -39.08 22.77 -4.38
CA LYS A 1059 -38.11 23.51 -3.57
C LYS A 1059 -37.41 22.58 -2.60
N ARG A 1060 -38.17 21.83 -1.81
CA ARG A 1060 -37.55 21.08 -0.73
C ARG A 1060 -36.87 19.82 -1.24
N TYR A 1061 -37.19 19.39 -2.46
CA TYR A 1061 -36.53 18.21 -3.00
C TYR A 1061 -35.12 18.53 -3.45
N PHE A 1062 -34.98 19.57 -4.27
CA PHE A 1062 -33.66 19.90 -4.81
C PHE A 1062 -32.71 20.43 -3.75
N THR A 1063 -33.20 21.06 -2.70
CA THR A 1063 -32.28 21.67 -1.75
C THR A 1063 -31.67 20.66 -0.80
N ASP A 1064 -32.31 19.50 -0.61
CA ASP A 1064 -31.67 18.45 0.17
C ASP A 1064 -30.47 17.89 -0.58
N ALA A 1065 -29.37 17.68 0.15
CA ALA A 1065 -28.10 17.35 -0.48
C ALA A 1065 -28.12 15.94 -1.05
N TRP A 1066 -28.52 14.99 -0.23
CA TRP A 1066 -28.54 13.64 -0.70
C TRP A 1066 -29.52 13.51 -1.86
N CYS A 1067 -30.63 14.24 -1.82
CA CYS A 1067 -31.70 13.98 -2.77
C CYS A 1067 -31.35 14.49 -4.16
N TRP A 1068 -30.22 15.18 -4.27
CA TRP A 1068 -29.68 15.59 -5.55
C TRP A 1068 -29.29 14.38 -6.40
N LEU A 1069 -28.70 13.38 -5.75
CA LEU A 1069 -28.17 12.22 -6.45
C LEU A 1069 -29.25 11.42 -7.12
N ASP A 1070 -30.36 11.20 -6.41
CA ASP A 1070 -31.44 10.40 -6.98
C ASP A 1070 -32.09 11.11 -8.16
N PHE A 1071 -31.97 12.44 -8.23
CA PHE A 1071 -32.32 13.10 -9.49
C PHE A 1071 -31.28 12.85 -10.56
N VAL A 1072 -30.01 12.76 -10.20
CA VAL A 1072 -28.98 12.67 -11.21
C VAL A 1072 -28.91 11.27 -11.78
N ILE A 1073 -28.78 10.26 -10.91
CA ILE A 1073 -28.53 8.90 -11.38
C ILE A 1073 -29.75 8.35 -12.10
N VAL A 1074 -30.95 8.54 -11.54
CA VAL A 1074 -32.14 8.10 -12.24
C VAL A 1074 -32.41 9.02 -13.44
N GLY A 1075 -31.96 10.27 -13.36
CA GLY A 1075 -32.05 11.14 -14.52
C GLY A 1075 -31.14 10.70 -15.65
N ALA A 1076 -30.03 10.05 -15.32
CA ALA A 1076 -29.21 9.47 -16.37
C ALA A 1076 -29.81 8.18 -16.88
N SER A 1077 -30.80 7.64 -16.17
CA SER A 1077 -31.57 6.55 -16.73
C SER A 1077 -32.71 7.02 -17.61
N ILE A 1078 -33.14 8.28 -17.48
CA ILE A 1078 -34.02 8.84 -18.50
C ILE A 1078 -33.28 8.98 -19.81
N MET A 1079 -32.09 9.56 -19.77
CA MET A 1079 -31.34 9.82 -20.99
C MET A 1079 -30.73 8.56 -21.59
N GLY A 1080 -30.85 7.42 -20.92
CA GLY A 1080 -30.43 6.17 -21.51
C GLY A 1080 -31.56 5.45 -22.23
N ILE A 1081 -32.74 5.42 -21.61
CA ILE A 1081 -33.89 4.76 -22.23
C ILE A 1081 -34.41 5.57 -23.41
N THR A 1082 -34.09 6.87 -23.46
CA THR A 1082 -34.49 7.72 -24.57
C THR A 1082 -33.78 7.33 -25.86
N SER A 1083 -32.48 7.04 -25.79
CA SER A 1083 -31.67 7.03 -27.01
C SER A 1083 -31.86 5.78 -27.86
N SER A 1084 -32.80 4.89 -27.54
CA SER A 1084 -33.27 3.95 -28.53
C SER A 1084 -34.00 4.66 -29.66
N LEU A 1085 -34.62 5.79 -29.34
CA LEU A 1085 -35.40 6.57 -30.30
C LEU A 1085 -34.83 7.98 -30.45
N ILE A 1094 -23.74 8.61 -24.27
CA ILE A 1094 -24.42 7.60 -25.07
C ILE A 1094 -23.81 6.28 -24.65
N LYS A 1095 -22.57 6.07 -25.06
CA LYS A 1095 -21.68 5.15 -24.35
C LYS A 1095 -21.07 5.85 -23.15
N ASN A 1096 -21.27 7.18 -23.06
CA ASN A 1096 -20.94 7.94 -21.86
C ASN A 1096 -21.73 7.42 -20.66
N LEU A 1097 -23.01 7.13 -20.86
CA LEU A 1097 -23.88 6.85 -19.73
C LEU A 1097 -23.83 5.41 -19.25
N ARG A 1098 -22.80 4.65 -19.63
CA ARG A 1098 -22.59 3.40 -18.91
C ARG A 1098 -21.78 3.63 -17.65
N THR A 1099 -21.14 4.79 -17.61
CA THR A 1099 -20.40 5.29 -16.46
C THR A 1099 -21.28 5.65 -15.26
N ILE A 1100 -22.41 6.30 -15.53
CA ILE A 1100 -23.25 6.77 -14.44
C ILE A 1100 -23.93 5.60 -13.81
N ARG A 1101 -24.43 4.69 -14.64
CA ARG A 1101 -25.11 3.51 -14.14
C ARG A 1101 -24.11 2.75 -13.30
N ALA A 1102 -22.87 2.71 -13.77
CA ALA A 1102 -21.81 2.10 -12.98
C ALA A 1102 -21.55 2.85 -11.69
N LEU A 1103 -22.17 4.00 -11.50
CA LEU A 1103 -22.01 4.78 -10.29
C LEU A 1103 -23.23 4.69 -9.38
N ARG A 1104 -24.30 4.04 -9.83
CA ARG A 1104 -25.51 3.96 -9.02
C ARG A 1104 -25.41 3.29 -7.65
N PRO A 1105 -24.48 2.37 -7.33
CA PRO A 1105 -24.42 1.94 -5.93
C PRO A 1105 -23.74 2.93 -5.02
N LEU A 1106 -23.44 4.13 -5.49
CA LEU A 1106 -23.11 5.22 -4.59
C LEU A 1106 -24.34 5.76 -3.87
N ARG A 1107 -25.54 5.42 -4.32
CA ARG A 1107 -26.69 6.06 -3.71
C ARG A 1107 -27.07 5.42 -2.40
N ALA A 1108 -26.44 4.32 -2.00
CA ALA A 1108 -26.79 3.70 -0.73
C ALA A 1108 -26.26 4.51 0.45
N LEU A 1109 -25.43 5.52 0.18
CA LEU A 1109 -24.96 6.44 1.20
C LEU A 1109 -26.11 7.19 1.85
N SER A 1110 -27.16 7.49 1.10
CA SER A 1110 -28.25 8.24 1.69
C SER A 1110 -29.10 7.36 2.59
N ARG A 1111 -29.34 6.15 2.09
CA ARG A 1111 -30.22 5.14 2.69
C ARG A 1111 -29.79 4.50 4.02
N PHE A 1112 -28.52 4.15 4.14
CA PHE A 1112 -28.00 3.57 5.38
C PHE A 1112 -27.51 4.66 6.32
N GLU A 1113 -28.00 4.63 7.56
CA GLU A 1113 -27.67 5.66 8.54
C GLU A 1113 -26.19 5.73 8.92
N GLY A 1114 -25.55 4.57 9.07
CA GLY A 1114 -24.18 4.53 9.55
C GLY A 1114 -23.17 5.21 8.65
N MET A 1115 -23.30 5.03 7.35
CA MET A 1115 -22.41 5.66 6.38
C MET A 1115 -22.56 7.18 6.42
N LYS A 1116 -23.78 7.65 6.60
CA LYS A 1116 -24.08 9.07 6.50
C LYS A 1116 -23.28 9.84 7.53
N VAL A 1117 -23.16 9.28 8.73
CA VAL A 1117 -22.38 9.93 9.78
C VAL A 1117 -20.94 10.12 9.32
N VAL A 1118 -20.40 9.12 8.63
CA VAL A 1118 -19.04 9.17 8.10
C VAL A 1118 -18.96 10.20 6.97
N VAL A 1119 -19.98 10.24 6.11
CA VAL A 1119 -20.00 11.21 5.03
C VAL A 1119 -20.08 12.63 5.60
N ARG A 1120 -20.91 12.80 6.62
CA ARG A 1120 -21.05 14.10 7.30
C ARG A 1120 -19.78 14.53 7.98
N ALA A 1121 -19.14 13.63 8.72
CA ALA A 1121 -17.91 14.00 9.39
C ALA A 1121 -16.83 14.36 8.40
N LEU A 1122 -16.71 13.56 7.35
CA LEU A 1122 -15.69 13.79 6.34
C LEU A 1122 -15.92 15.10 5.63
N LEU A 1123 -17.17 15.46 5.41
CA LEU A 1123 -17.43 16.68 4.68
C LEU A 1123 -16.82 17.80 5.51
N GLY A 1124 -16.98 17.72 6.83
CA GLY A 1124 -16.40 18.72 7.70
C GLY A 1124 -14.90 18.77 7.54
N ALA A 1125 -14.29 17.60 7.43
CA ALA A 1125 -12.86 17.52 7.21
C ALA A 1125 -12.38 18.21 5.92
N ILE A 1126 -13.18 18.07 4.87
CA ILE A 1126 -12.78 18.46 3.52
C ILE A 1126 -12.46 19.94 3.35
N PRO A 1127 -13.30 20.86 4.02
CA PRO A 1127 -12.99 22.27 3.70
C PRO A 1127 -11.57 22.66 4.11
N SER A 1128 -11.14 22.25 5.29
CA SER A 1128 -9.77 22.51 5.74
C SER A 1128 -8.76 21.79 4.85
N ILE A 1129 -9.11 20.58 4.44
CA ILE A 1129 -8.19 19.74 3.71
C ILE A 1129 -7.80 20.49 2.45
N MET A 1130 -8.78 21.17 1.87
CA MET A 1130 -8.52 21.99 0.69
C MET A 1130 -7.39 22.99 0.94
N ASN A 1131 -7.37 23.59 2.13
CA ASN A 1131 -6.37 24.60 2.43
C ASN A 1131 -5.00 23.97 2.68
N VAL A 1132 -5.00 22.81 3.33
CA VAL A 1132 -3.78 22.03 3.51
C VAL A 1132 -3.26 21.58 2.15
N LEU A 1133 -4.18 21.15 1.29
CA LEU A 1133 -3.80 20.74 -0.05
C LEU A 1133 -3.22 21.88 -0.86
N LEU A 1134 -3.76 23.08 -0.68
CA LEU A 1134 -3.27 24.19 -1.46
C LEU A 1134 -1.81 24.45 -1.15
N VAL A 1135 -1.45 24.36 0.13
CA VAL A 1135 -0.05 24.54 0.51
C VAL A 1135 0.84 23.55 -0.24
N CYS A 1136 0.53 22.27 -0.07
CA CYS A 1136 1.37 21.20 -0.59
C CYS A 1136 1.49 21.22 -2.11
N LEU A 1137 0.39 21.50 -2.80
CA LEU A 1137 0.44 21.56 -4.25
C LEU A 1137 1.39 22.69 -4.65
N MET A 1138 1.25 23.84 -4.00
CA MET A 1138 2.14 24.95 -4.24
C MET A 1138 3.57 24.65 -3.81
N PHE A 1139 3.72 24.03 -2.64
CA PHE A 1139 5.04 23.70 -2.13
C PHE A 1139 5.79 22.69 -2.98
N TRP A 1140 5.07 21.64 -3.41
CA TRP A 1140 5.64 20.65 -4.31
C TRP A 1140 5.97 21.28 -5.65
N LEU A 1141 5.08 22.17 -6.09
CA LEU A 1141 5.18 22.82 -7.38
C LEU A 1141 6.59 23.33 -7.63
N ILE A 1142 7.20 23.91 -6.59
CA ILE A 1142 8.57 24.39 -6.69
C ILE A 1142 9.49 23.22 -6.96
N PHE A 1143 9.24 22.10 -6.30
CA PHE A 1143 9.99 20.88 -6.55
C PHE A 1143 9.75 20.38 -7.97
N SER A 1144 8.50 20.45 -8.41
CA SER A 1144 8.16 19.99 -9.76
C SER A 1144 8.85 20.84 -10.82
N ILE A 1145 8.89 22.15 -10.61
CA ILE A 1145 9.56 23.06 -11.53
C ILE A 1145 11.06 22.78 -11.55
N MET A 1146 11.63 22.57 -10.37
CA MET A 1146 13.05 22.27 -10.23
C MET A 1146 13.41 20.95 -10.91
N GLY A 1147 12.53 19.97 -10.75
CA GLY A 1147 12.76 18.64 -11.28
C GLY A 1147 12.86 18.58 -12.79
N VAL A 1148 12.00 19.34 -13.44
CA VAL A 1148 11.98 19.36 -14.88
C VAL A 1148 13.32 19.87 -15.37
N ASN A 1149 13.87 20.86 -14.68
CA ASN A 1149 15.12 21.44 -15.12
C ASN A 1149 16.25 20.45 -15.09
N LEU A 1150 16.33 19.68 -14.02
CA LEU A 1150 17.37 18.68 -13.90
C LEU A 1150 17.29 17.48 -14.87
N PHE A 1151 16.08 16.97 -15.07
CA PHE A 1151 15.87 15.63 -15.58
C PHE A 1151 15.14 15.56 -16.91
N ALA A 1152 14.48 16.63 -17.35
CA ALA A 1152 13.51 16.58 -18.43
C ALA A 1152 14.09 16.12 -19.74
N GLY A 1153 13.50 15.05 -20.28
CA GLY A 1153 13.97 14.46 -21.49
C GLY A 1153 15.29 13.76 -21.38
N LYS A 1154 15.86 13.69 -20.18
CA LYS A 1154 17.11 12.95 -20.01
C LYS A 1154 16.82 11.51 -19.66
N PHE A 1155 15.56 11.16 -19.45
CA PHE A 1155 15.17 9.80 -19.08
C PHE A 1155 15.11 8.85 -20.24
N TYR A 1156 15.20 9.32 -21.47
CA TYR A 1156 15.19 8.46 -22.64
C TYR A 1156 16.34 7.48 -22.58
N ARG A 1157 16.05 6.23 -22.90
CA ARG A 1157 17.05 5.18 -22.83
C ARG A 1157 17.02 4.38 -24.12
N CYS A 1158 18.20 4.04 -24.63
CA CYS A 1158 18.24 3.24 -25.84
C CYS A 1158 18.20 1.76 -25.49
N ILE A 1159 17.10 1.09 -25.83
CA ILE A 1159 16.79 -0.21 -25.25
C ILE A 1159 16.79 -1.30 -26.32
N ASN A 1160 17.48 -2.40 -26.04
CA ASN A 1160 17.42 -3.58 -26.90
C ASN A 1160 16.07 -4.25 -26.70
N THR A 1161 15.50 -4.81 -27.77
CA THR A 1161 14.16 -5.34 -27.66
C THR A 1161 14.14 -6.70 -27.01
N THR A 1162 15.19 -7.48 -27.23
CA THR A 1162 15.14 -8.91 -26.95
C THR A 1162 15.25 -9.18 -25.45
N THR A 1163 16.18 -8.54 -24.78
CA THR A 1163 16.34 -8.76 -23.35
C THR A 1163 15.73 -7.63 -22.54
N ASP A 1164 15.41 -6.51 -23.19
CA ASP A 1164 15.06 -5.24 -22.53
C ASP A 1164 16.14 -4.80 -21.55
N GLU A 1165 17.38 -5.03 -21.93
CA GLU A 1165 18.54 -4.35 -21.36
C GLU A 1165 18.81 -3.11 -22.17
N ILE A 1166 19.07 -2.02 -21.48
CA ILE A 1166 19.52 -0.77 -22.08
C ILE A 1166 20.86 -1.01 -22.79
N LEU A 1167 21.06 -0.38 -23.94
CA LEU A 1167 22.30 -0.60 -24.67
C LEU A 1167 23.47 0.10 -23.97
N PRO A 1168 24.59 -0.57 -23.97
CA PRO A 1168 25.71 -0.33 -23.07
C PRO A 1168 26.30 1.07 -23.12
N VAL A 1169 26.35 1.68 -24.29
CA VAL A 1169 27.09 2.94 -24.49
C VAL A 1169 28.52 2.70 -24.95
N GLU A 1170 28.85 1.44 -25.21
CA GLU A 1170 29.97 1.13 -26.06
C GLU A 1170 29.57 1.71 -27.41
N GLU A 1171 28.32 1.46 -27.76
CA GLU A 1171 27.67 2.18 -28.84
C GLU A 1171 26.29 2.73 -28.45
N VAL A 1172 26.15 4.04 -28.58
CA VAL A 1172 24.89 4.71 -28.86
C VAL A 1172 24.80 6.02 -28.12
N ASN A 1173 25.90 6.73 -27.99
CA ASN A 1173 25.97 7.83 -27.04
C ASN A 1173 24.86 8.83 -27.35
N ASN A 1174 24.58 9.02 -28.64
CA ASN A 1174 23.56 9.97 -29.05
C ASN A 1174 22.35 9.16 -29.44
N ARG A 1175 21.19 9.80 -29.48
CA ARG A 1175 20.08 9.14 -30.13
C ARG A 1175 20.22 9.21 -31.64
N SER A 1176 21.00 10.17 -32.12
CA SER A 1176 21.14 10.34 -33.56
C SER A 1176 21.94 9.18 -34.16
N ASP A 1177 22.82 8.58 -33.37
CA ASP A 1177 23.50 7.36 -33.81
C ASP A 1177 22.78 6.10 -33.39
N CYS A 1178 21.78 6.24 -32.52
CA CYS A 1178 20.89 5.14 -32.17
C CYS A 1178 20.07 4.70 -33.37
N MET A 1179 19.65 5.68 -34.17
CA MET A 1179 18.78 5.45 -35.32
C MET A 1179 19.42 4.57 -36.38
N ALA A 1180 20.71 4.75 -36.60
CA ALA A 1180 21.41 4.00 -37.64
C ALA A 1180 21.36 2.51 -37.36
N LEU A 1181 21.50 2.15 -36.08
CA LEU A 1181 21.43 0.76 -35.67
C LEU A 1181 20.03 0.19 -35.97
N MET A 1182 19.02 0.99 -35.73
CA MET A 1182 17.63 0.57 -35.97
C MET A 1182 17.41 0.23 -37.44
N TYR A 1183 17.99 1.03 -38.32
CA TYR A 1183 17.90 0.81 -39.76
C TYR A 1183 18.29 -0.62 -40.12
N THR A 1184 19.41 -1.11 -39.58
CA THR A 1184 19.84 -2.46 -39.91
C THR A 1184 19.12 -3.52 -39.08
N ASN A 1185 18.68 -3.15 -37.88
CA ASN A 1185 18.33 -4.15 -36.88
C ASN A 1185 16.91 -3.89 -36.38
N GLU A 1186 16.64 -4.43 -35.19
CA GLU A 1186 15.37 -4.26 -34.47
C GLU A 1186 15.89 -3.88 -33.09
N VAL A 1187 15.89 -2.58 -32.81
CA VAL A 1187 16.25 -2.01 -31.51
C VAL A 1187 15.71 -0.58 -31.53
N ARG A 1188 15.10 -0.19 -30.42
CA ARG A 1188 14.23 0.97 -30.33
C ARG A 1188 14.58 1.89 -29.16
N TRP A 1189 14.13 3.15 -29.25
CA TRP A 1189 14.58 4.20 -28.37
C TRP A 1189 13.38 4.78 -27.66
N VAL A 1190 13.14 4.33 -26.43
CA VAL A 1190 11.88 4.48 -25.73
C VAL A 1190 12.02 5.48 -24.61
N ASN A 1191 10.98 6.27 -24.41
CA ASN A 1191 10.86 7.20 -23.30
C ASN A 1191 10.69 6.44 -21.99
N LEU A 1192 10.80 7.15 -20.89
CA LEU A 1192 10.37 6.59 -19.64
C LEU A 1192 8.93 7.01 -19.44
N LYS A 1193 8.11 6.10 -18.93
CA LYS A 1193 6.66 6.31 -18.96
C LYS A 1193 6.20 7.33 -17.94
N VAL A 1194 6.67 7.23 -16.69
CA VAL A 1194 6.30 8.20 -15.67
C VAL A 1194 7.54 8.98 -15.22
N ASN A 1195 7.65 10.22 -15.67
CA ASN A 1195 8.89 10.93 -15.52
C ASN A 1195 8.63 12.43 -15.44
N TYR A 1196 9.72 13.19 -15.43
CA TYR A 1196 9.64 14.64 -15.31
C TYR A 1196 9.70 15.29 -16.68
N ASP A 1197 8.72 15.06 -17.56
CA ASP A 1197 8.79 15.72 -18.86
C ASP A 1197 8.06 17.05 -18.83
N ASN A 1198 7.02 17.16 -18.02
CA ASN A 1198 6.31 18.40 -17.82
C ASN A 1198 6.22 18.66 -16.34
N ALA A 1199 5.85 19.90 -16.01
CA ALA A 1199 5.71 20.26 -14.60
C ALA A 1199 4.55 19.53 -13.97
N GLY A 1200 3.60 19.08 -14.77
CA GLY A 1200 2.52 18.26 -14.25
C GLY A 1200 2.80 16.79 -14.39
N MET A 1201 3.49 16.39 -15.45
CA MET A 1201 3.88 14.99 -15.55
C MET A 1201 4.96 14.67 -14.54
N GLY A 1202 5.77 15.66 -14.20
CA GLY A 1202 6.69 15.50 -13.10
C GLY A 1202 5.98 15.46 -11.77
N TYR A 1203 4.81 16.08 -11.73
CA TYR A 1203 4.01 16.18 -10.53
C TYR A 1203 3.58 14.81 -10.11
N LEU A 1204 3.22 13.99 -11.09
CA LEU A 1204 2.86 12.60 -10.87
C LEU A 1204 4.04 11.80 -10.36
N SER A 1205 5.20 11.94 -11.02
CA SER A 1205 6.36 11.18 -10.59
C SER A 1205 6.86 11.65 -9.25
N LEU A 1206 6.46 12.84 -8.85
CA LEU A 1206 6.75 13.27 -7.50
C LEU A 1206 5.78 12.65 -6.51
N LEU A 1207 4.62 12.20 -6.96
CA LEU A 1207 3.74 11.51 -6.03
C LEU A 1207 4.24 10.10 -5.75
N GLN A 1208 4.79 9.46 -6.77
CA GLN A 1208 5.30 8.10 -6.62
C GLN A 1208 6.44 8.04 -5.60
N VAL A 1209 7.31 9.05 -5.62
CA VAL A 1209 8.44 9.06 -4.71
C VAL A 1209 8.07 9.61 -3.35
N SER A 1210 6.79 9.88 -3.10
CA SER A 1210 6.39 10.14 -1.73
C SER A 1210 5.80 8.91 -1.08
N THR A 1211 4.92 8.21 -1.78
CA THR A 1211 4.26 7.04 -1.23
C THR A 1211 5.05 5.76 -1.44
N PHE A 1212 6.32 5.88 -1.82
CA PHE A 1212 7.35 4.85 -1.76
C PHE A 1212 7.11 3.69 -2.67
N LYS A 1213 6.23 3.82 -3.66
CA LYS A 1213 5.92 2.68 -4.52
C LYS A 1213 6.27 3.04 -5.94
N GLY A 1214 7.09 2.21 -6.57
CA GLY A 1214 7.54 2.45 -7.91
C GLY A 1214 8.69 3.41 -8.02
N TRP A 1215 9.17 3.94 -6.89
CA TRP A 1215 10.17 4.99 -6.88
C TRP A 1215 11.53 4.50 -7.30
N MET A 1216 11.72 3.19 -7.36
CA MET A 1216 13.04 2.68 -7.68
C MET A 1216 13.34 2.89 -9.15
N ASP A 1217 12.33 2.66 -9.98
CA ASP A 1217 12.47 2.81 -11.42
C ASP A 1217 12.77 4.25 -11.76
N ILE A 1218 12.13 5.18 -11.04
CA ILE A 1218 12.26 6.60 -11.37
C ILE A 1218 13.71 7.02 -11.18
N MET A 1219 14.31 6.61 -10.07
CA MET A 1219 15.65 7.03 -9.72
C MET A 1219 16.69 6.50 -10.68
N TYR A 1220 16.57 5.23 -11.06
CA TYR A 1220 17.65 4.53 -11.76
C TYR A 1220 17.97 5.21 -13.07
N ALA A 1221 16.91 5.60 -13.77
CA ALA A 1221 17.02 6.46 -14.94
C ALA A 1221 17.60 7.82 -14.58
N ALA A 1222 17.18 8.34 -13.42
CA ALA A 1222 17.39 9.73 -13.08
C ALA A 1222 18.80 9.95 -12.57
N VAL A 1223 19.34 8.97 -11.86
CA VAL A 1223 20.76 8.93 -11.56
C VAL A 1223 21.58 8.96 -12.84
N ASP A 1224 21.20 8.13 -13.80
CA ASP A 1224 22.08 7.88 -14.95
C ASP A 1224 21.99 8.93 -16.04
N SER A 1225 21.23 9.99 -15.83
CA SER A 1225 21.00 10.96 -16.89
C SER A 1225 22.27 11.73 -17.22
N ARG A 1226 22.54 11.91 -18.52
CA ARG A 1226 23.72 12.66 -18.98
C ARG A 1226 23.45 14.00 -19.67
N GLU A 1227 22.62 13.98 -20.72
CA GLU A 1227 22.17 15.20 -21.37
C GLU A 1227 20.79 15.03 -21.97
N VAL A 1228 20.41 16.03 -22.77
CA VAL A 1228 19.09 16.05 -23.40
C VAL A 1228 19.02 14.99 -24.49
N GLU A 1229 20.14 14.70 -25.13
CA GLU A 1229 20.16 13.75 -26.23
C GLU A 1229 20.99 12.51 -25.95
N ASP A 1230 21.90 12.56 -24.96
CA ASP A 1230 22.86 11.50 -24.74
C ASP A 1230 22.19 10.25 -24.20
N GLN A 1231 22.90 9.16 -24.27
CA GLN A 1231 22.35 7.92 -23.78
C GLN A 1231 22.89 7.65 -22.39
N PRO A 1232 22.04 7.28 -21.43
CA PRO A 1232 22.46 7.13 -20.04
C PRO A 1232 23.36 5.91 -19.84
N ILE A 1233 24.57 6.15 -19.38
CA ILE A 1233 25.50 5.09 -19.01
C ILE A 1233 25.06 4.58 -17.65
N TYR A 1234 25.62 3.45 -17.19
CA TYR A 1234 25.08 2.74 -16.03
C TYR A 1234 25.12 3.49 -14.72
N GLU A 1235 26.16 4.27 -14.45
CA GLU A 1235 26.23 4.78 -13.08
C GLU A 1235 26.85 6.17 -13.01
N ILE A 1236 26.61 7.02 -14.00
CA ILE A 1236 27.04 8.39 -13.87
C ILE A 1236 26.13 9.08 -12.86
N ASN A 1237 26.64 10.15 -12.27
CA ASN A 1237 25.86 11.16 -11.56
C ASN A 1237 25.09 10.57 -10.38
N VAL A 1238 25.79 9.83 -9.52
CA VAL A 1238 25.11 9.12 -8.44
C VAL A 1238 24.85 10.03 -7.27
N TYR A 1239 25.25 11.29 -7.36
CA TYR A 1239 24.88 12.21 -6.31
C TYR A 1239 23.49 12.76 -6.46
N MET A 1240 22.77 12.37 -7.52
CA MET A 1240 21.41 12.87 -7.66
C MET A 1240 20.39 12.03 -6.89
N TYR A 1241 20.81 11.14 -5.99
CA TYR A 1241 19.84 10.63 -5.04
C TYR A 1241 19.46 11.69 -4.04
N LEU A 1242 20.26 12.75 -3.94
CA LEU A 1242 19.96 13.79 -2.98
C LEU A 1242 18.67 14.50 -3.31
N TYR A 1243 18.37 14.67 -4.59
CA TYR A 1243 17.14 15.39 -4.96
C TYR A 1243 15.91 14.67 -4.46
N PHE A 1244 15.96 13.35 -4.41
CA PHE A 1244 14.83 12.68 -3.80
C PHE A 1244 14.92 12.75 -2.28
N VAL A 1245 16.13 12.65 -1.72
CA VAL A 1245 16.28 12.71 -0.28
C VAL A 1245 16.04 14.13 0.23
N ILE A 1246 16.43 15.14 -0.55
CA ILE A 1246 16.13 16.50 -0.14
C ILE A 1246 14.66 16.82 -0.35
N PHE A 1247 13.97 15.98 -1.13
CA PHE A 1247 12.53 16.09 -1.24
C PHE A 1247 11.82 15.35 -0.13
N ILE A 1248 12.05 14.04 -0.04
CA ILE A 1248 11.22 13.11 0.72
C ILE A 1248 11.18 13.46 2.20
N VAL A 1249 12.16 14.25 2.67
CA VAL A 1249 12.16 14.88 3.97
C VAL A 1249 11.31 16.13 3.93
N PHE A 1250 11.59 17.05 2.99
CA PHE A 1250 10.85 18.31 3.01
C PHE A 1250 9.49 18.17 2.37
N GLY A 1251 9.25 17.12 1.60
CA GLY A 1251 8.01 17.04 0.88
C GLY A 1251 7.07 15.95 1.31
N ALA A 1252 7.57 15.04 2.13
CA ALA A 1252 6.75 13.93 2.63
C ALA A 1252 6.68 13.99 4.14
N PHE A 1253 7.79 14.29 4.80
CA PHE A 1253 7.80 14.30 6.25
C PHE A 1253 7.19 15.58 6.77
N PHE A 1254 7.80 16.74 6.43
CA PHE A 1254 7.28 18.01 6.91
C PHE A 1254 5.94 18.37 6.26
N THR A 1255 5.66 17.86 5.07
CA THR A 1255 4.36 18.08 4.47
C THR A 1255 3.29 17.34 5.25
N LEU A 1256 3.48 16.03 5.42
CA LEU A 1256 2.47 15.18 6.03
C LEU A 1256 2.33 15.48 7.50
N ASN A 1257 3.41 15.94 8.14
CA ASN A 1257 3.32 16.28 9.54
C ASN A 1257 2.52 17.54 9.74
N LEU A 1258 2.41 18.37 8.71
CA LEU A 1258 1.51 19.49 8.79
C LEU A 1258 0.08 19.05 8.61
N PHE A 1259 -0.13 18.10 7.69
CA PHE A 1259 -1.47 17.62 7.36
C PHE A 1259 -2.15 16.97 8.56
N ILE A 1260 -1.39 16.20 9.32
CA ILE A 1260 -1.91 15.61 10.55
C ILE A 1260 -2.03 16.69 11.62
N GLY A 1261 -1.22 17.73 11.52
CA GLY A 1261 -1.29 18.81 12.48
C GLY A 1261 -2.55 19.65 12.36
N VAL A 1262 -3.23 19.60 11.22
CA VAL A 1262 -4.40 20.42 11.06
C VAL A 1262 -5.65 19.63 11.38
N ILE A 1263 -5.69 18.35 10.96
CA ILE A 1263 -6.83 17.50 11.22
C ILE A 1263 -7.05 17.25 12.71
N ILE A 1264 -5.99 16.91 13.43
CA ILE A 1264 -6.18 16.56 14.82
C ILE A 1264 -6.44 17.81 15.66
N ASP A 1265 -6.28 19.00 15.06
CA ASP A 1265 -6.93 20.18 15.58
C ASP A 1265 -8.35 20.32 15.04
N ASN A 1266 -8.57 19.91 13.80
CA ASN A 1266 -9.87 20.13 13.16
C ASN A 1266 -10.94 19.24 13.78
N PHE A 1267 -10.54 18.12 14.37
CA PHE A 1267 -11.46 17.32 15.17
C PHE A 1267 -11.45 17.70 16.64
N ASN A 1268 -10.62 18.66 17.04
CA ASN A 1268 -10.77 19.22 18.38
C ASN A 1268 -11.83 20.29 18.41
N ARG A 1269 -11.95 21.04 17.32
CA ARG A 1269 -13.02 22.03 17.10
C ARG A 1269 -14.45 21.47 16.90
N GLN A 1270 -14.57 20.42 16.11
CA GLN A 1270 -15.85 19.81 15.76
C GLN A 1270 -16.40 18.94 16.87
N LYS A 1271 -15.54 18.30 17.64
CA LYS A 1271 -16.03 17.45 18.71
C LYS A 1271 -16.50 18.26 19.91
N GLN A 1272 -15.76 19.31 20.26
CA GLN A 1272 -16.15 20.15 21.39
C GLN A 1272 -17.25 21.13 21.01
N LYS A 1273 -16.93 22.01 20.05
CA LYS A 1273 -17.88 23.01 19.54
C LYS A 1273 -19.09 22.55 18.70
N LEU A 1274 -18.91 21.64 17.75
CA LEU A 1274 -20.01 21.19 16.93
C LEU A 1274 -20.56 19.84 17.37
N GLY A 1275 -19.82 19.11 18.22
CA GLY A 1275 -20.21 17.77 18.58
C GLY A 1275 -21.43 17.71 19.47
N GLY A 1276 -22.41 16.90 19.07
CA GLY A 1276 -23.59 16.69 19.91
C GLY A 1276 -23.24 15.91 21.16
N GLU A 1277 -22.80 14.66 20.99
CA GLU A 1277 -22.11 13.97 22.06
C GLU A 1277 -20.73 13.53 21.59
N ASP A 1278 -20.72 12.75 20.52
CA ASP A 1278 -19.50 12.28 19.86
C ASP A 1278 -19.87 11.87 18.44
N LEU A 1279 -18.94 11.17 17.80
CA LEU A 1279 -19.00 11.05 16.36
C LEU A 1279 -18.94 9.59 15.95
N PHE A 1280 -19.22 9.35 14.67
CA PHE A 1280 -19.15 8.06 13.96
C PHE A 1280 -20.18 7.06 14.45
N MET A 1281 -21.15 7.47 15.26
CA MET A 1281 -22.11 6.57 15.86
C MET A 1281 -23.48 7.22 15.81
N THR A 1282 -24.52 6.45 15.48
CA THR A 1282 -25.73 7.10 15.02
C THR A 1282 -26.67 7.55 16.14
N GLU A 1283 -27.43 6.65 16.75
CA GLU A 1283 -28.11 6.98 18.00
C GLU A 1283 -28.17 5.76 18.89
N GLU A 1284 -28.31 4.58 18.28
CA GLU A 1284 -28.38 3.38 19.09
C GLU A 1284 -26.99 2.80 19.30
N GLN A 1285 -26.06 3.15 18.41
CA GLN A 1285 -24.68 2.75 18.62
C GLN A 1285 -24.07 3.47 19.80
N LYS A 1286 -24.57 4.67 20.11
CA LYS A 1286 -24.10 5.36 21.30
C LYS A 1286 -24.52 4.63 22.57
N LYS A 1287 -25.73 4.07 22.59
CA LYS A 1287 -26.17 3.34 23.76
C LYS A 1287 -25.45 2.00 23.89
N TYR A 1288 -25.19 1.34 22.77
CA TYR A 1288 -24.50 0.06 22.84
C TYR A 1288 -23.03 0.25 23.16
N TYR A 1289 -22.46 1.40 22.79
CA TYR A 1289 -21.16 1.81 23.29
C TYR A 1289 -21.17 1.91 24.81
N ASN A 1290 -22.22 2.53 25.34
CA ASN A 1290 -22.35 2.72 26.78
C ASN A 1290 -22.71 1.42 27.48
N ALA A 1291 -23.30 0.46 26.76
CA ALA A 1291 -23.51 -0.86 27.32
C ALA A 1291 -22.19 -1.59 27.48
N MET A 1292 -21.22 -1.27 26.65
CA MET A 1292 -19.91 -1.89 26.80
C MET A 1292 -19.02 -1.16 27.79
N LYS A 1293 -19.42 0.04 28.24
CA LYS A 1293 -18.61 0.71 29.26
C LYS A 1293 -18.88 0.10 30.64
N LYS A 1294 -20.13 -0.26 30.92
CA LYS A 1294 -20.46 -0.83 32.23
C LYS A 1294 -19.97 -2.27 32.39
N LEU A 1295 -19.66 -2.91 31.25
CA LEU A 1295 -19.08 -4.24 31.26
C LEU A 1295 -17.66 -4.28 31.78
N GLY A 1296 -16.81 -3.39 31.30
CA GLY A 1296 -15.44 -3.39 31.74
C GLY A 1296 -15.20 -2.97 33.18
N SER A 1297 -15.81 -1.84 33.55
CA SER A 1297 -15.59 -1.23 34.86
C SER A 1297 -16.12 -2.04 36.04
N LYS A 1298 -17.32 -2.59 35.86
CA LYS A 1298 -17.97 -3.33 36.92
C LYS A 1298 -18.41 -4.71 36.47
N LYS A 1299 -18.14 -5.69 37.32
CA LYS A 1299 -18.65 -7.05 37.14
C LYS A 1299 -17.85 -7.98 38.05
N ALA A 1300 -18.35 -8.22 39.26
CA ALA A 1300 -17.56 -8.87 40.30
C ALA A 1300 -18.50 -9.64 41.23
N ALA A 1301 -18.41 -10.97 41.19
CA ALA A 1301 -19.13 -11.79 42.14
C ALA A 1301 -18.17 -12.43 43.15
N LYS A 1302 -18.72 -12.80 44.30
CA LYS A 1302 -17.95 -13.33 45.42
C LYS A 1302 -17.87 -14.85 45.34
N CYS A 1303 -17.56 -15.45 46.49
CA CYS A 1303 -17.34 -16.89 46.61
C CYS A 1303 -18.63 -17.66 46.31
N ILE A 1304 -18.50 -18.77 45.61
CA ILE A 1304 -19.64 -19.44 45.02
C ILE A 1304 -19.56 -20.95 45.21
N PRO A 1305 -20.67 -21.54 45.65
CA PRO A 1305 -20.85 -23.00 45.56
C PRO A 1305 -19.75 -23.82 46.20
N ARG A 1306 -19.39 -23.52 47.44
CA ARG A 1306 -18.41 -24.32 48.14
C ARG A 1306 -19.00 -25.73 48.20
N PRO A 1307 -20.30 -25.80 48.43
CA PRO A 1307 -21.06 -27.03 48.17
C PRO A 1307 -20.45 -28.26 48.83
N SER A 1308 -20.11 -28.17 50.11
CA SER A 1308 -19.43 -29.28 50.76
C SER A 1308 -20.30 -30.53 50.67
N ASN A 1309 -19.65 -31.64 50.34
CA ASN A 1309 -20.33 -32.92 50.11
C ASN A 1309 -19.31 -34.03 49.93
N VAL A 1310 -19.68 -35.21 50.44
CA VAL A 1310 -18.86 -36.41 50.39
C VAL A 1310 -18.63 -36.87 48.95
N VAL A 1311 -19.47 -36.39 48.05
CA VAL A 1311 -19.35 -36.61 46.62
C VAL A 1311 -18.55 -35.49 45.94
N GLN A 1312 -18.43 -34.32 46.58
CA GLN A 1312 -17.80 -33.19 45.93
C GLN A 1312 -17.02 -32.31 46.92
N GLY A 1313 -16.15 -32.92 47.73
CA GLY A 1313 -15.61 -32.19 48.87
C GLY A 1313 -14.63 -31.05 48.66
N VAL A 1314 -13.39 -31.37 48.29
CA VAL A 1314 -12.27 -30.43 48.32
C VAL A 1314 -12.10 -29.97 46.88
N VAL A 1315 -13.12 -30.24 46.07
CA VAL A 1315 -13.13 -29.83 44.68
C VAL A 1315 -13.26 -28.31 44.57
N TYR A 1316 -13.86 -27.69 45.58
CA TYR A 1316 -13.86 -26.23 45.65
C TYR A 1316 -12.47 -25.67 45.88
N ASP A 1317 -11.61 -26.44 46.56
CA ASP A 1317 -10.21 -26.06 46.60
C ASP A 1317 -9.55 -26.23 45.24
N ILE A 1318 -10.02 -27.19 44.46
CA ILE A 1318 -9.38 -27.49 43.17
C ILE A 1318 -9.61 -26.36 42.18
N VAL A 1319 -10.81 -25.79 42.16
CA VAL A 1319 -11.08 -24.69 41.24
C VAL A 1319 -10.44 -23.40 41.73
N THR A 1320 -10.45 -23.15 43.05
CA THR A 1320 -10.21 -21.81 43.53
C THR A 1320 -8.83 -21.55 44.10
N GLN A 1321 -7.99 -22.55 44.23
CA GLN A 1321 -6.71 -22.26 44.84
C GLN A 1321 -5.74 -21.70 43.79
N PRO A 1322 -4.96 -20.67 44.12
CA PRO A 1322 -3.98 -20.14 43.15
C PRO A 1322 -2.75 -21.01 42.96
N PHE A 1323 -2.70 -22.19 43.57
CA PHE A 1323 -1.75 -23.22 43.13
C PHE A 1323 -2.15 -23.75 41.75
N THR A 1324 -3.42 -23.62 41.39
CA THR A 1324 -3.91 -24.09 40.10
C THR A 1324 -3.74 -23.04 39.01
N ASP A 1325 -4.19 -21.81 39.29
CA ASP A 1325 -4.49 -20.83 38.26
C ASP A 1325 -3.25 -20.44 37.47
N ILE A 1326 -2.12 -20.32 38.15
CA ILE A 1326 -0.88 -20.02 37.45
C ILE A 1326 -0.38 -21.26 36.73
N PHE A 1327 -0.66 -22.44 37.26
CA PHE A 1327 -0.16 -23.66 36.63
C PHE A 1327 -0.86 -23.97 35.31
N ILE A 1328 -2.08 -23.47 35.12
CA ILE A 1328 -2.78 -23.71 33.86
C ILE A 1328 -2.24 -22.79 32.78
N MET A 1329 -1.64 -21.69 33.22
CA MET A 1329 -0.90 -20.82 32.32
C MET A 1329 0.25 -21.63 31.73
N ALA A 1330 0.86 -22.47 32.56
CA ALA A 1330 1.99 -23.26 32.10
C ALA A 1330 1.54 -24.32 31.11
N LEU A 1331 0.31 -24.81 31.27
CA LEU A 1331 -0.15 -25.89 30.39
C LEU A 1331 -0.49 -25.38 29.01
N ILE A 1332 -0.82 -24.10 28.88
CA ILE A 1332 -0.86 -23.52 27.56
C ILE A 1332 0.55 -23.27 27.06
N CYS A 1333 1.44 -22.80 27.95
CA CYS A 1333 2.73 -22.27 27.49
C CYS A 1333 3.62 -23.37 26.95
N ILE A 1334 3.57 -24.56 27.54
CA ILE A 1334 4.27 -25.68 26.93
C ILE A 1334 3.54 -26.12 25.68
N ASN A 1335 2.21 -26.03 25.66
CA ASN A 1335 1.48 -26.33 24.44
C ASN A 1335 1.73 -25.26 23.38
N MET A 1336 2.01 -24.02 23.79
CA MET A 1336 2.32 -22.98 22.81
C MET A 1336 3.65 -23.27 22.14
N VAL A 1337 4.64 -23.69 22.90
CA VAL A 1337 5.90 -24.05 22.25
C VAL A 1337 5.82 -25.44 21.67
N ALA A 1338 4.78 -26.20 21.99
CA ALA A 1338 4.61 -27.47 21.31
C ALA A 1338 4.27 -27.24 19.85
N MET A 1339 3.45 -26.25 19.57
CA MET A 1339 3.09 -25.97 18.18
C MET A 1339 4.10 -25.08 17.46
N MET A 1340 5.13 -24.60 18.16
CA MET A 1340 6.12 -23.77 17.51
C MET A 1340 7.24 -24.58 16.89
N VAL A 1341 7.32 -25.87 17.19
CA VAL A 1341 8.33 -26.67 16.54
C VAL A 1341 7.82 -27.33 15.28
N GLU A 1342 6.58 -27.05 14.90
CA GLU A 1342 6.01 -27.69 13.73
C GLU A 1342 6.62 -26.99 12.52
N SER A 1343 7.56 -27.64 11.85
CA SER A 1343 8.19 -27.12 10.64
C SER A 1343 7.86 -28.04 9.49
N GLU A 1344 8.32 -27.70 8.29
CA GLU A 1344 8.00 -28.52 7.15
C GLU A 1344 9.17 -29.45 6.82
N ASP A 1345 8.83 -30.64 6.32
CA ASP A 1345 9.71 -31.78 6.07
C ASP A 1345 10.44 -32.13 7.35
N GLN A 1346 9.71 -32.64 8.35
CA GLN A 1346 10.35 -32.96 9.62
C GLN A 1346 10.47 -34.45 9.92
N SER A 1347 9.72 -35.25 9.16
CA SER A 1347 9.70 -36.71 9.30
C SER A 1347 8.63 -37.15 10.30
N GLN A 1348 8.20 -38.40 10.20
CA GLN A 1348 7.10 -38.88 11.00
C GLN A 1348 7.41 -38.86 12.48
N VAL A 1349 8.63 -39.25 12.83
CA VAL A 1349 8.92 -39.54 14.22
C VAL A 1349 8.68 -38.30 15.02
N LYS A 1350 9.19 -37.17 14.54
CA LYS A 1350 8.94 -35.89 15.18
C LYS A 1350 7.45 -35.56 15.11
N LYS A 1351 6.85 -35.83 13.96
CA LYS A 1351 5.43 -35.61 13.76
C LYS A 1351 4.59 -36.49 14.67
N ASP A 1352 5.01 -37.74 14.83
CA ASP A 1352 4.30 -38.69 15.67
C ASP A 1352 4.28 -38.24 17.12
N ILE A 1353 5.41 -37.71 17.59
CA ILE A 1353 5.50 -37.19 18.95
C ILE A 1353 4.55 -36.02 19.15
N LEU A 1354 4.48 -35.16 18.14
CA LEU A 1354 3.58 -34.01 18.19
C LEU A 1354 2.12 -34.44 18.27
N SER A 1355 1.78 -35.46 17.49
CA SER A 1355 0.41 -35.99 17.50
C SER A 1355 0.08 -36.58 18.86
N GLN A 1356 1.01 -37.31 19.45
CA GLN A 1356 0.81 -37.85 20.79
C GLN A 1356 0.69 -36.72 21.80
N ILE A 1357 1.56 -35.72 21.66
CA ILE A 1357 1.55 -34.59 22.57
C ILE A 1357 0.25 -33.81 22.51
N ASN A 1358 -0.29 -33.65 21.30
CA ASN A 1358 -1.52 -32.90 21.11
C ASN A 1358 -2.70 -33.55 21.82
N VAL A 1359 -2.77 -34.86 21.75
CA VAL A 1359 -3.84 -35.60 22.41
C VAL A 1359 -3.80 -35.40 23.92
N ILE A 1360 -2.60 -35.42 24.48
CA ILE A 1360 -2.41 -35.24 25.92
C ILE A 1360 -2.87 -33.86 26.37
N PHE A 1361 -2.58 -32.84 25.57
CA PHE A 1361 -2.94 -31.47 25.91
C PHE A 1361 -4.46 -31.28 25.95
N VAL A 1362 -5.15 -31.87 24.98
CA VAL A 1362 -6.61 -31.78 24.90
C VAL A 1362 -7.26 -32.43 26.12
N ILE A 1363 -6.72 -33.58 26.52
CA ILE A 1363 -7.26 -34.33 27.65
C ILE A 1363 -7.14 -33.56 28.96
N ILE A 1364 -6.02 -32.85 29.12
CA ILE A 1364 -5.76 -32.13 30.37
C ILE A 1364 -6.78 -31.03 30.64
N PHE A 1365 -7.17 -30.31 29.59
CA PHE A 1365 -8.11 -29.21 29.75
C PHE A 1365 -9.52 -29.74 29.81
N THR A 1366 -9.79 -30.79 29.05
CA THR A 1366 -11.11 -31.43 29.08
C THR A 1366 -11.38 -32.03 30.44
N VAL A 1367 -10.38 -32.68 31.02
CA VAL A 1367 -10.49 -33.13 32.40
C VAL A 1367 -10.63 -31.93 33.33
N GLU A 1368 -9.86 -30.87 33.07
CA GLU A 1368 -9.87 -29.70 33.95
C GLU A 1368 -11.20 -28.97 33.90
N CYS A 1369 -11.68 -28.70 32.69
CA CYS A 1369 -12.94 -28.01 32.49
C CYS A 1369 -14.09 -28.84 33.07
N LEU A 1370 -14.00 -30.15 32.86
CA LEU A 1370 -14.98 -31.08 33.41
C LEU A 1370 -14.92 -31.00 34.93
N LEU A 1371 -13.71 -30.89 35.46
CA LEU A 1371 -13.51 -30.75 36.90
C LEU A 1371 -14.16 -29.47 37.40
N LYS A 1372 -14.02 -28.40 36.63
CA LYS A 1372 -14.64 -27.13 36.99
C LYS A 1372 -16.15 -27.21 36.95
N LEU A 1373 -16.70 -27.95 35.99
CA LEU A 1373 -18.14 -28.02 35.83
C LEU A 1373 -18.85 -28.68 37.02
N LEU A 1374 -18.29 -29.78 37.49
CA LEU A 1374 -18.90 -30.50 38.61
C LEU A 1374 -18.89 -29.71 39.92
N ALA A 1375 -17.75 -29.08 40.21
CA ALA A 1375 -17.59 -28.33 41.45
C ALA A 1375 -18.49 -27.11 41.54
N LEU A 1376 -18.60 -26.38 40.44
CA LEU A 1376 -19.35 -25.12 40.41
C LEU A 1376 -20.79 -25.25 39.95
N ARG A 1377 -21.22 -26.46 39.60
CA ARG A 1377 -22.55 -26.62 39.04
C ARG A 1377 -22.93 -25.30 38.34
N GLN A 1378 -24.07 -24.73 38.69
CA GLN A 1378 -24.59 -23.55 37.99
C GLN A 1378 -23.70 -22.31 38.05
N TYR A 1379 -23.08 -22.07 39.21
CA TYR A 1379 -22.37 -20.81 39.46
C TYR A 1379 -21.19 -20.49 38.54
N PHE A 1380 -20.36 -21.49 38.24
CA PHE A 1380 -19.16 -21.26 37.44
C PHE A 1380 -19.49 -20.77 36.02
N PHE A 1381 -20.52 -21.37 35.44
CA PHE A 1381 -20.99 -21.04 34.11
C PHE A 1381 -21.05 -19.53 34.08
N THR A 1382 -21.24 -18.91 35.23
CA THR A 1382 -21.20 -17.46 35.26
C THR A 1382 -19.95 -16.76 34.70
N VAL A 1383 -18.73 -17.20 35.04
CA VAL A 1383 -17.56 -16.38 34.54
C VAL A 1383 -17.45 -16.36 33.01
N GLY A 1384 -17.22 -15.26 32.29
CA GLY A 1384 -17.25 -15.57 30.87
C GLY A 1384 -15.96 -16.16 30.35
N TRP A 1385 -14.90 -16.01 31.14
CA TRP A 1385 -13.64 -16.70 30.88
C TRP A 1385 -13.83 -18.22 30.99
N ASN A 1386 -14.59 -18.64 32.01
CA ASN A 1386 -14.93 -20.04 32.16
C ASN A 1386 -15.76 -20.48 30.96
N VAL A 1387 -16.70 -19.63 30.56
CA VAL A 1387 -17.49 -19.86 29.37
C VAL A 1387 -16.58 -19.86 28.15
N PHE A 1388 -15.64 -18.93 28.09
CA PHE A 1388 -14.69 -18.95 26.99
C PHE A 1388 -13.88 -20.22 27.11
N ASP A 1389 -13.44 -20.53 28.34
CA ASP A 1389 -12.68 -21.75 28.54
C ASP A 1389 -13.49 -22.95 28.05
N PHE A 1390 -14.79 -22.92 28.32
CA PHE A 1390 -15.68 -23.99 27.88
C PHE A 1390 -16.09 -23.78 26.43
N ALA A 1391 -15.88 -22.58 25.90
CA ALA A 1391 -15.99 -22.42 24.45
C ALA A 1391 -14.88 -23.21 23.76
N VAL A 1392 -13.64 -23.06 24.22
CA VAL A 1392 -12.50 -23.45 23.40
C VAL A 1392 -12.26 -24.97 23.46
N VAL A 1393 -12.55 -25.59 24.62
CA VAL A 1393 -12.22 -27.01 24.76
C VAL A 1393 -13.19 -27.86 23.97
N VAL A 1394 -14.45 -27.42 23.91
CA VAL A 1394 -15.46 -28.10 23.10
C VAL A 1394 -15.06 -28.05 21.63
N ILE A 1395 -14.43 -26.96 21.22
CA ILE A 1395 -13.90 -26.87 19.86
C ILE A 1395 -12.75 -27.85 19.65
N SER A 1396 -11.88 -27.99 20.65
CA SER A 1396 -10.67 -28.78 20.47
C SER A 1396 -10.95 -30.28 20.51
N ILE A 1397 -12.10 -30.68 21.07
CA ILE A 1397 -12.52 -32.06 20.98
C ILE A 1397 -12.78 -32.44 19.53
N ILE A 1398 -13.38 -31.51 18.78
CA ILE A 1398 -13.79 -31.77 17.40
C ILE A 1398 -12.56 -31.91 16.51
N GLY A 1399 -11.44 -31.32 16.94
CA GLY A 1399 -10.27 -31.23 16.06
C GLY A 1399 -9.59 -32.55 15.80
N LEU A 1400 -9.74 -33.51 16.72
CA LEU A 1400 -9.13 -34.82 16.52
C LEU A 1400 -10.07 -35.82 15.86
N LEU A 1401 -11.36 -35.73 16.13
CA LEU A 1401 -12.29 -36.64 15.49
C LEU A 1401 -12.48 -36.32 14.01
N LEU A 1402 -12.27 -35.05 13.65
CA LEU A 1402 -12.28 -34.64 12.26
C LEU A 1402 -11.07 -35.22 11.53
N SER A 1403 -9.96 -35.37 12.25
CA SER A 1403 -8.76 -35.96 11.66
C SER A 1403 -8.89 -37.45 11.48
N ASP A 1404 -9.67 -38.13 12.33
CA ASP A 1404 -9.94 -39.55 12.11
C ASP A 1404 -10.90 -39.76 10.96
N ILE A 1405 -11.62 -38.71 10.55
CA ILE A 1405 -12.37 -38.76 9.30
C ILE A 1405 -11.43 -38.66 8.11
N ILE A 1406 -10.61 -37.62 8.09
CA ILE A 1406 -9.83 -37.29 6.90
C ILE A 1406 -8.52 -38.07 6.87
N SER A 1412 -9.98 -34.02 1.18
CA SER A 1412 -9.87 -32.56 1.07
C SER A 1412 -8.71 -32.03 1.90
N PRO A 1413 -7.73 -31.44 1.23
CA PRO A 1413 -6.65 -30.79 1.99
C PRO A 1413 -7.07 -29.46 2.58
N THR A 1414 -7.95 -28.75 1.89
CA THR A 1414 -8.29 -27.38 2.27
C THR A 1414 -9.05 -27.36 3.60
N LEU A 1415 -9.91 -28.34 3.81
CA LEU A 1415 -10.66 -28.41 5.06
C LEU A 1415 -9.75 -28.75 6.23
N PHE A 1416 -8.75 -29.59 5.99
CA PHE A 1416 -8.00 -30.19 7.08
C PHE A 1416 -7.10 -29.19 7.80
N ARG A 1417 -6.52 -28.28 7.02
CA ARG A 1417 -5.69 -27.21 7.55
C ARG A 1417 -6.49 -26.26 8.45
N VAL A 1418 -7.71 -25.94 8.02
CA VAL A 1418 -8.53 -24.98 8.75
C VAL A 1418 -9.20 -25.66 9.95
N ILE A 1419 -9.15 -26.99 9.95
CA ILE A 1419 -9.48 -27.76 11.14
C ILE A 1419 -8.40 -27.54 12.21
N ARG A 1420 -7.14 -27.46 11.80
CA ARG A 1420 -6.05 -27.19 12.71
C ARG A 1420 -5.98 -25.73 13.12
N LEU A 1421 -6.70 -24.84 12.44
CA LEU A 1421 -6.81 -23.47 12.91
C LEU A 1421 -7.56 -23.41 14.24
N ALA A 1422 -8.37 -24.42 14.54
CA ALA A 1422 -9.08 -24.44 15.82
C ALA A 1422 -8.14 -24.68 16.98
N ARG A 1423 -6.96 -25.24 16.72
CA ARG A 1423 -6.02 -25.51 17.80
C ARG A 1423 -5.38 -24.25 18.33
N ILE A 1424 -5.45 -23.17 17.55
CA ILE A 1424 -4.78 -21.92 17.93
C ILE A 1424 -5.51 -21.27 19.10
N ALA A 1425 -6.80 -21.56 19.24
CA ALA A 1425 -7.62 -20.83 20.19
C ALA A 1425 -7.31 -21.21 21.63
N ARG A 1426 -6.60 -22.32 21.85
CA ARG A 1426 -6.08 -22.58 23.18
C ARG A 1426 -5.07 -21.54 23.61
N VAL A 1427 -4.31 -20.98 22.67
CA VAL A 1427 -3.29 -20.02 23.05
C VAL A 1427 -3.93 -18.69 23.39
N LEU A 1428 -5.14 -18.46 22.89
CA LEU A 1428 -5.87 -17.25 23.23
C LEU A 1428 -6.37 -17.24 24.66
N ARG A 1429 -6.30 -18.37 25.36
CA ARG A 1429 -6.74 -18.47 26.74
C ARG A 1429 -5.81 -17.71 27.68
N LEU A 1430 -4.60 -17.34 27.22
CA LEU A 1430 -3.63 -16.68 28.07
C LEU A 1430 -3.91 -15.21 28.31
N ILE A 1431 -5.02 -14.69 27.79
CA ILE A 1431 -5.26 -13.25 27.88
C ILE A 1431 -5.59 -12.86 29.31
N ARG A 1432 -6.45 -13.62 30.00
CA ARG A 1432 -6.88 -13.20 31.33
C ARG A 1432 -5.80 -13.39 32.38
N ALA A 1433 -4.71 -14.06 32.02
CA ALA A 1433 -3.48 -13.92 32.76
C ALA A 1433 -2.85 -12.53 32.62
N ALA A 1434 -2.84 -12.01 31.39
CA ALA A 1434 -2.04 -10.85 31.03
C ALA A 1434 -2.36 -9.50 31.68
N LYS A 1435 -3.64 -9.16 31.76
CA LYS A 1435 -4.03 -7.88 32.34
C LYS A 1435 -3.59 -6.71 31.46
N GLY A 1436 -2.28 -6.62 31.23
CA GLY A 1436 -1.71 -5.53 30.47
C GLY A 1436 -2.17 -5.50 29.03
N ILE A 1437 -2.16 -6.66 28.40
CA ILE A 1437 -2.73 -6.85 27.07
C ILE A 1437 -4.25 -6.66 27.07
N ARG A 1438 -4.89 -7.15 28.13
CA ARG A 1438 -6.33 -7.32 28.17
C ARG A 1438 -7.04 -5.99 28.26
N THR A 1439 -6.35 -4.97 28.75
CA THR A 1439 -6.97 -3.66 28.86
C THR A 1439 -7.09 -3.01 27.50
N LEU A 1440 -5.97 -2.93 26.76
CA LEU A 1440 -5.98 -2.27 25.47
C LEU A 1440 -6.75 -3.06 24.43
N LEU A 1441 -6.69 -4.38 24.50
CA LEU A 1441 -7.42 -5.21 23.55
C LEU A 1441 -8.92 -5.17 23.80
N PHE A 1442 -9.33 -4.82 25.01
CA PHE A 1442 -10.74 -4.53 25.26
C PHE A 1442 -11.19 -3.27 24.54
N ALA A 1443 -10.31 -2.29 24.40
CA ALA A 1443 -10.69 -1.05 23.75
C ALA A 1443 -10.91 -1.22 22.25
N LEU A 1444 -10.42 -2.32 21.68
CA LEU A 1444 -10.86 -2.74 20.36
C LEU A 1444 -12.37 -2.95 20.35
N MET A 1445 -12.85 -3.69 21.33
CA MET A 1445 -14.28 -3.96 21.44
C MET A 1445 -15.00 -2.65 21.63
N MET A 1446 -14.41 -1.74 22.40
CA MET A 1446 -15.11 -0.54 22.81
C MET A 1446 -15.49 0.29 21.59
N SER A 1447 -14.61 0.36 20.59
CA SER A 1447 -14.85 1.20 19.43
C SER A 1447 -15.04 0.42 18.15
N LEU A 1448 -15.36 -0.85 18.21
CA LEU A 1448 -15.55 -1.64 17.00
C LEU A 1448 -16.78 -1.27 16.16
N PRO A 1449 -17.96 -0.92 16.71
CA PRO A 1449 -19.03 -0.44 15.82
C PRO A 1449 -18.70 0.84 15.09
N ALA A 1450 -17.95 1.75 15.70
CA ALA A 1450 -17.45 2.89 14.95
C ALA A 1450 -16.41 2.44 13.94
N LEU A 1451 -15.83 1.28 14.18
CA LEU A 1451 -14.85 0.74 13.27
C LEU A 1451 -15.52 -0.13 12.24
N PHE A 1452 -16.84 -0.22 12.34
CA PHE A 1452 -17.61 -0.98 11.36
C PHE A 1452 -18.07 -0.07 10.24
N ASN A 1453 -18.45 1.17 10.56
CA ASN A 1453 -18.90 2.09 9.51
C ASN A 1453 -17.75 2.57 8.67
N ILE A 1454 -16.61 2.81 9.29
CA ILE A 1454 -15.47 3.36 8.58
C ILE A 1454 -15.10 2.38 7.50
N GLY A 1455 -15.24 1.10 7.77
CA GLY A 1455 -14.98 0.13 6.72
C GLY A 1455 -16.17 -0.02 5.79
N LEU A 1456 -17.38 0.24 6.29
CA LEU A 1456 -18.56 0.06 5.46
C LEU A 1456 -18.61 1.09 4.35
N LEU A 1457 -18.28 2.34 4.66
CA LEU A 1457 -18.12 3.31 3.59
C LEU A 1457 -16.88 3.00 2.77
N LEU A 1458 -15.88 2.40 3.39
CA LEU A 1458 -14.68 2.02 2.65
C LEU A 1458 -15.00 0.93 1.66
N PHE A 1459 -15.80 -0.05 2.06
CA PHE A 1459 -16.17 -1.11 1.12
C PHE A 1459 -17.03 -0.58 0.00
N LEU A 1460 -17.84 0.42 0.30
CA LEU A 1460 -18.65 1.09 -0.72
C LEU A 1460 -17.75 1.79 -1.73
N ILE A 1461 -16.71 2.45 -1.23
CA ILE A 1461 -15.75 3.13 -2.09
C ILE A 1461 -15.01 2.14 -2.98
N MET A 1462 -14.63 1.00 -2.39
CA MET A 1462 -13.98 -0.06 -3.15
C MET A 1462 -14.92 -0.59 -4.22
N PHE A 1463 -16.19 -0.72 -3.86
CA PHE A 1463 -17.20 -1.24 -4.77
C PHE A 1463 -17.36 -0.37 -6.01
N ILE A 1464 -17.33 0.94 -5.84
CA ILE A 1464 -17.50 1.84 -6.96
C ILE A 1464 -16.35 1.71 -7.93
N PHE A 1465 -15.12 1.70 -7.41
CA PHE A 1465 -13.98 1.67 -8.31
C PHE A 1465 -13.80 0.31 -8.94
N SER A 1466 -14.41 -0.73 -8.40
CA SER A 1466 -14.27 -2.05 -8.99
C SER A 1466 -15.04 -2.12 -10.29
N ILE A 1467 -16.31 -1.72 -10.27
CA ILE A 1467 -17.14 -1.80 -11.46
C ILE A 1467 -16.73 -0.73 -12.46
N PHE A 1468 -16.21 0.39 -11.97
CA PHE A 1468 -15.62 1.35 -12.89
C PHE A 1468 -14.32 0.82 -13.46
N GLY A 1469 -13.65 -0.06 -12.75
CA GLY A 1469 -12.43 -0.66 -13.29
C GLY A 1469 -12.72 -1.66 -14.38
N MET A 1470 -13.74 -2.48 -14.17
CA MET A 1470 -14.03 -3.61 -15.06
C MET A 1470 -14.46 -3.14 -16.44
N SER A 1471 -15.28 -2.10 -16.50
CA SER A 1471 -15.75 -1.64 -17.79
C SER A 1471 -14.69 -0.87 -18.57
N ASN A 1472 -13.56 -0.57 -17.95
CA ASN A 1472 -12.47 0.11 -18.63
C ASN A 1472 -11.22 -0.75 -18.71
N PHE A 1473 -10.74 -1.22 -17.58
CA PHE A 1473 -9.40 -1.76 -17.46
C PHE A 1473 -9.36 -3.27 -17.40
N ALA A 1474 -10.34 -3.95 -17.95
CA ALA A 1474 -10.08 -5.33 -18.31
C ALA A 1474 -9.26 -5.32 -19.59
N TYR A 1475 -8.73 -6.48 -19.93
CA TYR A 1475 -7.92 -6.63 -21.12
C TYR A 1475 -7.14 -5.40 -21.49
N VAL A 1476 -6.22 -5.05 -20.60
CA VAL A 1476 -5.11 -4.17 -20.93
C VAL A 1476 -3.87 -5.06 -20.92
N LYS A 1477 -2.78 -4.62 -21.56
CA LYS A 1477 -1.67 -5.54 -21.80
C LYS A 1477 -0.94 -5.89 -20.52
N LYS A 1478 -1.04 -7.15 -20.12
CA LYS A 1478 -0.71 -7.57 -18.76
C LYS A 1478 0.79 -7.55 -18.53
N GLN A 1479 1.28 -6.46 -17.94
CA GLN A 1479 2.68 -6.31 -17.58
C GLN A 1479 2.74 -5.79 -16.16
N GLY A 1480 3.74 -6.24 -15.41
CA GLY A 1480 3.93 -5.67 -14.10
C GLY A 1480 3.00 -6.21 -13.04
N GLY A 1481 2.07 -5.39 -12.60
CA GLY A 1481 1.23 -5.75 -11.49
C GLY A 1481 -0.04 -6.49 -11.83
N VAL A 1482 -0.28 -6.76 -13.11
CA VAL A 1482 -1.54 -7.31 -13.55
C VAL A 1482 -1.36 -8.67 -14.19
N ASP A 1483 -0.46 -9.47 -13.61
CA ASP A 1483 0.15 -10.59 -14.33
C ASP A 1483 -0.84 -11.62 -14.84
N ASP A 1484 -1.45 -12.38 -13.93
CA ASP A 1484 -2.37 -13.44 -14.35
C ASP A 1484 -3.60 -13.53 -13.46
N ILE A 1485 -3.51 -12.96 -12.26
CA ILE A 1485 -4.57 -12.99 -11.29
C ILE A 1485 -5.06 -11.58 -10.99
N PHE A 1486 -4.14 -10.64 -10.86
CA PHE A 1486 -4.48 -9.37 -10.26
C PHE A 1486 -4.85 -8.39 -11.36
N ASN A 1487 -5.87 -8.74 -12.10
CA ASN A 1487 -6.30 -7.98 -13.26
C ASN A 1487 -7.70 -7.49 -12.99
N PHE A 1488 -8.17 -6.57 -13.80
CA PHE A 1488 -9.54 -6.17 -13.60
C PHE A 1488 -10.44 -6.93 -14.55
N GLU A 1489 -10.29 -8.25 -14.62
CA GLU A 1489 -11.13 -9.00 -15.55
C GLU A 1489 -12.54 -9.15 -15.06
N THR A 1490 -12.73 -9.21 -13.75
CA THR A 1490 -14.01 -9.52 -13.17
C THR A 1490 -14.20 -8.65 -11.94
N PHE A 1491 -15.28 -8.93 -11.21
CA PHE A 1491 -15.39 -8.43 -9.85
C PHE A 1491 -14.69 -9.38 -8.90
N GLY A 1492 -14.40 -10.59 -9.36
CA GLY A 1492 -13.62 -11.50 -8.53
C GLY A 1492 -12.23 -10.98 -8.27
N ASN A 1493 -11.53 -10.60 -9.33
CA ASN A 1493 -10.13 -10.25 -9.19
C ASN A 1493 -9.94 -8.78 -8.87
N SER A 1494 -10.94 -7.95 -9.11
CA SER A 1494 -10.77 -6.53 -8.86
C SER A 1494 -10.73 -6.24 -7.37
N MET A 1495 -11.62 -6.88 -6.61
CA MET A 1495 -11.72 -6.62 -5.19
C MET A 1495 -10.42 -6.98 -4.47
N ILE A 1496 -9.80 -8.07 -4.91
CA ILE A 1496 -8.46 -8.41 -4.47
C ILE A 1496 -7.48 -7.34 -4.93
N CYS A 1497 -7.58 -6.95 -6.19
CA CYS A 1497 -6.61 -6.02 -6.71
C CYS A 1497 -6.69 -4.67 -6.04
N LEU A 1498 -7.89 -4.20 -5.77
CA LEU A 1498 -8.04 -2.91 -5.13
C LEU A 1498 -7.51 -2.85 -3.72
N PHE A 1499 -7.76 -3.91 -2.95
CA PHE A 1499 -7.43 -3.83 -1.53
C PHE A 1499 -5.94 -3.59 -1.42
N GLU A 1500 -5.18 -4.32 -2.20
CA GLU A 1500 -3.75 -4.13 -2.30
C GLU A 1500 -3.41 -2.67 -2.44
N ILE A 1501 -4.34 -1.88 -2.95
CA ILE A 1501 -4.01 -0.52 -3.31
C ILE A 1501 -4.62 0.47 -2.34
N THR A 1502 -5.50 -0.02 -1.47
CA THR A 1502 -6.09 0.80 -0.42
C THR A 1502 -5.04 1.30 0.57
N THR A 1503 -4.10 0.42 0.95
CA THR A 1503 -2.98 0.82 1.77
C THR A 1503 -1.83 1.37 0.96
N SER A 1504 -2.05 1.68 -0.31
CA SER A 1504 -1.15 2.40 -1.20
C SER A 1504 0.17 1.65 -1.39
N ALA A 1505 0.03 0.36 -1.67
CA ALA A 1505 1.11 -0.47 -2.13
C ALA A 1505 0.83 -0.90 -3.55
N GLY A 1506 1.86 -0.98 -4.36
CA GLY A 1506 1.71 -1.48 -5.70
C GLY A 1506 0.89 -0.63 -6.61
N TRP A 1507 0.70 0.66 -6.30
CA TRP A 1507 -0.14 1.44 -7.17
C TRP A 1507 0.62 1.76 -8.43
N ASP A 1508 1.94 1.78 -8.35
CA ASP A 1508 2.78 1.90 -9.54
C ASP A 1508 2.60 0.68 -10.42
N GLY A 1509 2.49 -0.47 -9.77
CA GLY A 1509 2.42 -1.77 -10.42
C GLY A 1509 1.22 -1.70 -11.34
N LEU A 1510 0.10 -1.21 -10.81
CA LEU A 1510 -1.13 -1.07 -11.58
C LEU A 1510 -1.03 -0.07 -12.74
N LEU A 1511 -0.34 1.04 -12.48
CA LEU A 1511 -0.34 2.20 -13.38
C LEU A 1511 0.22 2.00 -14.79
N LEU A 1512 1.30 1.22 -14.90
CA LEU A 1512 2.04 1.14 -16.16
C LEU A 1512 1.22 0.59 -17.33
N PRO A 1513 0.39 -0.51 -17.05
CA PRO A 1513 -0.34 -1.01 -18.23
C PRO A 1513 -1.32 0.02 -18.78
N THR A 1514 -2.00 0.73 -17.90
CA THR A 1514 -3.06 1.67 -18.25
C THR A 1514 -2.47 2.93 -18.83
N LEU A 1515 -1.26 3.25 -18.41
CA LEU A 1515 -0.51 4.39 -18.94
C LEU A 1515 -0.14 4.19 -20.41
N ASN A 1516 0.27 2.97 -20.74
CA ASN A 1516 0.74 2.65 -22.08
C ASN A 1516 -0.37 2.78 -23.13
N THR A 1517 -0.02 3.35 -24.28
CA THR A 1517 -0.97 3.49 -25.37
C THR A 1517 -0.32 3.19 -26.72
N GLY A 1518 -1.13 2.69 -27.65
CA GLY A 1518 -0.71 2.49 -29.02
C GLY A 1518 0.36 1.45 -29.28
N PRO A 1519 0.71 1.30 -30.63
CA PRO A 1519 1.80 0.34 -30.84
C PRO A 1519 3.08 1.09 -31.21
N PRO A 1520 4.32 0.74 -30.63
CA PRO A 1520 4.34 -0.56 -29.93
C PRO A 1520 3.61 -0.57 -28.59
N ASP A 1521 3.29 -1.79 -28.12
CA ASP A 1521 2.57 -2.03 -26.88
C ASP A 1521 1.07 -2.06 -26.95
N CYS A 1522 0.53 -1.99 -28.15
CA CYS A 1522 -0.91 -2.19 -28.32
C CYS A 1522 -1.18 -2.94 -29.62
N ASP A 1523 -1.93 -4.03 -29.53
CA ASP A 1523 -2.20 -4.85 -30.69
C ASP A 1523 -3.46 -4.33 -31.35
N PRO A 1524 -3.89 -3.16 -30.90
CA PRO A 1524 -5.29 -2.78 -30.87
C PRO A 1524 -5.87 -2.90 -32.25
N ASP A 1525 -7.08 -3.42 -32.28
CA ASP A 1525 -7.61 -4.27 -33.31
C ASP A 1525 -7.35 -5.73 -32.93
N VAL A 1526 -6.67 -5.93 -31.81
CA VAL A 1526 -6.34 -7.27 -31.33
C VAL A 1526 -7.60 -8.00 -30.88
N GLU A 1527 -7.66 -9.30 -31.11
CA GLU A 1527 -8.83 -10.03 -30.67
C GLU A 1527 -8.49 -10.90 -29.49
N ASN A 1528 -9.09 -10.58 -28.34
CA ASN A 1528 -9.08 -11.50 -27.23
C ASN A 1528 -10.00 -12.59 -27.74
N PRO A 1529 -9.66 -13.91 -27.41
CA PRO A 1529 -10.56 -14.89 -28.01
C PRO A 1529 -11.73 -15.12 -27.09
N GLY A 1530 -12.91 -14.65 -27.48
CA GLY A 1530 -14.09 -14.88 -26.68
C GLY A 1530 -14.99 -13.71 -26.52
N THR A 1531 -14.43 -12.54 -26.25
CA THR A 1531 -15.26 -11.39 -25.97
C THR A 1531 -15.55 -10.61 -27.26
N ASP A 1532 -16.16 -9.45 -27.07
CA ASP A 1532 -16.59 -8.62 -28.20
C ASP A 1532 -15.77 -7.36 -28.43
N VAL A 1533 -14.69 -7.17 -27.68
CA VAL A 1533 -13.94 -5.92 -27.82
C VAL A 1533 -12.49 -6.07 -28.26
N ARG A 1534 -12.14 -5.39 -29.34
CA ARG A 1534 -10.78 -5.43 -29.87
C ARG A 1534 -9.83 -4.51 -29.13
N GLY A 1535 -8.54 -4.85 -29.17
CA GLY A 1535 -7.48 -3.98 -28.69
C GLY A 1535 -7.19 -4.24 -27.23
N ASN A 1536 -5.94 -4.11 -26.82
CA ASN A 1536 -5.59 -4.22 -25.42
C ASN A 1536 -5.10 -2.90 -24.87
N CYS A 1537 -5.29 -1.83 -25.62
CA CYS A 1537 -4.80 -0.51 -25.24
C CYS A 1537 -5.47 0.04 -23.99
N GLY A 1538 -4.67 0.68 -23.13
CA GLY A 1538 -5.18 1.31 -21.94
C GLY A 1538 -4.95 2.81 -21.97
N ASN A 1539 -6.00 3.57 -21.73
CA ASN A 1539 -5.93 5.04 -21.82
C ASN A 1539 -5.17 5.68 -20.67
N PRO A 1540 -4.38 6.70 -21.00
CA PRO A 1540 -3.65 7.49 -20.00
C PRO A 1540 -4.54 8.50 -19.31
N GLY A 1541 -5.67 8.86 -19.92
CA GLY A 1541 -6.60 9.74 -19.23
C GLY A 1541 -7.36 9.01 -18.14
N LYS A 1542 -8.00 7.91 -18.52
CA LYS A 1542 -8.75 7.13 -17.54
C LYS A 1542 -7.82 6.44 -16.55
N GLY A 1543 -6.56 6.27 -16.92
CA GLY A 1543 -5.66 5.51 -16.08
C GLY A 1543 -5.14 6.29 -14.90
N ILE A 1544 -4.81 7.57 -15.11
CA ILE A 1544 -4.20 8.36 -14.04
C ILE A 1544 -5.22 8.71 -12.98
N THR A 1545 -6.37 9.25 -13.40
CA THR A 1545 -7.32 9.76 -12.43
C THR A 1545 -8.06 8.65 -11.73
N PHE A 1546 -7.95 7.43 -12.23
CA PHE A 1546 -8.48 6.29 -11.49
C PHE A 1546 -7.71 6.11 -10.20
N PHE A 1547 -6.38 6.05 -10.29
CA PHE A 1547 -5.62 5.75 -9.09
C PHE A 1547 -5.36 6.98 -8.25
N CYS A 1548 -5.09 8.12 -8.88
CA CYS A 1548 -4.76 9.32 -8.14
C CYS A 1548 -5.97 9.86 -7.40
N SER A 1549 -7.17 9.59 -7.91
CA SER A 1549 -8.34 9.89 -7.11
C SER A 1549 -8.77 8.69 -6.28
N TYR A 1550 -8.03 7.59 -6.34
CA TYR A 1550 -8.28 6.55 -5.35
C TYR A 1550 -7.38 6.72 -4.16
N ILE A 1551 -6.13 7.12 -4.38
CA ILE A 1551 -5.18 7.27 -3.28
C ILE A 1551 -5.56 8.44 -2.40
N ILE A 1552 -6.10 9.51 -2.99
CA ILE A 1552 -6.65 10.59 -2.17
C ILE A 1552 -7.88 10.11 -1.42
N LEU A 1553 -8.73 9.30 -2.08
CA LEU A 1553 -9.80 8.67 -1.32
C LEU A 1553 -9.32 7.50 -0.48
N SER A 1554 -8.11 7.01 -0.73
CA SER A 1554 -7.55 6.06 0.22
C SER A 1554 -7.18 6.79 1.49
N PHE A 1555 -6.56 7.93 1.33
CA PHE A 1555 -5.78 8.47 2.43
C PHE A 1555 -6.64 9.31 3.35
N LEU A 1556 -7.85 9.67 2.91
CA LEU A 1556 -8.69 10.39 3.85
C LEU A 1556 -9.34 9.43 4.82
N VAL A 1557 -9.96 8.39 4.29
CA VAL A 1557 -10.86 7.56 5.09
C VAL A 1557 -10.09 6.67 6.04
N VAL A 1558 -8.88 6.25 5.66
CA VAL A 1558 -8.08 5.49 6.60
C VAL A 1558 -7.48 6.42 7.64
N VAL A 1559 -7.14 7.64 7.28
CA VAL A 1559 -6.75 8.62 8.30
C VAL A 1559 -7.94 9.03 9.13
N ASN A 1560 -9.14 8.98 8.54
CA ASN A 1560 -10.35 9.09 9.35
C ASN A 1560 -10.47 7.92 10.32
N MET A 1561 -10.03 6.73 9.92
CA MET A 1561 -10.14 5.56 10.79
C MET A 1561 -9.20 5.67 11.96
N TYR A 1562 -8.00 6.21 11.73
CA TYR A 1562 -7.03 6.35 12.79
C TYR A 1562 -7.50 7.36 13.83
N ILE A 1563 -8.39 8.27 13.46
CA ILE A 1563 -8.95 9.18 14.44
C ILE A 1563 -9.88 8.47 15.41
N ALA A 1564 -10.75 7.61 14.90
CA ALA A 1564 -11.72 6.96 15.78
C ALA A 1564 -11.12 5.83 16.59
N ILE A 1565 -9.82 5.55 16.42
CA ILE A 1565 -9.13 4.77 17.44
C ILE A 1565 -8.46 5.70 18.44
N ILE A 1566 -7.83 6.78 17.95
CA ILE A 1566 -6.95 7.58 18.80
C ILE A 1566 -7.74 8.40 19.81
N LEU A 1567 -8.90 8.92 19.43
CA LEU A 1567 -9.74 9.62 20.40
C LEU A 1567 -10.32 8.70 21.46
N GLU A 1568 -10.27 7.40 21.25
CA GLU A 1568 -10.81 6.44 22.20
C GLU A 1568 -9.75 5.86 23.13
N ASN A 1569 -8.53 5.66 22.65
CA ASN A 1569 -7.44 5.26 23.52
C ASN A 1569 -6.68 6.39 24.20
N PHE A 1570 -6.74 7.61 23.67
CA PHE A 1570 -6.44 8.81 24.46
C PHE A 1570 -7.67 9.25 25.26
N GLY A 1571 -8.87 8.79 24.87
CA GLY A 1571 -10.05 9.01 25.68
C GLY A 1571 -10.09 8.16 26.95
N VAL A 1572 -9.40 7.02 26.94
CA VAL A 1572 -9.25 6.24 28.17
C VAL A 1572 -8.25 6.82 29.17
N ALA A 1573 -7.23 7.52 28.67
CA ALA A 1573 -6.17 8.03 29.52
C ALA A 1573 -6.53 9.27 30.34
N GLN A 1574 -7.69 9.88 30.12
CA GLN A 1574 -8.06 11.01 30.97
C GLN A 1574 -9.04 10.63 32.07
N GLU A 1575 -10.02 9.77 31.80
CA GLU A 1575 -10.84 9.27 32.90
C GLU A 1575 -10.09 8.33 33.84
N GLU A 1576 -8.94 7.81 33.40
CA GLU A 1576 -8.15 6.91 34.23
C GLU A 1576 -7.31 7.69 35.24
N SER A 1577 -6.66 8.74 34.77
CA SER A 1577 -5.82 9.57 35.64
C SER A 1577 -6.65 10.24 36.72
N SER A 1578 -7.83 10.71 36.35
CA SER A 1578 -8.73 11.38 37.29
C SER A 1578 -10.01 10.58 37.50
N ALA B 24 -8.60 -10.08 -21.78
CA ALA B 24 -8.59 -11.41 -21.19
C ALA B 24 -8.94 -12.47 -22.24
N CYS B 25 -9.47 -13.59 -21.78
CA CYS B 25 -9.84 -14.69 -22.66
C CYS B 25 -10.79 -15.66 -21.98
N VAL B 26 -11.98 -15.83 -22.56
CA VAL B 26 -12.99 -16.72 -22.01
C VAL B 26 -13.63 -17.56 -23.10
N GLU B 27 -13.59 -18.88 -22.93
CA GLU B 27 -14.17 -19.80 -23.91
C GLU B 27 -15.69 -19.89 -23.75
N VAL B 28 -16.41 -19.80 -24.86
CA VAL B 28 -17.85 -19.87 -24.84
C VAL B 28 -18.37 -20.94 -25.77
N ASP B 29 -19.27 -21.78 -25.25
CA ASP B 29 -19.92 -22.78 -26.09
C ASP B 29 -21.00 -22.32 -27.04
N SER B 30 -20.78 -22.54 -28.34
CA SER B 30 -21.42 -21.83 -29.43
C SER B 30 -22.92 -22.06 -29.44
N ASP B 31 -23.56 -21.47 -30.43
CA ASP B 31 -24.98 -21.70 -30.66
C ASP B 31 -25.14 -22.89 -31.56
N THR B 32 -26.24 -23.62 -31.37
CA THR B 32 -26.54 -24.78 -32.20
C THR B 32 -27.88 -24.77 -32.88
N GLU B 33 -28.74 -23.83 -32.54
CA GLU B 33 -30.00 -23.63 -33.22
C GLU B 33 -29.79 -22.63 -34.34
N ALA B 34 -30.00 -23.06 -35.57
CA ALA B 34 -29.71 -22.25 -36.75
C ALA B 34 -30.90 -22.13 -37.71
N VAL B 35 -30.89 -21.07 -38.52
CA VAL B 35 -31.98 -20.77 -39.44
C VAL B 35 -31.61 -21.04 -40.90
N VAL B 36 -32.51 -21.72 -41.61
CA VAL B 36 -32.27 -22.14 -42.99
C VAL B 36 -32.08 -20.98 -43.98
N GLY B 37 -31.19 -21.19 -44.95
CA GLY B 37 -30.87 -20.21 -45.98
C GLY B 37 -30.08 -19.05 -45.43
N HIS B 38 -28.91 -19.31 -44.86
CA HIS B 38 -28.36 -18.44 -43.84
C HIS B 38 -26.88 -18.69 -43.65
N GLY B 39 -26.16 -17.66 -43.23
CA GLY B 39 -24.75 -17.77 -42.92
C GLY B 39 -24.50 -17.85 -41.43
N PHE B 40 -24.16 -19.05 -40.95
CA PHE B 40 -24.13 -19.35 -39.53
C PHE B 40 -22.70 -19.46 -39.04
N LYS B 41 -22.49 -19.27 -37.74
CA LYS B 41 -21.16 -19.29 -37.13
C LYS B 41 -21.06 -20.36 -36.05
N LEU B 42 -20.15 -21.29 -36.27
CA LEU B 42 -19.89 -22.27 -35.27
C LEU B 42 -18.51 -21.80 -34.96
N GLY B 43 -18.35 -21.31 -33.73
CA GLY B 43 -17.10 -20.77 -33.28
C GLY B 43 -16.66 -21.72 -32.20
N CYS B 44 -15.40 -22.11 -32.23
CA CYS B 44 -14.80 -23.03 -31.30
C CYS B 44 -13.65 -22.25 -30.71
N ILE B 45 -13.57 -22.14 -29.40
CA ILE B 45 -12.45 -21.49 -28.76
C ILE B 45 -11.84 -22.46 -27.78
N SER B 46 -10.55 -22.73 -27.95
CA SER B 46 -9.82 -23.50 -26.97
C SER B 46 -8.78 -22.55 -26.42
N CYS B 47 -8.83 -22.31 -25.12
CA CYS B 47 -7.84 -21.44 -24.53
C CYS B 47 -6.74 -22.16 -23.84
N LYS B 48 -5.55 -21.82 -24.27
CA LYS B 48 -4.40 -22.46 -23.66
C LYS B 48 -4.32 -22.16 -22.17
N MET B 49 -4.13 -23.21 -21.38
CA MET B 49 -4.14 -23.11 -19.94
C MET B 49 -3.33 -21.93 -19.43
N ARG B 50 -2.54 -21.31 -20.30
CA ARG B 50 -1.69 -20.21 -19.84
C ARG B 50 -1.47 -19.14 -20.90
N GLY B 51 -2.56 -18.48 -21.30
CA GLY B 51 -2.55 -17.48 -22.36
C GLY B 51 -1.33 -16.59 -22.27
N GLU B 52 -0.19 -17.11 -22.72
CA GLU B 52 1.07 -16.41 -22.53
C GLU B 52 2.21 -16.93 -23.39
N VAL B 53 2.38 -18.26 -23.41
CA VAL B 53 3.57 -18.92 -23.91
C VAL B 53 3.34 -19.26 -25.37
N GLN B 54 4.34 -18.93 -26.18
CA GLN B 54 4.21 -18.97 -27.64
C GLN B 54 3.94 -20.25 -28.41
N ALA B 55 2.80 -20.29 -29.09
CA ALA B 55 2.31 -21.54 -29.64
C ALA B 55 2.27 -21.53 -31.17
N SER B 56 1.85 -22.67 -31.71
CA SER B 56 1.84 -22.90 -33.15
C SER B 56 0.80 -23.99 -33.40
N ALA B 57 -0.22 -23.66 -34.20
CA ALA B 57 -1.50 -24.36 -34.15
C ALA B 57 -1.97 -24.80 -35.52
N THR B 58 -3.06 -25.57 -35.51
CA THR B 58 -3.71 -26.10 -36.70
C THR B 58 -5.11 -26.53 -36.29
N VAL B 59 -6.11 -26.21 -37.11
CA VAL B 59 -7.49 -26.53 -36.82
C VAL B 59 -7.97 -27.55 -37.83
N ASP B 60 -8.65 -28.60 -37.37
CA ASP B 60 -9.28 -29.58 -38.24
C ASP B 60 -10.72 -29.80 -37.81
N TRP B 61 -11.67 -29.56 -38.72
CA TRP B 61 -13.08 -29.80 -38.45
C TRP B 61 -13.52 -31.16 -38.95
N TRP B 62 -14.43 -31.77 -38.21
CA TRP B 62 -14.91 -33.10 -38.50
C TRP B 62 -16.42 -33.11 -38.31
N PHE B 63 -17.10 -34.03 -38.98
CA PHE B 63 -18.54 -33.95 -39.13
C PHE B 63 -19.17 -35.33 -39.10
N MET B 64 -19.99 -35.57 -38.08
CA MET B 64 -20.86 -36.74 -38.04
C MET B 64 -22.20 -36.33 -38.62
N ALA B 65 -22.52 -36.86 -39.79
CA ALA B 65 -23.83 -36.63 -40.36
C ALA B 65 -24.85 -37.49 -39.65
N LYS B 66 -26.11 -37.15 -39.84
CA LYS B 66 -27.19 -38.04 -39.46
C LYS B 66 -27.52 -39.03 -40.56
N GLY B 67 -26.71 -39.10 -41.59
CA GLY B 67 -26.67 -40.26 -42.45
C GLY B 67 -26.12 -41.44 -41.67
N GLU B 68 -24.84 -41.40 -41.28
CA GLU B 68 -24.26 -42.44 -40.44
C GLU B 68 -23.06 -41.83 -39.72
N SER B 69 -22.50 -42.59 -38.79
CA SER B 69 -21.42 -42.15 -37.90
C SER B 69 -20.05 -42.36 -38.55
N GLU B 70 -19.75 -41.54 -39.54
CA GLU B 70 -18.45 -41.53 -40.20
C GLU B 70 -18.02 -40.09 -40.43
N PHE B 71 -16.96 -39.68 -39.75
CA PHE B 71 -16.44 -38.32 -39.83
C PHE B 71 -15.83 -38.06 -41.20
N SER B 72 -15.49 -36.80 -41.44
CA SER B 72 -14.71 -36.46 -42.62
C SER B 72 -13.99 -35.15 -42.40
N HIS B 73 -12.91 -34.94 -43.14
CA HIS B 73 -12.33 -33.63 -43.22
C HIS B 73 -13.37 -32.77 -43.93
N ILE B 74 -13.59 -31.57 -43.41
CA ILE B 74 -14.36 -30.54 -44.08
C ILE B 74 -13.58 -29.23 -44.05
N TYR B 75 -12.61 -29.13 -43.13
CA TYR B 75 -11.86 -27.87 -43.03
C TYR B 75 -10.56 -28.11 -42.25
N SER B 76 -9.42 -27.73 -42.85
CA SER B 76 -8.10 -27.60 -42.24
C SER B 76 -7.20 -26.41 -42.52
N TYR B 77 -6.59 -25.85 -41.45
CA TYR B 77 -6.07 -24.48 -41.39
C TYR B 77 -4.64 -24.46 -40.87
N ILE B 78 -3.72 -23.86 -41.64
CA ILE B 78 -2.45 -23.34 -41.10
C ILE B 78 -1.94 -22.13 -41.88
N ASP B 79 -2.04 -20.95 -41.25
CA ASP B 79 -1.68 -19.63 -41.82
C ASP B 79 -1.77 -19.47 -43.34
N MET B 80 -2.89 -19.96 -43.84
CA MET B 80 -3.43 -19.80 -45.18
C MET B 80 -4.78 -20.47 -45.07
N THR B 81 -5.62 -20.35 -46.09
CA THR B 81 -6.86 -21.09 -46.06
C THR B 81 -6.80 -22.57 -46.35
N GLY B 82 -7.21 -23.36 -45.36
CA GLY B 82 -7.21 -24.78 -45.60
C GLY B 82 -8.54 -25.20 -46.15
N MET B 83 -8.61 -25.32 -47.46
CA MET B 83 -9.81 -25.79 -48.11
C MET B 83 -9.98 -27.25 -48.50
N VAL B 84 -11.05 -27.88 -48.03
CA VAL B 84 -11.23 -29.31 -48.12
C VAL B 84 -12.32 -29.59 -49.13
N ASN B 85 -12.02 -30.44 -50.10
CA ASN B 85 -13.04 -30.96 -50.99
C ASN B 85 -13.94 -31.93 -50.25
N ASP B 86 -15.15 -31.46 -49.94
CA ASP B 86 -16.27 -32.29 -49.54
C ASP B 86 -17.49 -31.56 -50.11
N GLU B 87 -17.96 -32.02 -51.27
CA GLU B 87 -18.79 -31.25 -52.18
C GLU B 87 -20.08 -30.73 -51.56
N ARG B 88 -20.54 -31.40 -50.52
CA ARG B 88 -21.69 -30.92 -49.76
C ARG B 88 -21.33 -29.59 -49.11
N PHE B 89 -20.10 -29.49 -48.61
CA PHE B 89 -19.64 -28.28 -47.96
C PHE B 89 -18.67 -27.48 -48.78
N LEU B 90 -18.37 -27.91 -49.99
CA LEU B 90 -17.34 -27.22 -50.76
C LEU B 90 -17.91 -25.96 -51.38
N ASP B 91 -17.03 -25.01 -51.65
CA ASP B 91 -17.22 -23.73 -52.31
C ASP B 91 -18.03 -22.80 -51.41
N ARG B 92 -18.14 -23.13 -50.12
CA ARG B 92 -19.01 -22.39 -49.22
C ARG B 92 -18.43 -21.78 -47.92
N LEU B 93 -17.34 -22.33 -47.40
CA LEU B 93 -16.93 -21.98 -46.04
C LEU B 93 -16.02 -20.75 -46.01
N ASN B 94 -15.76 -20.29 -44.81
CA ASN B 94 -15.00 -19.06 -44.59
C ASN B 94 -14.50 -18.93 -43.17
N TRP B 95 -13.26 -18.49 -43.03
CA TRP B 95 -12.52 -18.55 -41.78
C TRP B 95 -12.86 -17.21 -41.15
N MET B 96 -13.46 -17.24 -39.98
CA MET B 96 -13.54 -16.08 -39.11
C MET B 96 -12.99 -16.52 -37.76
N GLY B 97 -11.90 -17.26 -37.80
CA GLY B 97 -11.14 -17.58 -36.61
C GLY B 97 -10.14 -16.51 -36.31
N SER B 98 -9.14 -16.82 -35.50
CA SER B 98 -8.13 -15.83 -35.18
C SER B 98 -7.19 -15.68 -36.35
N LYS B 99 -7.11 -14.47 -36.90
CA LYS B 99 -6.33 -14.20 -38.11
C LYS B 99 -4.96 -13.67 -37.78
N ASN B 100 -3.98 -13.96 -38.63
CA ASN B 100 -2.64 -13.44 -38.40
C ASN B 100 -1.67 -14.38 -37.70
N THR B 101 -1.56 -14.22 -36.39
CA THR B 101 -0.48 -14.81 -35.59
C THR B 101 -0.40 -16.33 -35.55
N PHE B 102 -1.36 -17.01 -36.14
CA PHE B 102 -1.46 -18.46 -36.02
C PHE B 102 -1.11 -18.99 -34.63
N ASP B 103 -1.49 -18.23 -33.61
CA ASP B 103 -1.50 -18.69 -32.24
C ASP B 103 -2.84 -19.35 -32.06
N LEU B 104 -3.86 -18.77 -32.67
CA LEU B 104 -5.20 -19.37 -32.69
C LEU B 104 -5.99 -19.14 -31.42
N GLN B 105 -6.38 -20.23 -30.76
CA GLN B 105 -7.27 -20.17 -29.61
C GLN B 105 -8.74 -20.18 -30.04
N ASP B 106 -9.10 -19.23 -30.91
CA ASP B 106 -10.46 -19.13 -31.39
C ASP B 106 -10.56 -19.52 -32.87
N GLY B 107 -10.95 -20.75 -33.16
CA GLY B 107 -11.31 -21.07 -34.53
C GLY B 107 -12.82 -21.20 -34.68
N SER B 108 -13.43 -20.30 -35.44
CA SER B 108 -14.85 -20.37 -35.79
C SER B 108 -14.91 -20.22 -37.31
N ILE B 109 -15.66 -21.06 -38.01
CA ILE B 109 -15.77 -20.97 -39.46
C ILE B 109 -17.22 -20.58 -39.73
N TYR B 110 -17.53 -19.89 -40.81
CA TYR B 110 -18.92 -19.73 -41.21
C TYR B 110 -19.50 -20.57 -42.31
N ILE B 111 -20.72 -21.04 -42.05
CA ILE B 111 -21.37 -21.96 -42.98
C ILE B 111 -22.32 -21.08 -43.79
N LEU B 112 -21.90 -20.64 -44.95
CA LEU B 112 -22.79 -19.81 -45.75
C LEU B 112 -23.83 -20.69 -46.42
N ASN B 113 -25.07 -20.17 -46.50
CA ASN B 113 -26.20 -20.78 -47.21
C ASN B 113 -26.53 -22.16 -46.65
N VAL B 114 -26.96 -22.15 -45.38
CA VAL B 114 -27.30 -23.38 -44.68
C VAL B 114 -28.60 -23.96 -45.23
N THR B 115 -28.57 -25.26 -45.50
CA THR B 115 -29.78 -26.01 -45.80
C THR B 115 -29.99 -27.10 -44.75
N LEU B 116 -31.10 -27.83 -44.90
CA LEU B 116 -31.46 -28.86 -43.93
C LEU B 116 -30.56 -30.08 -44.00
N ASN B 117 -29.76 -30.23 -45.06
CA ASN B 117 -28.83 -31.35 -45.11
C ASN B 117 -27.62 -31.16 -44.22
N ASP B 118 -27.50 -30.04 -43.54
CA ASP B 118 -26.34 -29.73 -42.73
C ASP B 118 -26.49 -30.18 -41.29
N THR B 119 -27.65 -30.68 -40.91
CA THR B 119 -27.93 -31.00 -39.52
C THR B 119 -27.13 -32.21 -39.07
N GLY B 120 -26.28 -32.03 -38.07
CA GLY B 120 -25.46 -33.12 -37.60
C GLY B 120 -24.61 -32.76 -36.40
N THR B 121 -23.39 -33.26 -36.36
CA THR B 121 -22.55 -33.03 -35.20
C THR B 121 -21.13 -32.77 -35.65
N TYR B 122 -20.60 -31.62 -35.21
CA TYR B 122 -19.26 -31.17 -35.54
C TYR B 122 -18.29 -31.48 -34.41
N ARG B 123 -17.04 -31.71 -34.78
CA ARG B 123 -15.98 -31.95 -33.81
C ARG B 123 -14.72 -31.26 -34.28
N CYS B 124 -14.29 -30.22 -33.55
CA CYS B 124 -13.07 -29.50 -33.89
C CYS B 124 -11.87 -30.16 -33.23
N TYR B 125 -10.70 -29.97 -33.82
CA TYR B 125 -9.49 -30.57 -33.29
C TYR B 125 -8.67 -29.29 -33.47
N PHE B 126 -8.22 -28.71 -32.37
CA PHE B 126 -7.03 -27.88 -32.31
C PHE B 126 -5.93 -28.83 -31.90
N ASP B 127 -4.89 -28.89 -32.73
CA ASP B 127 -3.63 -29.51 -32.35
C ASP B 127 -2.53 -28.43 -32.36
N ARG B 128 -1.92 -28.19 -31.22
CA ARG B 128 -0.92 -27.15 -31.11
C ARG B 128 0.42 -27.69 -30.67
N THR B 129 1.47 -27.08 -31.19
CA THR B 129 2.83 -27.47 -30.82
C THR B 129 2.98 -26.18 -30.04
N LEU B 130 3.06 -26.22 -28.73
CA LEU B 130 3.27 -24.94 -28.04
C LEU B 130 4.72 -25.37 -28.16
N THR B 131 5.56 -24.45 -28.63
CA THR B 131 7.00 -24.39 -28.47
C THR B 131 7.39 -23.45 -27.35
N PHE B 132 7.44 -23.97 -26.12
CA PHE B 132 7.76 -23.12 -24.96
C PHE B 132 8.89 -22.11 -25.17
N ASN B 133 10.15 -22.57 -25.26
CA ASN B 133 11.37 -21.75 -25.38
C ASN B 133 12.43 -22.46 -24.58
N TYR B 134 12.39 -23.78 -24.66
CA TYR B 134 13.22 -24.66 -23.89
C TYR B 134 12.99 -26.03 -24.49
N TYR B 135 11.74 -26.30 -24.88
CA TYR B 135 11.35 -27.63 -25.35
C TYR B 135 10.04 -27.65 -26.13
N GLU B 136 10.11 -27.66 -27.46
CA GLU B 136 8.90 -27.82 -28.26
C GLU B 136 8.06 -29.12 -27.61
N PHE B 137 6.72 -29.05 -27.34
CA PHE B 137 5.72 -29.94 -26.75
C PHE B 137 4.42 -29.74 -27.51
N ARG B 138 3.62 -30.79 -27.58
CA ARG B 138 2.37 -30.66 -28.30
C ARG B 138 1.24 -31.21 -27.45
N THR B 139 0.04 -30.73 -27.74
CA THR B 139 -1.18 -31.23 -27.12
C THR B 139 -2.32 -30.93 -28.06
N ASN B 140 -3.49 -31.49 -27.72
CA ASN B 140 -4.70 -31.42 -28.52
C ASN B 140 -6.00 -31.40 -27.70
N ILE B 141 -7.05 -30.79 -28.25
CA ILE B 141 -8.30 -30.53 -27.55
C ILE B 141 -9.45 -30.87 -28.49
N ASN B 142 -10.58 -31.31 -27.94
CA ASN B 142 -11.77 -31.61 -28.73
C ASN B 142 -12.97 -30.90 -28.15
N LYS B 143 -13.64 -30.10 -28.96
CA LYS B 143 -14.97 -29.63 -28.64
C LYS B 143 -15.95 -30.21 -29.64
N THR B 144 -17.17 -30.46 -29.17
CA THR B 144 -18.22 -30.97 -30.02
C THR B 144 -19.50 -30.15 -30.05
N ILE B 145 -20.01 -29.91 -31.25
CA ILE B 145 -21.13 -29.03 -31.49
C ILE B 145 -22.16 -29.81 -32.31
N THR B 146 -23.39 -29.87 -31.82
CA THR B 146 -24.43 -30.56 -32.56
C THR B 146 -25.31 -29.53 -33.25
N LEU B 147 -25.09 -29.31 -34.54
CA LEU B 147 -25.86 -28.36 -35.31
C LEU B 147 -27.27 -28.87 -35.54
N ASN B 148 -28.25 -27.99 -35.38
CA ASN B 148 -29.66 -28.38 -35.38
C ASN B 148 -30.26 -27.26 -36.24
N VAL B 149 -30.69 -27.62 -37.45
CA VAL B 149 -31.25 -26.65 -38.38
C VAL B 149 -32.76 -26.59 -38.19
N VAL B 150 -33.26 -25.42 -37.83
CA VAL B 150 -34.68 -25.19 -37.63
C VAL B 150 -35.12 -24.05 -38.54
N PRO B 151 -36.19 -24.21 -39.30
CA PRO B 151 -36.65 -23.11 -40.15
C PRO B 151 -37.21 -21.95 -39.32
N LYS B 152 -37.11 -20.73 -39.88
CA LYS B 152 -37.84 -19.55 -39.42
C LYS B 152 -37.58 -19.15 -37.96
N ALA B 153 -36.38 -18.61 -37.69
CA ALA B 153 -35.79 -18.48 -36.35
C ALA B 153 -36.69 -17.78 -35.33
N THR B 154 -36.75 -18.37 -34.13
CA THR B 154 -37.37 -17.80 -32.94
C THR B 154 -36.36 -16.95 -32.18
N ARG B 155 -36.74 -16.60 -30.96
CA ARG B 155 -35.91 -15.76 -30.09
C ARG B 155 -35.02 -16.51 -29.12
N GLY B 156 -35.40 -17.71 -28.72
CA GLY B 156 -34.50 -18.53 -27.91
C GLY B 156 -34.98 -18.92 -26.53
N THR B 157 -36.28 -18.73 -26.26
CA THR B 157 -37.03 -19.22 -25.09
C THR B 157 -36.57 -18.70 -23.73
N ALA B 158 -35.49 -17.93 -23.67
CA ALA B 158 -35.14 -17.18 -22.48
C ALA B 158 -35.07 -15.70 -22.76
N SER B 159 -35.12 -15.32 -24.04
CA SER B 159 -35.43 -13.95 -24.41
C SER B 159 -36.94 -13.72 -24.43
N ILE B 160 -37.69 -14.76 -24.77
CA ILE B 160 -39.14 -14.66 -24.67
C ILE B 160 -39.57 -14.74 -23.22
N LEU B 161 -38.94 -15.63 -22.44
CA LEU B 161 -39.34 -15.85 -21.06
C LEU B 161 -39.10 -14.63 -20.18
N SER B 162 -37.94 -14.00 -20.34
CA SER B 162 -37.68 -12.81 -19.55
C SER B 162 -38.41 -11.59 -20.08
N GLU B 163 -38.92 -11.69 -21.30
CA GLU B 163 -39.82 -10.69 -21.86
C GLU B 163 -41.13 -10.63 -21.09
N VAL B 164 -41.64 -11.80 -20.72
CA VAL B 164 -42.94 -11.92 -20.07
C VAL B 164 -42.83 -11.66 -18.57
N MET B 165 -41.77 -12.17 -17.95
CA MET B 165 -41.57 -11.98 -16.51
C MET B 165 -41.30 -10.53 -16.16
N MET B 166 -40.86 -9.73 -17.13
CA MET B 166 -40.71 -8.31 -16.89
C MET B 166 -42.06 -7.66 -16.69
N TYR B 167 -43.01 -7.95 -17.58
CA TYR B 167 -44.32 -7.32 -17.47
C TYR B 167 -45.17 -7.94 -16.39
N VAL B 168 -44.77 -9.08 -15.82
CA VAL B 168 -45.48 -9.55 -14.64
C VAL B 168 -45.17 -8.65 -13.45
N SER B 169 -43.89 -8.41 -13.22
CA SER B 169 -43.46 -7.51 -12.17
C SER B 169 -43.89 -6.06 -12.38
N ILE B 170 -43.81 -5.56 -13.60
CA ILE B 170 -44.21 -4.17 -13.83
C ILE B 170 -45.71 -3.91 -13.59
N ILE B 171 -46.56 -4.81 -14.05
CA ILE B 171 -47.99 -4.67 -13.77
C ILE B 171 -48.26 -4.90 -12.30
N GLY B 172 -47.59 -5.91 -11.73
CA GLY B 172 -47.75 -6.24 -10.33
C GLY B 172 -47.47 -5.06 -9.42
N LEU B 173 -46.38 -4.34 -9.72
CA LEU B 173 -46.04 -3.12 -8.99
C LEU B 173 -47.01 -1.97 -9.23
N GLN B 174 -47.38 -1.76 -10.48
CA GLN B 174 -48.28 -0.67 -10.85
C GLN B 174 -49.60 -0.78 -10.09
N LEU B 175 -49.77 -1.89 -9.38
CA LEU B 175 -50.99 -2.12 -8.60
C LEU B 175 -50.81 -1.67 -7.15
N TRP B 176 -49.72 -2.09 -6.54
CA TRP B 176 -49.42 -1.73 -5.16
C TRP B 176 -49.39 -0.22 -5.08
N LEU B 177 -48.91 0.41 -6.15
CA LEU B 177 -48.90 1.87 -6.25
C LEU B 177 -50.31 2.52 -6.26
N LEU B 178 -51.26 1.93 -6.98
CA LEU B 178 -52.63 2.44 -6.97
C LEU B 178 -53.49 1.75 -5.94
N VAL B 179 -53.07 0.57 -5.48
CA VAL B 179 -53.66 0.04 -4.26
C VAL B 179 -53.39 1.01 -3.12
N GLU B 180 -52.12 1.16 -2.76
CA GLU B 180 -51.77 1.92 -1.57
C GLU B 180 -52.14 3.40 -1.64
N MET B 181 -52.12 3.99 -2.83
CA MET B 181 -52.54 5.38 -2.99
C MET B 181 -54.04 5.56 -2.79
N VAL B 182 -54.84 4.68 -3.36
CA VAL B 182 -56.29 4.69 -3.15
C VAL B 182 -56.61 4.37 -1.69
N TYR B 183 -55.88 3.40 -1.16
CA TYR B 183 -55.97 2.96 0.23
C TYR B 183 -55.49 4.03 1.18
N CYS B 184 -54.44 4.76 0.81
CA CYS B 184 -54.07 5.91 1.61
C CYS B 184 -55.02 7.07 1.36
N TYR B 185 -55.62 7.14 0.18
CA TYR B 185 -56.39 8.34 -0.14
C TYR B 185 -57.72 8.36 0.58
N ARG B 186 -58.37 7.22 0.65
CA ARG B 186 -59.63 7.12 1.37
C ARG B 186 -59.41 7.42 2.84
N LYS B 187 -58.26 6.98 3.35
CA LYS B 187 -58.02 6.85 4.77
C LYS B 187 -57.87 8.23 5.41
N ILE B 188 -57.36 9.19 4.65
CA ILE B 188 -56.90 10.42 5.29
C ILE B 188 -57.88 11.57 5.04
N ALA B 189 -58.60 11.56 3.92
CA ALA B 189 -59.71 12.48 3.77
C ALA B 189 -60.86 12.11 4.71
N ALA B 190 -60.93 10.82 5.08
CA ALA B 190 -61.77 10.42 6.20
C ALA B 190 -61.30 11.06 7.50
N ALA B 191 -59.99 11.15 7.71
CA ALA B 191 -59.47 11.97 8.79
C ALA B 191 -59.42 13.43 8.40
N GLY B 192 -59.70 13.75 7.13
CA GLY B 192 -59.76 15.13 6.71
C GLY B 192 -60.97 15.88 7.22
N GLU B 193 -62.09 15.18 7.46
CA GLU B 193 -63.27 15.86 7.96
C GLU B 193 -63.16 16.18 9.46
N GLU B 194 -62.13 15.66 10.13
CA GLU B 194 -61.96 15.98 11.55
C GLU B 194 -61.19 17.27 11.75
N ALA B 195 -60.39 17.67 10.77
CA ALA B 195 -59.64 18.91 10.86
C ALA B 195 -60.57 20.13 10.78
#